data_5LG6
#
_entry.id   5LG6
#
_cell.length_a   66.465
_cell.length_b   215.690
_cell.length_c   78.630
_cell.angle_alpha   90.000
_cell.angle_beta   91.900
_cell.angle_gamma   90.000
#
_symmetry.space_group_name_H-M   'P 1 21 1'
#
loop_
_entity.id
_entity.type
_entity.pdbx_description
1 polymer 'Aminopeptidase N'
2 non-polymer 2-acetamido-2-deoxy-beta-D-glucopyranose
3 non-polymer 'ZINC ION'
4 water water
#
_entity_poly.entity_id   1
_entity_poly.type   'polypeptide(L)'
_entity_poly.pdbx_seq_one_letter_code
;YPYDVPDYAGAQPARSPEKNKNAEHVPQAPTSPTITTTAAITLDQSKPWNRYRLPTTLLPDSYNVTLRPYLTPNADGLYI
FKGKSIVRFICQEPTDVIIIHSKKLNYTTQGH(MSE)VVLRGVGDSQVPEIDRTELVELTEYLVVHLKGSLQPGH(MSE)
YE(MSE)ESEFQGELADDLAGFYRSEY(MSE)EGNVKKVLATTQ(MSE)QSTDARKSFPCFDEPA(MSE)KATFNITLIH
PNNLTALSN(MSE)PPKGSSTPLAEDPNWSVTEFETTPV(MSE)STYLLAYIVSEFQSVNETAQNGVLIRIWARPNAIAE
GHG(MSE)YALNVTGPILNFFANHYNTSYPLPKSDQIALPDFNAGA(MSE)ENWGLVTYRENALLFDPQSSSISNKERVV
TVIAHELAHQWFGNLVTLAWWNDLWLNEGFASYVEYLGADHAEPTWNLKDLIVPGDVYRV(MSE)AVDALASSHPLTTPA
EEVNTPAQISE(MSE)FDSISYSKGASVIR(MSE)LSNFLTEDLFKEGLASYLHAFAYQNTTYLDLWEHLQKAVDAQTSI
RLPDTVRAI(MSE)DRWTLQ(MSE)GFPVITVDTKTGNISQKHFLLDSESNVTRSSAFDYLWIVPISSIKNGV(MSE)QD
HYWLRDVSQAQNDLFKTASDDWVLLNVNVTGYFQVNYDEDNWR(MSE)IQHQLQTNLSVIPVINRAQVIYDSFNLATAH
(MSE)VPVTLALDNTLFLNGEKEY(MSE)PWQAALSSLSYFSL(MSE)FDRSEVYGP(MSE)KKYLRKQVEPLFQHFETL
TKNWTERPENL(MSE)DQYSEINAISTACSNGLPQCENLAKTLFDQW(MSE)SDPENNPIHPNLRSTIYCNAIAQGGQDQ
WDFAWGQLQQAQLVNEADKLRSALACSNEVWLLNRYLGYTLNPDLIRKQDATSTINSIASNVIGQPLAWDFVQSNWKKLF
QDYGGGSFSFSNLIQGVTRRFSSEFELQQLEQFKKNN(MSE)DVGFGSGTRALEQALEKTKANIKWVKENKEVVLNWFIE
HSVLNWFIEHSLVPRGSDYKDDDDK
;
_entity_poly.pdbx_strand_id   A,B
#
# COMPACT_ATOMS: atom_id res chain seq x y z
N ILE A 41 -46.70 -7.62 31.86
CA ILE A 41 -46.26 -8.88 32.44
C ILE A 41 -44.90 -8.77 33.13
N THR A 42 -44.92 -8.59 34.45
CA THR A 42 -43.69 -8.36 35.22
C THR A 42 -42.91 -9.64 35.56
N LEU A 43 -41.59 -9.50 35.69
CA LEU A 43 -40.77 -10.56 36.27
C LEU A 43 -40.22 -10.10 37.60
N ASP A 44 -39.98 -11.05 38.51
CA ASP A 44 -39.31 -10.71 39.75
C ASP A 44 -37.80 -10.86 39.56
N GLN A 45 -37.10 -9.75 39.75
CA GLN A 45 -35.67 -9.70 39.48
C GLN A 45 -34.84 -10.48 40.50
N SER A 46 -35.46 -11.02 41.53
CA SER A 46 -34.70 -11.84 42.48
C SER A 46 -33.94 -12.94 41.72
N LYS A 47 -34.49 -13.38 40.59
CA LYS A 47 -33.85 -14.33 39.70
C LYS A 47 -33.11 -13.58 38.60
N PRO A 48 -31.80 -13.85 38.46
CA PRO A 48 -31.01 -13.21 37.40
C PRO A 48 -31.49 -13.59 35.99
N TRP A 49 -32.15 -14.73 35.85
CA TRP A 49 -32.68 -15.10 34.55
C TRP A 49 -33.96 -14.35 34.20
N ASN A 50 -34.50 -13.59 35.15
CA ASN A 50 -35.63 -12.71 34.86
C ASN A 50 -35.18 -11.28 34.55
N ARG A 51 -33.87 -11.07 34.55
CA ARG A 51 -33.28 -9.76 34.24
C ARG A 51 -32.82 -9.66 32.77
N TYR A 52 -33.01 -8.50 32.16
CA TYR A 52 -32.66 -8.33 30.74
C TYR A 52 -31.16 -8.23 30.46
N ARG A 53 -30.38 -7.71 31.40
CA ARG A 53 -28.94 -7.65 31.25
C ARG A 53 -28.31 -8.94 31.79
N LEU A 54 -27.40 -9.54 31.02
CA LEU A 54 -26.64 -10.70 31.48
C LEU A 54 -25.88 -10.42 32.77
N PRO A 55 -25.68 -11.47 33.60
CA PRO A 55 -24.79 -11.38 34.77
C PRO A 55 -23.35 -11.13 34.33
N THR A 56 -22.55 -10.52 35.19
CA THR A 56 -21.15 -10.27 34.88
C THR A 56 -20.22 -11.38 35.36
N THR A 57 -20.80 -12.47 35.86
CA THR A 57 -20.05 -13.57 36.44
C THR A 57 -19.26 -14.41 35.42
N LEU A 58 -19.79 -14.56 34.21
CA LEU A 58 -19.14 -15.39 33.19
C LEU A 58 -18.77 -14.57 31.98
N LEU A 59 -17.54 -14.75 31.49
CA LEU A 59 -17.15 -14.04 30.29
C LEU A 59 -16.72 -15.01 29.21
N PRO A 60 -17.21 -14.80 27.98
CA PRO A 60 -16.85 -15.68 26.89
C PRO A 60 -15.44 -15.38 26.42
N ASP A 61 -14.75 -16.43 26.00
CA ASP A 61 -13.39 -16.36 25.49
C ASP A 61 -13.44 -16.58 23.98
N SER A 62 -14.00 -17.71 23.60
CA SER A 62 -14.03 -18.11 22.20
C SER A 62 -15.20 -19.03 21.90
N TYR A 63 -15.63 -19.07 20.63
CA TYR A 63 -16.71 -19.96 20.19
C TYR A 63 -16.31 -20.80 18.98
N ASN A 64 -16.78 -22.06 18.96
CA ASN A 64 -16.86 -22.82 17.73
C ASN A 64 -18.32 -22.94 17.31
N VAL A 65 -18.63 -22.55 16.09
CA VAL A 65 -19.99 -22.68 15.63
C VAL A 65 -20.05 -23.36 14.30
N THR A 66 -20.85 -24.42 14.21
CA THR A 66 -21.08 -25.13 12.96
C THR A 66 -22.57 -25.03 12.54
N LEU A 67 -22.83 -24.45 11.36
CA LEU A 67 -24.19 -24.28 10.88
C LEU A 67 -24.42 -24.96 9.55
N ARG A 68 -25.61 -25.52 9.40
CA ARG A 68 -26.00 -26.26 8.20
C ARG A 68 -27.40 -25.84 7.74
N PRO A 69 -27.47 -24.89 6.80
CA PRO A 69 -28.77 -24.50 6.24
C PRO A 69 -29.29 -25.55 5.27
N TYR A 70 -30.58 -25.85 5.32
CA TYR A 70 -31.24 -26.73 4.37
C TYR A 70 -32.06 -25.88 3.43
N LEU A 71 -31.59 -25.74 2.19
CA LEU A 71 -32.17 -24.79 1.24
C LEU A 71 -33.39 -25.32 0.47
N THR A 72 -33.84 -26.53 0.81
CA THR A 72 -35.11 -27.00 0.31
C THR A 72 -36.01 -27.23 1.50
N PRO A 73 -37.31 -26.95 1.34
CA PRO A 73 -38.24 -27.16 2.45
C PRO A 73 -38.49 -28.64 2.70
N ASN A 74 -38.87 -28.93 3.93
CA ASN A 74 -39.28 -30.25 4.38
C ASN A 74 -40.73 -30.46 4.03
N ALA A 75 -41.34 -31.44 4.66
CA ALA A 75 -42.66 -31.90 4.29
C ALA A 75 -43.86 -31.14 4.84
N ASP A 76 -43.72 -29.85 5.16
CA ASP A 76 -44.86 -28.98 4.85
C ASP A 76 -44.46 -27.78 4.02
N GLY A 77 -44.08 -26.70 4.70
CA GLY A 77 -43.45 -25.56 4.07
C GLY A 77 -42.08 -25.14 4.59
N LEU A 78 -41.50 -25.93 5.50
CA LEU A 78 -40.49 -25.41 6.43
C LEU A 78 -39.04 -25.47 5.97
N TYR A 79 -38.36 -24.33 5.92
CA TYR A 79 -36.91 -24.36 5.73
C TYR A 79 -36.23 -24.28 7.09
N ILE A 80 -35.24 -25.11 7.31
CA ILE A 80 -34.58 -25.11 8.61
C ILE A 80 -33.06 -25.05 8.52
N PHE A 81 -32.43 -24.81 9.65
CA PHE A 81 -30.99 -24.99 9.74
C PHE A 81 -30.67 -25.79 10.99
N LYS A 82 -29.54 -26.48 10.96
CA LYS A 82 -29.08 -27.20 12.13
C LYS A 82 -27.75 -26.62 12.59
N GLY A 83 -27.49 -26.70 13.88
CA GLY A 83 -26.28 -26.11 14.38
C GLY A 83 -25.71 -26.87 15.54
N LYS A 84 -24.43 -26.65 15.75
CA LYS A 84 -23.74 -27.22 16.89
C LYS A 84 -22.78 -26.12 17.31
N SER A 85 -22.63 -25.91 18.61
CA SER A 85 -21.88 -24.77 19.08
C SER A 85 -21.19 -25.14 20.37
N ILE A 86 -19.98 -24.60 20.55
CA ILE A 86 -19.26 -24.73 21.82
C ILE A 86 -18.70 -23.36 22.21
N VAL A 87 -19.05 -22.91 23.41
CA VAL A 87 -18.49 -21.69 23.95
C VAL A 87 -17.47 -22.00 25.03
N ARG A 88 -16.35 -21.30 25.00
CA ARG A 88 -15.42 -21.40 26.12
C ARG A 88 -15.44 -20.08 26.88
N PHE A 89 -15.73 -20.18 28.17
CA PHE A 89 -15.87 -19.00 29.00
C PHE A 89 -15.09 -19.17 30.29
N ILE A 90 -14.78 -18.03 30.90
CA ILE A 90 -14.08 -18.03 32.16
C ILE A 90 -15.05 -17.58 33.25
N CYS A 91 -14.97 -18.21 34.41
CA CYS A 91 -15.79 -17.80 35.53
C CYS A 91 -15.08 -16.69 36.28
N GLN A 92 -15.71 -15.52 36.36
CA GLN A 92 -15.18 -14.39 37.10
C GLN A 92 -15.49 -14.49 38.60
N GLU A 93 -16.70 -14.95 38.90
CA GLU A 93 -17.17 -15.06 40.27
C GLU A 93 -18.10 -16.25 40.40
N PRO A 94 -18.15 -16.86 41.59
CA PRO A 94 -18.85 -18.12 41.80
C PRO A 94 -20.31 -18.01 41.39
N THR A 95 -20.79 -18.98 40.63
CA THR A 95 -22.21 -19.06 40.32
C THR A 95 -22.60 -20.51 40.04
N ASP A 96 -23.81 -20.86 40.45
CA ASP A 96 -24.38 -22.19 40.21
C ASP A 96 -25.35 -22.20 39.01
N VAL A 97 -25.44 -21.09 38.30
CA VAL A 97 -26.30 -21.04 37.12
C VAL A 97 -25.55 -20.50 35.90
N ILE A 98 -25.84 -21.07 34.74
CA ILE A 98 -25.31 -20.53 33.50
C ILE A 98 -26.43 -19.96 32.67
N ILE A 99 -26.27 -18.69 32.30
CA ILE A 99 -27.29 -17.97 31.55
C ILE A 99 -26.69 -17.45 30.25
N ILE A 100 -27.16 -17.95 29.11
CA ILE A 100 -26.79 -17.37 27.81
C ILE A 100 -28.03 -17.04 27.01
N HIS A 101 -27.88 -16.23 25.97
CA HIS A 101 -28.99 -15.91 25.09
C HIS A 101 -29.29 -17.05 24.11
N SER A 102 -30.57 -17.30 23.93
CA SER A 102 -31.03 -18.18 22.86
C SER A 102 -32.45 -17.78 22.47
N LYS A 103 -32.74 -17.74 21.18
CA LYS A 103 -34.06 -17.32 20.74
C LYS A 103 -34.57 -18.13 19.56
N LYS A 104 -35.76 -18.69 19.71
CA LYS A 104 -36.39 -19.46 18.64
C LYS A 104 -35.53 -20.63 18.18
N LEU A 105 -34.77 -21.19 19.12
CA LEU A 105 -33.94 -22.35 18.85
C LEU A 105 -34.47 -23.58 19.59
N ASN A 106 -34.50 -24.70 18.89
CA ASN A 106 -34.91 -25.97 19.47
C ASN A 106 -33.69 -26.83 19.78
N TYR A 107 -33.64 -27.39 20.98
CA TYR A 107 -32.50 -28.22 21.34
C TYR A 107 -32.75 -29.71 21.20
N THR A 108 -31.76 -30.41 20.64
CA THR A 108 -31.86 -31.83 20.35
C THR A 108 -31.04 -32.68 21.33
N VAL A 114 -27.67 -29.88 26.83
CA VAL A 114 -26.38 -29.20 26.79
C VAL A 114 -25.32 -30.01 27.53
N VAL A 115 -24.06 -29.81 27.18
CA VAL A 115 -22.98 -30.51 27.85
C VAL A 115 -21.93 -29.53 28.38
N LEU A 116 -21.58 -29.67 29.66
CA LEU A 116 -20.63 -28.78 30.31
C LEU A 116 -19.34 -29.53 30.62
N ARG A 117 -18.22 -28.98 30.17
CA ARG A 117 -16.91 -29.57 30.44
C ARG A 117 -15.95 -28.58 31.06
N GLY A 118 -15.10 -29.05 31.96
CA GLY A 118 -14.03 -28.22 32.46
C GLY A 118 -12.92 -28.19 31.42
N VAL A 119 -12.16 -27.10 31.42
CA VAL A 119 -11.02 -27.00 30.52
C VAL A 119 -9.87 -27.84 31.13
N GLY A 120 -9.41 -28.83 30.38
CA GLY A 120 -8.51 -29.84 30.92
C GLY A 120 -9.19 -30.48 32.09
N ASP A 121 -8.51 -30.44 33.24
CA ASP A 121 -9.22 -30.68 34.47
C ASP A 121 -9.34 -29.50 35.43
N SER A 122 -10.55 -28.97 35.41
CA SER A 122 -11.18 -28.39 36.56
C SER A 122 -12.30 -29.41 36.65
N GLN A 123 -12.51 -29.95 37.83
CA GLN A 123 -13.75 -30.67 38.06
C GLN A 123 -14.92 -29.70 37.75
N VAL A 124 -16.01 -30.24 37.23
CA VAL A 124 -17.16 -29.43 36.87
C VAL A 124 -18.41 -29.89 37.59
N PRO A 125 -19.25 -28.94 38.00
CA PRO A 125 -20.52 -29.32 38.61
C PRO A 125 -21.34 -30.10 37.60
N GLU A 126 -22.17 -31.02 38.07
CA GLU A 126 -23.14 -31.65 37.19
C GLU A 126 -24.27 -30.67 36.85
N ILE A 127 -24.98 -30.95 35.76
CA ILE A 127 -26.15 -30.17 35.42
C ILE A 127 -27.38 -30.73 36.11
N ASP A 128 -28.11 -29.88 36.82
CA ASP A 128 -29.36 -30.30 37.43
C ASP A 128 -30.50 -30.29 36.41
N ARG A 129 -30.94 -29.11 36.03
CA ARG A 129 -31.98 -28.99 35.01
C ARG A 129 -31.65 -27.85 34.06
N THR A 130 -32.34 -27.81 32.94
CA THR A 130 -32.10 -26.82 31.92
C THR A 130 -33.43 -26.32 31.37
N GLU A 131 -33.63 -25.00 31.35
CA GLU A 131 -34.90 -24.44 30.88
C GLU A 131 -34.70 -23.26 29.93
N LEU A 132 -35.73 -22.98 29.13
CA LEU A 132 -35.75 -21.79 28.28
C LEU A 132 -36.67 -20.75 28.88
N VAL A 133 -36.17 -19.52 29.04
CA VAL A 133 -37.01 -18.40 29.46
C VAL A 133 -37.21 -17.46 28.28
N GLU A 134 -38.43 -17.46 27.76
CA GLU A 134 -38.72 -16.84 26.47
C GLU A 134 -38.64 -15.31 26.46
N LEU A 135 -39.31 -14.67 27.40
CA LEU A 135 -39.46 -13.23 27.39
C LEU A 135 -38.08 -12.57 27.37
N THR A 136 -37.20 -13.16 28.14
CA THR A 136 -35.91 -12.58 28.43
C THR A 136 -34.84 -13.23 27.52
N GLU A 137 -35.29 -14.20 26.73
CA GLU A 137 -34.48 -14.81 25.69
C GLU A 137 -33.24 -15.56 26.19
N TYR A 138 -33.42 -16.30 27.28
CA TYR A 138 -32.31 -17.03 27.86
C TYR A 138 -32.44 -18.53 27.70
N LEU A 139 -31.30 -19.19 27.58
CA LEU A 139 -31.19 -20.60 27.87
C LEU A 139 -30.55 -20.63 29.25
N VAL A 140 -31.13 -21.39 30.18
CA VAL A 140 -30.68 -21.38 31.55
C VAL A 140 -30.26 -22.76 32.01
N VAL A 141 -29.02 -22.88 32.45
CA VAL A 141 -28.52 -24.17 32.92
C VAL A 141 -28.25 -24.09 34.41
N HIS A 142 -29.06 -24.79 35.19
CA HIS A 142 -28.87 -24.84 36.62
C HIS A 142 -27.92 -25.99 36.97
N LEU A 143 -26.91 -25.67 37.78
CA LEU A 143 -25.91 -26.63 38.19
C LEU A 143 -26.08 -27.12 39.63
N LYS A 144 -25.65 -28.35 39.88
CA LYS A 144 -25.64 -28.92 41.22
C LYS A 144 -24.49 -28.39 42.10
N GLY A 145 -23.59 -27.61 41.51
CA GLY A 145 -22.48 -27.02 42.25
C GLY A 145 -22.07 -25.69 41.62
N SER A 146 -21.17 -24.96 42.27
CA SER A 146 -20.76 -23.66 41.73
C SER A 146 -19.52 -23.77 40.87
N LEU A 147 -19.49 -22.99 39.80
CA LEU A 147 -18.26 -22.79 39.04
C LEU A 147 -17.32 -21.96 39.91
N GLN A 148 -16.03 -22.04 39.63
CA GLN A 148 -15.04 -21.37 40.48
C GLN A 148 -14.29 -20.32 39.68
N PRO A 149 -14.01 -19.18 40.32
CA PRO A 149 -13.35 -18.03 39.67
C PRO A 149 -12.02 -18.45 39.09
N GLY A 150 -11.68 -17.92 37.91
CA GLY A 150 -10.43 -18.24 37.25
C GLY A 150 -10.43 -19.53 36.47
N HIS A 151 -11.45 -20.37 36.67
CA HIS A 151 -11.58 -21.59 35.90
C HIS A 151 -12.24 -21.36 34.54
N TYR A 153 -14.35 -23.05 31.22
CA TYR A 153 -15.29 -24.13 30.94
C TYR A 153 -15.72 -24.06 29.48
N GLU A 154 -16.15 -25.21 28.97
CA GLU A 154 -16.72 -25.30 27.63
C GLU A 154 -18.09 -25.91 27.69
N GLU A 156 -21.34 -27.21 25.30
CA GLU A 156 -21.67 -27.68 23.96
C GLU A 156 -23.19 -27.91 23.80
N SER A 157 -23.70 -27.58 22.62
CA SER A 157 -25.12 -27.70 22.37
C SER A 157 -25.42 -27.96 20.90
N GLU A 158 -26.52 -28.66 20.64
CA GLU A 158 -27.00 -28.87 19.28
C GLU A 158 -28.43 -28.36 19.22
N PHE A 159 -28.81 -27.82 18.08
CA PHE A 159 -30.05 -27.11 17.96
C PHE A 159 -30.47 -27.02 16.51
N GLN A 160 -31.63 -26.41 16.30
CA GLN A 160 -32.26 -26.35 15.01
C GLN A 160 -33.13 -25.10 15.02
N GLY A 161 -33.29 -24.46 13.85
CA GLY A 161 -34.14 -23.30 13.76
C GLY A 161 -34.73 -23.10 12.38
N GLU A 162 -35.70 -22.21 12.28
CA GLU A 162 -36.27 -21.91 10.99
C GLU A 162 -35.36 -20.96 10.22
N LEU A 163 -35.18 -21.21 8.93
CA LEU A 163 -34.63 -20.16 8.09
C LEU A 163 -35.86 -19.44 7.57
N ALA A 164 -36.23 -18.38 8.27
CA ALA A 164 -37.45 -17.65 8.00
C ALA A 164 -37.28 -16.64 6.88
N ASP A 165 -38.41 -16.18 6.35
CA ASP A 165 -38.46 -15.03 5.45
C ASP A 165 -38.42 -13.76 6.35
N ASP A 166 -38.04 -14.01 7.59
CA ASP A 166 -37.75 -13.08 8.69
C ASP A 166 -36.92 -11.81 8.48
N LEU A 167 -35.82 -11.92 7.72
CA LEU A 167 -34.76 -10.90 7.65
C LEU A 167 -34.00 -10.67 8.97
N ALA A 168 -34.03 -11.66 9.87
CA ALA A 168 -33.34 -11.53 11.15
C ALA A 168 -32.72 -12.86 11.53
N GLY A 169 -31.56 -12.78 12.18
CA GLY A 169 -30.83 -13.99 12.51
C GLY A 169 -30.30 -14.66 11.26
N PHE A 170 -30.34 -15.99 11.25
CA PHE A 170 -30.05 -16.77 10.07
C PHE A 170 -31.39 -16.90 9.35
N TYR A 171 -31.46 -16.42 8.10
CA TYR A 171 -32.74 -16.39 7.36
C TYR A 171 -32.55 -16.64 5.88
N ARG A 172 -33.65 -16.88 5.16
CA ARG A 172 -33.57 -17.11 3.72
C ARG A 172 -33.97 -15.91 2.87
N SER A 173 -33.30 -15.76 1.74
CA SER A 173 -33.65 -14.77 0.75
C SER A 173 -33.88 -15.54 -0.52
N GLU A 174 -34.73 -15.03 -1.39
CA GLU A 174 -35.10 -15.77 -2.58
C GLU A 174 -35.06 -14.86 -3.80
N TYR A 175 -34.75 -15.43 -4.95
CA TYR A 175 -34.81 -14.63 -6.17
C TYR A 175 -35.03 -15.51 -7.40
N GLU A 177 -33.88 -16.65 -11.30
CA GLU A 177 -32.92 -16.65 -12.39
C GLU A 177 -33.52 -17.40 -13.57
N GLY A 178 -33.81 -16.67 -14.64
CA GLY A 178 -34.63 -17.22 -15.70
C GLY A 178 -35.98 -17.60 -15.14
N ASN A 179 -36.38 -18.85 -15.36
CA ASN A 179 -37.62 -19.37 -14.78
C ASN A 179 -37.41 -20.17 -13.48
N VAL A 180 -36.17 -20.24 -13.00
CA VAL A 180 -35.85 -21.04 -11.81
C VAL A 180 -35.86 -20.20 -10.53
N LYS A 181 -36.44 -20.75 -9.47
CA LYS A 181 -36.47 -20.10 -8.17
C LYS A 181 -35.22 -20.44 -7.37
N LYS A 182 -34.52 -19.42 -6.88
CA LYS A 182 -33.30 -19.61 -6.13
C LYS A 182 -33.45 -19.22 -4.66
N VAL A 183 -32.90 -20.02 -3.76
CA VAL A 183 -32.90 -19.68 -2.35
C VAL A 183 -31.47 -19.55 -1.86
N LEU A 184 -31.22 -18.60 -0.97
CA LEU A 184 -29.93 -18.49 -0.34
C LEU A 184 -30.08 -18.31 1.16
N ALA A 185 -29.01 -18.55 1.91
CA ALA A 185 -29.08 -18.37 3.36
C ALA A 185 -28.13 -17.25 3.79
N THR A 186 -28.57 -16.37 4.68
CA THR A 186 -27.82 -15.18 5.09
C THR A 186 -28.13 -14.76 6.51
N THR A 187 -27.28 -13.88 7.05
CA THR A 187 -27.43 -13.40 8.43
C THR A 187 -27.71 -11.91 8.54
N GLN A 188 -28.52 -11.56 9.53
CA GLN A 188 -28.55 -10.21 10.09
C GLN A 188 -28.60 -10.32 11.60
N GLN A 190 -27.74 -7.68 14.02
CA GLN A 190 -27.81 -6.51 14.85
C GLN A 190 -29.27 -6.19 15.03
N SER A 191 -29.66 -5.75 16.22
CA SER A 191 -28.78 -5.66 17.39
C SER A 191 -28.69 -6.90 18.25
N THR A 192 -29.82 -7.53 18.56
CA THR A 192 -29.68 -8.82 19.23
C THR A 192 -30.32 -10.01 18.51
N ASP A 193 -29.79 -10.39 17.35
CA ASP A 193 -30.29 -11.58 16.67
C ASP A 193 -29.29 -12.72 16.57
N ALA A 194 -28.07 -12.48 17.04
CA ALA A 194 -27.09 -13.55 17.10
C ALA A 194 -27.65 -14.77 17.84
N ARG A 195 -28.32 -14.51 18.96
CA ARG A 195 -28.97 -15.54 19.80
C ARG A 195 -30.04 -16.32 19.03
N LYS A 196 -30.40 -15.84 17.85
CA LYS A 196 -31.44 -16.47 17.07
C LYS A 196 -30.80 -17.47 16.10
N SER A 197 -29.47 -17.47 16.11
CA SER A 197 -28.63 -18.27 15.25
C SER A 197 -27.91 -19.36 16.03
N PHE A 198 -27.47 -19.01 17.23
CA PHE A 198 -26.84 -19.99 18.11
C PHE A 198 -26.76 -19.37 19.48
N PRO A 199 -26.67 -20.21 20.52
CA PRO A 199 -26.58 -19.72 21.90
C PRO A 199 -25.28 -18.93 22.10
N CYS A 200 -25.39 -17.73 22.63
CA CYS A 200 -24.20 -16.92 22.84
C CYS A 200 -24.48 -15.88 23.90
N PHE A 201 -23.43 -15.24 24.44
CA PHE A 201 -23.69 -14.16 25.35
C PHE A 201 -23.78 -12.95 24.44
N ASP A 202 -25.00 -12.52 24.16
CA ASP A 202 -25.19 -11.64 23.03
C ASP A 202 -25.36 -10.24 23.61
N GLU A 203 -24.22 -9.60 23.85
CA GLU A 203 -24.14 -8.23 24.29
C GLU A 203 -22.88 -7.68 23.66
N PRO A 204 -22.92 -6.43 23.18
CA PRO A 204 -21.80 -5.92 22.38
C PRO A 204 -20.44 -5.88 23.09
N ALA A 205 -20.40 -5.74 24.41
CA ALA A 205 -19.10 -5.57 25.08
C ALA A 205 -18.45 -6.91 25.38
N LYS A 207 -16.71 -9.61 24.07
CA LYS A 207 -16.10 -9.85 22.78
C LYS A 207 -15.39 -11.17 22.81
N ALA A 208 -15.42 -11.87 21.70
CA ALA A 208 -14.78 -13.15 21.67
C ALA A 208 -14.26 -13.44 20.28
N THR A 209 -13.57 -14.56 20.21
CA THR A 209 -12.99 -15.02 18.99
C THR A 209 -13.96 -16.08 18.43
N PHE A 210 -14.18 -16.11 17.13
CA PHE A 210 -15.13 -17.10 16.59
C PHE A 210 -14.51 -18.01 15.54
N ASN A 211 -14.73 -19.30 15.70
CA ASN A 211 -14.38 -20.28 14.69
C ASN A 211 -15.63 -20.82 14.04
N ILE A 212 -15.86 -20.42 12.79
CA ILE A 212 -17.09 -20.75 12.09
C ILE A 212 -16.88 -21.87 11.09
N THR A 213 -17.81 -22.83 11.05
CA THR A 213 -17.85 -23.84 10.00
C THR A 213 -19.24 -23.84 9.36
N LEU A 214 -19.28 -23.88 8.03
CA LEU A 214 -20.53 -23.98 7.29
C LEU A 214 -20.58 -25.30 6.53
N ILE A 215 -21.69 -26.03 6.72
CA ILE A 215 -21.92 -27.26 5.97
C ILE A 215 -22.93 -26.95 4.89
N HIS A 216 -22.54 -27.13 3.64
CA HIS A 216 -23.31 -26.59 2.54
C HIS A 216 -23.20 -27.53 1.32
N PRO A 217 -24.15 -27.41 0.38
CA PRO A 217 -24.04 -28.19 -0.86
C PRO A 217 -22.75 -27.92 -1.63
N ASN A 218 -22.24 -28.95 -2.31
CA ASN A 218 -20.97 -28.89 -3.04
C ASN A 218 -20.83 -27.67 -3.90
N ASN A 219 -21.89 -27.37 -4.63
CA ASN A 219 -21.80 -26.36 -5.68
C ASN A 219 -22.16 -24.94 -5.22
N LEU A 220 -22.43 -24.77 -3.93
CA LEU A 220 -22.70 -23.44 -3.40
C LEU A 220 -21.47 -22.85 -2.70
N THR A 221 -21.31 -21.55 -2.80
CA THR A 221 -20.22 -20.89 -2.09
C THR A 221 -20.63 -20.50 -0.69
N ALA A 222 -19.73 -20.73 0.26
CA ALA A 222 -19.93 -20.35 1.64
C ALA A 222 -19.01 -19.17 1.98
N LEU A 223 -19.57 -18.10 2.53
CA LEU A 223 -18.81 -16.93 2.94
C LEU A 223 -18.95 -16.66 4.42
N SER A 224 -17.89 -16.12 5.04
CA SER A 224 -17.99 -15.65 6.40
C SER A 224 -17.09 -14.44 6.62
N ASN A 225 -16.98 -14.01 7.87
CA ASN A 225 -16.15 -12.87 8.22
C ASN A 225 -14.71 -13.02 7.72
N PRO A 227 -11.52 -15.30 5.67
CA PRO A 227 -11.33 -16.29 4.61
C PRO A 227 -11.30 -17.73 5.16
N PRO A 228 -11.53 -18.72 4.27
CA PRO A 228 -11.49 -20.14 4.59
C PRO A 228 -10.13 -20.55 5.15
N LYS A 229 -10.14 -21.41 6.15
CA LYS A 229 -8.94 -22.03 6.65
C LYS A 229 -8.75 -23.30 5.84
N GLY A 230 -7.71 -23.34 5.03
CA GLY A 230 -7.44 -24.50 4.18
C GLY A 230 -8.56 -24.76 3.19
N SER A 231 -8.80 -26.03 2.91
CA SER A 231 -9.76 -26.41 1.88
C SER A 231 -11.08 -26.92 2.47
N SER A 232 -12.17 -26.74 1.73
CA SER A 232 -13.40 -27.44 2.05
C SER A 232 -13.19 -28.94 1.92
N THR A 233 -13.89 -29.72 2.74
CA THR A 233 -13.85 -31.18 2.67
C THR A 233 -15.25 -31.79 2.59
N PRO A 234 -15.38 -32.92 1.91
CA PRO A 234 -16.70 -33.54 1.80
C PRO A 234 -17.24 -33.88 3.19
N LEU A 235 -18.54 -33.70 3.42
CA LEU A 235 -19.14 -34.14 4.66
C LEU A 235 -19.04 -35.67 4.72
N ALA A 236 -18.59 -36.21 5.84
CA ALA A 236 -18.40 -37.65 5.97
C ALA A 236 -19.67 -38.45 5.58
N GLU A 237 -20.80 -38.06 6.13
CA GLU A 237 -22.04 -38.80 5.93
C GLU A 237 -22.61 -38.62 4.53
N ASP A 238 -22.46 -37.42 3.98
CA ASP A 238 -23.04 -37.12 2.67
C ASP A 238 -22.14 -36.24 1.80
N PRO A 239 -21.31 -36.84 0.95
CA PRO A 239 -20.31 -36.18 0.12
C PRO A 239 -20.88 -35.13 -0.83
N ASN A 240 -22.20 -35.13 -1.04
CA ASN A 240 -22.87 -34.01 -1.74
C ASN A 240 -22.83 -32.71 -0.94
N TRP A 241 -22.52 -32.81 0.35
CA TRP A 241 -22.32 -31.63 1.17
C TRP A 241 -20.83 -31.43 1.42
N SER A 242 -20.43 -30.17 1.58
CA SER A 242 -19.06 -29.82 1.91
C SER A 242 -18.93 -29.13 3.28
N VAL A 243 -17.80 -29.33 3.94
CA VAL A 243 -17.57 -28.67 5.20
C VAL A 243 -16.53 -27.59 4.94
N THR A 244 -16.90 -26.33 5.19
CA THR A 244 -15.95 -25.21 5.05
C THR A 244 -15.68 -24.58 6.38
N GLU A 245 -14.42 -24.59 6.76
CA GLU A 245 -13.97 -24.05 8.03
C GLU A 245 -13.33 -22.70 7.76
N PHE A 246 -13.59 -21.72 8.62
CA PHE A 246 -13.03 -20.39 8.42
C PHE A 246 -11.98 -20.07 9.47
N GLU A 247 -11.04 -19.21 9.13
CA GLU A 247 -10.02 -18.79 10.09
C GLU A 247 -10.64 -18.08 11.29
N THR A 248 -9.97 -18.12 12.43
CA THR A 248 -10.45 -17.46 13.62
C THR A 248 -10.65 -15.97 13.39
N THR A 249 -11.76 -15.43 13.88
CA THR A 249 -11.95 -13.99 13.87
C THR A 249 -10.99 -13.32 14.86
N PRO A 250 -10.72 -12.03 14.66
CA PRO A 250 -10.16 -11.27 15.79
C PRO A 250 -11.22 -11.16 16.89
N VAL A 251 -10.82 -10.76 18.09
CA VAL A 251 -11.76 -10.49 19.16
C VAL A 251 -12.87 -9.54 18.69
N SER A 253 -17.50 -8.56 18.60
CA SER A 253 -18.85 -8.64 19.14
C SER A 253 -19.64 -9.65 18.33
N THR A 254 -20.54 -10.35 19.00
CA THR A 254 -21.49 -11.26 18.33
C THR A 254 -22.31 -10.57 17.23
N TYR A 255 -22.67 -9.30 17.39
CA TYR A 255 -23.57 -8.68 16.42
C TYR A 255 -22.89 -8.43 15.05
N LEU A 256 -21.60 -8.71 14.98
CA LEU A 256 -20.83 -8.57 13.73
C LEU A 256 -20.60 -9.88 12.97
N LEU A 257 -21.03 -10.99 13.54
CA LEU A 257 -20.91 -12.28 12.86
C LEU A 257 -21.73 -12.29 11.58
N ALA A 258 -21.19 -12.93 10.55
CA ALA A 258 -21.96 -13.08 9.31
C ALA A 258 -21.57 -14.36 8.59
N TYR A 259 -22.56 -15.04 8.04
CA TYR A 259 -22.28 -16.21 7.22
C TYR A 259 -23.32 -16.37 6.15
N ILE A 260 -22.88 -16.76 4.95
CA ILE A 260 -23.76 -16.77 3.82
C ILE A 260 -23.54 -17.98 2.93
N VAL A 261 -24.63 -18.63 2.53
CA VAL A 261 -24.52 -19.73 1.57
C VAL A 261 -25.31 -19.41 0.31
N SER A 262 -24.64 -19.41 -0.83
CA SER A 262 -25.31 -19.00 -2.05
C SER A 262 -24.62 -19.45 -3.33
N GLU A 263 -25.24 -19.13 -4.45
CA GLU A 263 -24.72 -19.28 -5.80
C GLU A 263 -24.12 -17.99 -6.35
N PHE A 264 -23.97 -16.96 -5.52
CA PHE A 264 -23.49 -15.66 -5.97
C PHE A 264 -22.07 -15.72 -6.56
N GLN A 265 -21.76 -14.79 -7.45
CA GLN A 265 -20.37 -14.58 -7.86
C GLN A 265 -19.83 -13.21 -7.50
N SER A 266 -18.57 -12.99 -7.82
CA SER A 266 -17.89 -11.75 -7.44
C SER A 266 -17.05 -11.17 -8.56
N VAL A 267 -16.74 -9.89 -8.43
CA VAL A 267 -15.63 -9.28 -9.10
C VAL A 267 -14.69 -8.84 -7.98
N ASN A 268 -13.39 -8.80 -8.25
CA ASN A 268 -12.44 -8.59 -7.19
C ASN A 268 -11.28 -7.66 -7.55
N GLU A 269 -10.74 -7.01 -6.53
CA GLU A 269 -9.60 -6.13 -6.68
C GLU A 269 -8.85 -6.08 -5.36
N THR A 270 -7.54 -5.96 -5.41
CA THR A 270 -6.75 -5.75 -4.20
C THR A 270 -6.62 -4.25 -4.01
N ALA A 271 -6.83 -3.77 -2.79
CA ALA A 271 -6.70 -2.34 -2.50
C ALA A 271 -5.23 -1.98 -2.26
N GLN A 272 -4.96 -0.69 -2.09
CA GLN A 272 -3.59 -0.19 -1.97
C GLN A 272 -2.90 -0.68 -0.73
N ASN A 273 -3.69 -1.01 0.29
CA ASN A 273 -3.16 -1.51 1.55
C ASN A 273 -3.02 -3.03 1.61
N GLY A 274 -3.27 -3.69 0.48
CA GLY A 274 -3.09 -5.13 0.39
C GLY A 274 -4.33 -5.94 0.71
N VAL A 275 -5.40 -5.25 1.13
CA VAL A 275 -6.64 -5.92 1.50
C VAL A 275 -7.37 -6.36 0.24
N LEU A 276 -7.80 -7.62 0.20
CA LEU A 276 -8.61 -8.10 -0.94
C LEU A 276 -10.07 -7.62 -0.85
N ILE A 277 -10.54 -7.00 -1.93
CA ILE A 277 -11.91 -6.53 -2.03
C ILE A 277 -12.69 -7.35 -3.04
N ARG A 278 -13.84 -7.86 -2.62
CA ARG A 278 -14.73 -8.49 -3.57
C ARG A 278 -16.15 -7.95 -3.47
N ILE A 279 -16.83 -7.82 -4.62
CA ILE A 279 -18.24 -7.51 -4.65
C ILE A 279 -19.01 -8.76 -5.08
N TRP A 280 -19.88 -9.25 -4.19
CA TRP A 280 -20.73 -10.42 -4.46
C TRP A 280 -22.17 -10.03 -4.74
N ALA A 281 -22.75 -10.65 -5.76
CA ALA A 281 -24.16 -10.46 -6.06
C ALA A 281 -24.66 -11.62 -6.89
N ARG A 282 -25.96 -11.60 -7.22
CA ARG A 282 -26.56 -12.57 -8.15
C ARG A 282 -25.74 -12.61 -9.43
N PRO A 283 -25.54 -13.82 -9.96
CA PRO A 283 -24.74 -14.01 -11.17
C PRO A 283 -25.13 -13.08 -12.32
N ASN A 284 -26.43 -12.93 -12.60
CA ASN A 284 -26.86 -12.01 -13.65
C ASN A 284 -26.45 -10.56 -13.37
N ALA A 285 -26.44 -10.16 -12.10
CA ALA A 285 -26.09 -8.79 -11.74
C ALA A 285 -24.60 -8.51 -11.95
N ILE A 286 -23.78 -9.43 -11.49
CA ILE A 286 -22.34 -9.38 -11.70
C ILE A 286 -22.03 -9.31 -13.22
N ALA A 287 -22.55 -10.28 -13.97
CA ALA A 287 -22.34 -10.37 -15.41
C ALA A 287 -22.76 -9.10 -16.15
N GLU A 288 -23.80 -8.42 -15.66
CA GLU A 288 -24.28 -7.20 -16.29
C GLU A 288 -23.42 -6.01 -15.85
N GLY A 289 -22.43 -6.26 -15.01
CA GLY A 289 -21.50 -5.24 -14.57
C GLY A 289 -22.00 -4.29 -13.48
N HIS A 290 -23.06 -4.68 -12.76
CA HIS A 290 -23.68 -3.81 -11.76
C HIS A 290 -22.83 -3.62 -10.50
N GLY A 291 -21.81 -4.47 -10.34
CA GLY A 291 -20.97 -4.38 -9.16
C GLY A 291 -19.73 -3.52 -9.38
N TYR A 293 -19.13 -0.21 -10.08
CA TYR A 293 -18.98 1.07 -9.40
C TYR A 293 -18.58 0.86 -7.94
N ALA A 294 -19.20 -0.10 -7.29
CA ALA A 294 -18.80 -0.48 -5.94
C ALA A 294 -17.33 -0.93 -5.90
N LEU A 295 -16.86 -1.59 -6.96
CA LEU A 295 -15.49 -2.07 -6.95
C LEU A 295 -14.54 -0.88 -7.11
N ASN A 296 -15.00 0.15 -7.82
CA ASN A 296 -14.19 1.35 -8.03
C ASN A 296 -13.93 2.12 -6.75
N VAL A 297 -14.96 2.32 -5.95
CA VAL A 297 -14.81 3.15 -4.76
C VAL A 297 -14.42 2.45 -3.46
N THR A 298 -14.57 1.14 -3.38
CA THR A 298 -14.43 0.49 -2.07
C THR A 298 -13.00 0.50 -1.52
N GLY A 299 -12.06 -0.04 -2.29
CA GLY A 299 -10.68 -0.08 -1.85
C GLY A 299 -10.16 1.30 -1.51
N PRO A 300 -10.31 2.25 -2.45
CA PRO A 300 -9.87 3.64 -2.25
C PRO A 300 -10.42 4.25 -0.97
N ILE A 301 -11.67 3.95 -0.64
CA ILE A 301 -12.25 4.50 0.57
C ILE A 301 -11.63 3.81 1.80
N LEU A 302 -11.53 2.49 1.73
CA LEU A 302 -10.95 1.72 2.82
C LEU A 302 -9.56 2.25 3.13
N ASN A 303 -8.81 2.54 2.07
CA ASN A 303 -7.43 2.97 2.22
C ASN A 303 -7.38 4.41 2.75
N PHE A 304 -8.29 5.24 2.27
CA PHE A 304 -8.39 6.60 2.77
C PHE A 304 -8.57 6.60 4.28
N PHE A 305 -9.48 5.76 4.77
CA PHE A 305 -9.78 5.70 6.21
C PHE A 305 -8.59 5.24 7.03
N ALA A 306 -7.88 4.21 6.55
CA ALA A 306 -6.70 3.70 7.25
C ALA A 306 -5.66 4.82 7.44
N ASN A 307 -5.38 5.56 6.38
CA ASN A 307 -4.47 6.70 6.44
C ASN A 307 -4.99 7.86 7.28
N HIS A 308 -6.25 8.24 7.06
CA HIS A 308 -6.80 9.38 7.73
C HIS A 308 -6.76 9.20 9.25
N TYR A 309 -7.03 7.98 9.69
CA TYR A 309 -7.03 7.70 11.13
C TYR A 309 -5.77 7.02 11.63
N ASN A 310 -4.79 6.90 10.76
CA ASN A 310 -3.55 6.25 11.11
C ASN A 310 -3.80 4.93 11.83
N THR A 311 -4.77 4.17 11.34
CA THR A 311 -5.05 2.86 11.91
C THR A 311 -5.32 1.91 10.77
N SER A 312 -4.53 0.85 10.67
CA SER A 312 -4.64 -0.05 9.55
C SER A 312 -5.83 -0.98 9.72
N TYR A 313 -6.44 -1.36 8.61
CA TYR A 313 -7.47 -2.38 8.61
C TYR A 313 -6.80 -3.73 8.80
N PRO A 314 -7.13 -4.41 9.90
CA PRO A 314 -6.51 -5.66 10.38
C PRO A 314 -6.82 -6.96 9.60
N LEU A 315 -7.97 -7.07 8.93
CA LEU A 315 -8.34 -8.30 8.22
C LEU A 315 -7.69 -8.45 6.83
N PRO A 316 -7.57 -9.70 6.35
CA PRO A 316 -7.02 -9.96 5.02
C PRO A 316 -7.95 -9.53 3.88
N LYS A 317 -9.26 -9.55 4.11
CA LYS A 317 -10.18 -9.18 3.05
C LYS A 317 -11.40 -8.48 3.60
N SER A 318 -12.10 -7.80 2.71
CA SER A 318 -13.38 -7.18 3.01
C SER A 318 -14.32 -7.50 1.87
N ASP A 319 -15.34 -8.32 2.13
CA ASP A 319 -16.32 -8.71 1.09
C ASP A 319 -17.54 -7.81 1.17
N GLN A 320 -18.04 -7.37 0.01
CA GLN A 320 -19.29 -6.64 -0.03
C GLN A 320 -20.29 -7.49 -0.80
N ILE A 321 -21.44 -7.76 -0.19
CA ILE A 321 -22.42 -8.62 -0.83
C ILE A 321 -23.79 -7.94 -0.92
N ALA A 322 -24.38 -7.98 -2.10
CA ALA A 322 -25.72 -7.44 -2.34
C ALA A 322 -26.83 -8.51 -2.19
N LEU A 323 -27.68 -8.33 -1.19
CA LEU A 323 -28.77 -9.28 -0.91
C LEU A 323 -30.13 -8.82 -1.43
N PRO A 324 -30.85 -9.72 -2.12
CA PRO A 324 -32.22 -9.52 -2.61
C PRO A 324 -33.23 -9.29 -1.48
N ASP A 325 -32.99 -9.87 -0.31
CA ASP A 325 -33.85 -9.64 0.84
C ASP A 325 -33.01 -9.17 2.05
N PHE A 326 -33.21 -7.92 2.46
CA PHE A 326 -32.44 -7.37 3.54
C PHE A 326 -33.22 -6.25 4.23
N ASN A 327 -33.17 -6.21 5.55
CA ASN A 327 -33.98 -5.28 6.33
C ASN A 327 -33.56 -3.80 6.25
N ALA A 328 -32.32 -3.52 6.61
CA ALA A 328 -31.82 -2.14 6.56
C ALA A 328 -31.17 -1.79 5.21
N GLY A 329 -30.48 -0.66 5.14
CA GLY A 329 -29.76 -0.33 3.93
C GLY A 329 -28.55 -1.23 3.75
N ALA A 330 -27.80 -1.40 4.84
CA ALA A 330 -26.56 -2.15 4.85
C ALA A 330 -26.20 -2.51 6.28
N GLU A 332 -22.67 -3.70 8.84
CA GLU A 332 -21.20 -3.57 8.83
C GLU A 332 -20.31 -4.79 9.21
N ASN A 333 -20.86 -6.00 9.12
CA ASN A 333 -20.18 -7.17 9.62
C ASN A 333 -18.74 -7.21 9.18
N TRP A 334 -17.83 -7.34 10.16
CA TRP A 334 -16.40 -7.21 9.92
C TRP A 334 -15.93 -8.28 8.94
N GLY A 335 -15.36 -7.84 7.82
CA GLY A 335 -14.85 -8.71 6.78
C GLY A 335 -15.88 -9.12 5.74
N LEU A 336 -17.15 -9.09 6.14
CA LEU A 336 -18.20 -9.37 5.18
C LEU A 336 -19.37 -8.39 5.33
N VAL A 337 -19.43 -7.39 4.46
CA VAL A 337 -20.43 -6.34 4.59
C VAL A 337 -21.62 -6.66 3.71
N THR A 338 -22.82 -6.57 4.27
CA THR A 338 -24.03 -6.90 3.56
C THR A 338 -24.83 -5.65 3.25
N TYR A 339 -25.37 -5.61 2.04
CA TYR A 339 -26.15 -4.48 1.56
C TYR A 339 -27.47 -4.91 0.90
N ARG A 340 -28.47 -4.04 0.93
CA ARG A 340 -29.58 -4.17 0.00
C ARG A 340 -28.98 -3.97 -1.37
N GLU A 341 -29.58 -4.59 -2.38
CA GLU A 341 -29.10 -4.41 -3.73
C GLU A 341 -29.10 -2.93 -4.12
N ASN A 342 -30.09 -2.15 -3.66
CA ASN A 342 -30.13 -0.73 -4.04
C ASN A 342 -29.08 0.16 -3.34
N ALA A 343 -28.38 -0.39 -2.35
CA ALA A 343 -27.30 0.32 -1.70
C ALA A 343 -25.91 -0.10 -2.17
N LEU A 344 -25.83 -1.06 -3.08
CA LEU A 344 -24.52 -1.59 -3.52
C LEU A 344 -24.41 -1.58 -5.04
N LEU A 345 -25.38 -2.19 -5.70
CA LEU A 345 -25.42 -2.33 -7.15
C LEU A 345 -25.71 -1.01 -7.85
N PHE A 346 -25.11 -0.83 -9.02
CA PHE A 346 -25.34 0.36 -9.83
C PHE A 346 -25.33 0.04 -11.30
N ASP A 347 -26.34 0.51 -12.02
CA ASP A 347 -26.35 0.40 -13.47
C ASP A 347 -26.26 1.80 -14.07
N PRO A 348 -25.11 2.12 -14.67
CA PRO A 348 -24.87 3.45 -15.23
C PRO A 348 -25.87 3.76 -16.33
N GLN A 349 -26.53 2.71 -16.82
CA GLN A 349 -27.58 2.85 -17.83
C GLN A 349 -28.90 3.35 -17.26
N SER A 350 -29.50 2.53 -16.38
CA SER A 350 -30.81 2.82 -15.81
C SER A 350 -30.82 3.42 -14.41
N SER A 351 -29.66 3.67 -13.81
CA SER A 351 -29.64 4.20 -12.43
C SER A 351 -29.58 5.71 -12.40
N SER A 352 -30.27 6.27 -11.42
CA SER A 352 -30.30 7.70 -11.17
C SER A 352 -29.00 8.23 -10.54
N ILE A 353 -28.78 9.54 -10.63
CA ILE A 353 -27.66 10.19 -9.95
C ILE A 353 -27.80 10.07 -8.44
N SER A 354 -29.03 10.11 -7.95
CA SER A 354 -29.35 9.87 -6.54
C SER A 354 -28.97 8.47 -6.14
N ASN A 355 -29.22 7.52 -7.04
CA ASN A 355 -28.89 6.13 -6.74
C ASN A 355 -27.39 6.01 -6.57
N LYS A 356 -26.67 6.69 -7.43
CA LYS A 356 -25.22 6.66 -7.42
C LYS A 356 -24.65 7.28 -6.13
N GLU A 357 -25.17 8.43 -5.74
CA GLU A 357 -24.73 9.05 -4.50
C GLU A 357 -25.02 8.13 -3.34
N ARG A 358 -26.17 7.47 -3.38
CA ARG A 358 -26.53 6.52 -2.32
C ARG A 358 -25.52 5.36 -2.20
N VAL A 359 -25.00 4.88 -3.32
CA VAL A 359 -24.02 3.80 -3.27
C VAL A 359 -22.70 4.19 -2.58
N VAL A 360 -22.03 5.26 -3.03
CA VAL A 360 -20.77 5.62 -2.38
C VAL A 360 -20.96 5.93 -0.91
N THR A 361 -22.06 6.59 -0.63
CA THR A 361 -22.40 7.05 0.70
C THR A 361 -22.68 5.91 1.69
N VAL A 362 -23.42 4.90 1.23
CA VAL A 362 -23.67 3.74 2.09
C VAL A 362 -22.41 2.91 2.26
N ILE A 363 -21.63 2.75 1.19
CA ILE A 363 -20.37 2.03 1.29
C ILE A 363 -19.42 2.73 2.25
N ALA A 364 -19.24 4.04 2.09
CA ALA A 364 -18.38 4.82 2.99
C ALA A 364 -18.83 4.64 4.42
N HIS A 365 -20.15 4.66 4.60
CA HIS A 365 -20.71 4.56 5.94
C HIS A 365 -20.32 3.20 6.54
N GLU A 366 -20.43 2.15 5.75
CA GLU A 366 -20.18 0.79 6.23
C GLU A 366 -18.70 0.57 6.54
N LEU A 367 -17.84 1.10 5.67
CA LEU A 367 -16.38 1.05 5.90
C LEU A 367 -15.99 1.78 7.17
N ALA A 368 -16.59 2.93 7.42
CA ALA A 368 -16.30 3.70 8.62
C ALA A 368 -16.51 2.85 9.88
N HIS A 369 -17.57 2.04 9.87
CA HIS A 369 -17.83 1.13 10.96
C HIS A 369 -16.71 0.09 11.22
N GLN A 370 -15.87 -0.18 10.21
CA GLN A 370 -14.79 -1.11 10.43
C GLN A 370 -13.89 -0.56 11.55
N TRP A 371 -13.82 0.77 11.63
CA TRP A 371 -13.09 1.44 12.70
C TRP A 371 -14.03 1.75 13.84
N PHE A 372 -15.06 2.54 13.56
CA PHE A 372 -15.96 2.94 14.63
C PHE A 372 -17.12 1.98 14.72
N GLY A 373 -17.06 1.16 15.77
CA GLY A 373 -17.99 0.11 16.06
C GLY A 373 -17.48 -1.31 15.90
N ASN A 374 -16.52 -1.55 15.03
CA ASN A 374 -15.98 -2.91 14.88
C ASN A 374 -14.67 -3.05 15.63
N LEU A 375 -13.68 -2.23 15.24
CA LEU A 375 -12.41 -2.22 15.91
C LEU A 375 -12.67 -1.77 17.33
N VAL A 376 -13.45 -0.71 17.46
CA VAL A 376 -13.77 -0.19 18.78
C VAL A 376 -15.28 -0.19 18.94
N THR A 377 -15.77 -0.79 20.02
CA THR A 377 -17.18 -1.03 20.16
C THR A 377 -17.76 -0.25 21.32
N LEU A 378 -19.02 0.14 21.20
CA LEU A 378 -19.66 0.81 22.33
C LEU A 378 -19.83 -0.22 23.44
N ALA A 379 -19.78 0.27 24.69
CA ALA A 379 -19.90 -0.61 25.87
C ALA A 379 -21.31 -1.14 26.02
N TRP A 380 -22.28 -0.38 25.50
CA TRP A 380 -23.69 -0.76 25.55
C TRP A 380 -24.53 0.21 24.71
N TRP A 381 -25.75 -0.21 24.36
CA TRP A 381 -26.59 0.49 23.38
C TRP A 381 -27.04 1.93 23.70
N ASN A 382 -27.00 2.34 24.98
CA ASN A 382 -27.35 3.72 25.32
C ASN A 382 -26.37 4.73 24.70
N ASP A 383 -25.21 4.21 24.32
CA ASP A 383 -24.13 4.96 23.68
C ASP A 383 -24.08 4.88 22.13
N LEU A 384 -25.15 4.41 21.52
CA LEU A 384 -25.15 4.06 20.10
C LEU A 384 -24.48 5.05 19.18
N TRP A 385 -24.56 6.35 19.49
CA TRP A 385 -23.97 7.37 18.61
C TRP A 385 -22.44 7.28 18.46
N LEU A 386 -21.75 6.67 19.41
CA LEU A 386 -20.30 6.43 19.26
C LEU A 386 -19.99 5.56 18.03
N ASN A 387 -20.92 4.70 17.66
CA ASN A 387 -20.82 3.98 16.41
C ASN A 387 -21.45 4.78 15.28
N GLU A 388 -22.75 5.01 15.41
CA GLU A 388 -23.56 5.50 14.31
C GLU A 388 -23.35 6.97 13.98
N GLY A 389 -23.23 7.81 15.01
CA GLY A 389 -22.93 9.20 14.75
C GLY A 389 -21.63 9.34 13.99
N PHE A 390 -20.61 8.58 14.42
CA PHE A 390 -19.31 8.69 13.78
C PHE A 390 -19.32 8.20 12.34
N ALA A 391 -19.93 7.05 12.10
CA ALA A 391 -20.00 6.53 10.75
C ALA A 391 -20.81 7.48 9.86
N SER A 392 -21.82 8.10 10.43
CA SER A 392 -22.68 9.00 9.67
C SER A 392 -21.96 10.29 9.26
N TYR A 393 -21.05 10.75 10.09
CA TYR A 393 -20.19 11.87 9.73
C TYR A 393 -19.02 11.48 8.82
N VAL A 394 -18.30 10.42 9.16
CA VAL A 394 -17.13 10.08 8.37
C VAL A 394 -17.52 9.53 7.00
N GLU A 395 -18.76 9.07 6.85
CA GLU A 395 -19.19 8.59 5.55
C GLU A 395 -18.98 9.71 4.52
N TYR A 396 -19.15 10.95 4.97
CA TYR A 396 -19.03 12.08 4.05
C TYR A 396 -17.58 12.36 3.67
N LEU A 397 -16.69 12.27 4.66
CA LEU A 397 -15.26 12.30 4.39
C LEU A 397 -14.88 11.25 3.32
N GLY A 398 -15.22 9.99 3.57
CA GLY A 398 -14.88 8.93 2.66
C GLY A 398 -15.46 9.14 1.28
N ALA A 399 -16.72 9.53 1.22
CA ALA A 399 -17.41 9.67 -0.05
C ALA A 399 -16.83 10.84 -0.84
N ASP A 400 -16.51 11.92 -0.16
CA ASP A 400 -15.88 13.06 -0.81
C ASP A 400 -14.55 12.66 -1.45
N HIS A 401 -13.80 11.81 -0.77
CA HIS A 401 -12.56 11.34 -1.35
C HIS A 401 -12.75 10.52 -2.64
N ALA A 402 -13.79 9.70 -2.68
CA ALA A 402 -14.02 8.90 -3.86
C ALA A 402 -14.67 9.71 -4.99
N GLU A 403 -15.38 10.78 -4.62
CA GLU A 403 -16.10 11.61 -5.59
C GLU A 403 -15.85 13.08 -5.31
N PRO A 404 -14.63 13.54 -5.57
CA PRO A 404 -14.15 14.86 -5.14
C PRO A 404 -14.85 16.02 -5.84
N THR A 405 -15.47 15.77 -6.98
CA THR A 405 -16.09 16.85 -7.74
C THR A 405 -17.57 17.04 -7.41
N TRP A 406 -18.11 16.18 -6.55
CA TRP A 406 -19.51 16.31 -6.18
C TRP A 406 -19.78 17.36 -5.11
N ASN A 407 -18.80 17.58 -4.23
CA ASN A 407 -19.03 18.41 -3.04
C ASN A 407 -20.08 17.83 -2.11
N LEU A 408 -20.01 16.51 -1.92
CA LEU A 408 -20.90 15.80 -1.03
C LEU A 408 -21.02 16.40 0.37
N LYS A 409 -19.91 16.84 0.94
CA LYS A 409 -19.90 17.22 2.35
C LYS A 409 -21.07 18.13 2.72
N ASP A 410 -21.44 19.03 1.81
CA ASP A 410 -22.61 19.88 2.01
C ASP A 410 -23.94 19.13 2.24
N LEU A 411 -24.10 17.95 1.65
CA LEU A 411 -25.37 17.23 1.79
C LEU A 411 -25.69 16.88 3.24
N ILE A 412 -24.69 16.89 4.10
CA ILE A 412 -24.94 16.57 5.50
C ILE A 412 -25.97 17.54 6.12
N VAL A 413 -26.02 18.76 5.61
CA VAL A 413 -26.91 19.78 6.16
C VAL A 413 -28.40 19.48 5.98
N PRO A 414 -28.88 19.36 4.73
CA PRO A 414 -30.27 18.92 4.58
C PRO A 414 -30.46 17.47 5.00
N GLY A 415 -29.43 16.66 4.84
CA GLY A 415 -29.55 15.22 4.98
C GLY A 415 -29.52 14.72 6.41
N ASP A 416 -28.87 15.49 7.28
CA ASP A 416 -28.72 15.09 8.68
C ASP A 416 -29.24 16.16 9.61
N VAL A 417 -28.59 17.32 9.58
CA VAL A 417 -28.91 18.44 10.47
C VAL A 417 -30.41 18.76 10.55
N TYR A 418 -30.99 19.24 9.46
CA TYR A 418 -32.39 19.67 9.50
C TYR A 418 -33.41 18.55 9.53
N ARG A 419 -33.01 17.35 9.14
CA ARG A 419 -33.91 16.20 9.26
C ARG A 419 -34.21 15.92 10.73
N VAL A 420 -33.18 15.92 11.56
CA VAL A 420 -33.31 15.53 12.95
C VAL A 420 -33.87 16.63 13.84
N ALA A 422 -36.36 18.64 13.37
CA ALA A 422 -37.81 18.46 13.46
C ALA A 422 -38.20 17.56 14.64
N VAL A 423 -37.50 16.45 14.76
CA VAL A 423 -37.78 15.48 15.82
C VAL A 423 -37.16 15.86 17.18
N ASP A 424 -35.96 16.42 17.14
CA ASP A 424 -35.23 16.77 18.37
C ASP A 424 -35.82 17.98 19.10
N ALA A 425 -36.81 18.63 18.49
CA ALA A 425 -37.49 19.76 19.13
C ALA A 425 -38.74 19.34 19.93
N LEU A 426 -39.02 18.05 19.99
CA LEU A 426 -40.09 17.50 20.82
C LEU A 426 -39.64 17.38 22.27
N ALA A 427 -40.57 17.49 23.20
CA ALA A 427 -40.26 17.28 24.61
C ALA A 427 -40.05 15.79 24.88
N SER A 428 -40.54 14.94 23.98
CA SER A 428 -40.40 13.50 24.13
C SER A 428 -39.12 12.97 23.48
N SER A 429 -38.26 13.89 23.02
CA SER A 429 -37.01 13.48 22.42
C SER A 429 -36.07 12.92 23.50
N HIS A 430 -34.91 12.45 23.10
CA HIS A 430 -33.96 11.92 24.09
C HIS A 430 -32.55 12.38 23.74
N PRO A 431 -31.68 12.51 24.76
CA PRO A 431 -30.31 12.92 24.48
C PRO A 431 -29.53 11.83 23.75
N LEU A 432 -28.43 12.21 23.10
CA LEU A 432 -27.60 11.26 22.38
C LEU A 432 -27.24 10.08 23.26
N THR A 433 -26.78 10.36 24.47
CA THR A 433 -26.46 9.33 25.43
C THR A 433 -27.52 9.26 26.50
N THR A 434 -28.32 8.21 26.44
CA THR A 434 -29.33 7.98 27.45
C THR A 434 -28.67 7.21 28.61
N PRO A 435 -29.30 7.20 29.78
CA PRO A 435 -28.67 6.46 30.89
C PRO A 435 -28.76 4.94 30.67
N ALA A 436 -27.67 4.24 30.97
CA ALA A 436 -27.58 2.81 30.67
C ALA A 436 -28.78 2.01 31.16
N GLU A 437 -29.19 2.26 32.40
CA GLU A 437 -30.21 1.43 33.04
C GLU A 437 -31.60 1.68 32.45
N GLU A 438 -31.69 2.63 31.53
CA GLU A 438 -32.97 2.87 30.86
C GLU A 438 -33.13 2.08 29.55
N VAL A 439 -32.05 1.49 29.06
CA VAL A 439 -32.11 0.67 27.86
C VAL A 439 -31.90 -0.79 28.24
N ASN A 440 -32.97 -1.57 28.16
CA ASN A 440 -32.96 -2.93 28.65
C ASN A 440 -33.50 -3.95 27.66
N THR A 441 -34.76 -3.77 27.27
CA THR A 441 -35.44 -4.72 26.41
C THR A 441 -35.02 -4.56 24.96
N PRO A 442 -35.13 -5.65 24.18
CA PRO A 442 -34.87 -5.67 22.74
C PRO A 442 -35.58 -4.54 22.00
N ALA A 443 -36.82 -4.23 22.41
CA ALA A 443 -37.55 -3.16 21.76
C ALA A 443 -36.95 -1.79 22.08
N GLN A 444 -36.52 -1.61 23.33
CA GLN A 444 -35.88 -0.36 23.72
C GLN A 444 -34.58 -0.19 22.97
N ILE A 445 -33.89 -1.31 22.74
CA ILE A 445 -32.63 -1.27 22.01
C ILE A 445 -32.86 -0.85 20.55
N SER A 446 -33.83 -1.49 19.90
CA SER A 446 -34.20 -1.10 18.54
C SER A 446 -34.60 0.36 18.45
N GLU A 447 -35.14 0.93 19.51
CA GLU A 447 -35.57 2.30 19.48
C GLU A 447 -34.42 3.30 19.46
N PHE A 449 -32.11 3.14 17.52
CA PHE A 449 -31.71 3.13 16.12
C PHE A 449 -32.46 4.18 15.32
N ASP A 450 -32.70 5.31 15.95
CA ASP A 450 -33.46 6.43 15.40
C ASP A 450 -32.58 7.58 14.83
N SER A 451 -33.23 8.67 14.43
CA SER A 451 -32.53 9.76 13.76
C SER A 451 -31.65 10.56 14.71
N ILE A 452 -31.91 10.45 16.01
CA ILE A 452 -31.08 11.11 16.99
C ILE A 452 -29.67 10.50 16.99
N SER A 453 -29.58 9.20 17.22
CA SER A 453 -28.29 8.52 17.20
C SER A 453 -27.53 8.70 15.87
N TYR A 454 -28.25 8.68 14.75
CA TYR A 454 -27.58 8.84 13.46
C TYR A 454 -27.28 10.28 13.10
N SER A 455 -28.34 11.04 12.86
CA SER A 455 -28.19 12.39 12.31
C SER A 455 -27.74 13.44 13.30
N LYS A 456 -28.19 13.36 14.55
CA LYS A 456 -27.74 14.34 15.53
C LYS A 456 -26.29 14.06 15.88
N GLY A 457 -25.97 12.77 16.04
CA GLY A 457 -24.60 12.33 16.23
C GLY A 457 -23.70 12.92 15.16
N ALA A 458 -24.06 12.74 13.90
CA ALA A 458 -23.27 13.31 12.82
C ALA A 458 -23.15 14.83 12.95
N SER A 459 -24.28 15.50 13.20
CA SER A 459 -24.30 16.97 13.31
C SER A 459 -23.32 17.47 14.37
N VAL A 460 -23.46 16.93 15.56
CA VAL A 460 -22.69 17.32 16.71
C VAL A 460 -21.21 17.01 16.50
N ILE A 461 -20.92 15.88 15.86
CA ILE A 461 -19.55 15.56 15.51
C ILE A 461 -19.00 16.55 14.45
N ARG A 462 -19.83 16.99 13.51
CA ARG A 462 -19.36 17.92 12.49
C ARG A 462 -19.00 19.25 13.16
N LEU A 464 -17.98 19.55 16.35
CA LEU A 464 -16.76 19.29 17.09
C LEU A 464 -15.53 19.31 16.18
N SER A 465 -15.62 18.60 15.08
CA SER A 465 -14.57 18.62 14.07
C SER A 465 -14.27 20.05 13.64
N ASN A 466 -15.33 20.81 13.37
CA ASN A 466 -15.15 22.15 12.84
C ASN A 466 -14.45 23.10 13.81
N PHE A 467 -14.74 23.01 15.11
CA PHE A 467 -14.07 23.92 16.02
C PHE A 467 -12.73 23.38 16.54
N LEU A 468 -12.51 22.09 16.34
CA LEU A 468 -11.18 21.55 16.57
C LEU A 468 -10.26 21.63 15.36
N THR A 469 -10.78 21.82 14.15
CA THR A 469 -9.95 21.44 12.98
C THR A 469 -9.71 19.94 12.80
N GLU A 470 -10.38 19.34 11.81
CA GLU A 470 -10.21 17.92 11.54
C GLU A 470 -8.78 17.39 11.72
N ASP A 471 -7.76 18.18 11.34
CA ASP A 471 -6.37 17.80 11.59
C ASP A 471 -6.11 17.48 13.06
N LEU A 472 -6.62 18.32 13.95
CA LEU A 472 -6.49 18.06 15.37
C LEU A 472 -7.43 16.95 15.81
N PHE A 473 -8.66 16.99 15.32
CA PHE A 473 -9.66 15.99 15.61
C PHE A 473 -9.18 14.57 15.26
N LYS A 474 -8.63 14.42 14.07
CA LYS A 474 -8.22 13.10 13.62
C LYS A 474 -7.08 12.54 14.46
N GLU A 475 -6.21 13.41 14.99
CA GLU A 475 -5.17 12.96 15.90
C GLU A 475 -5.76 12.38 17.17
N GLY A 476 -6.67 13.13 17.79
CA GLY A 476 -7.35 12.66 18.99
C GLY A 476 -8.02 11.32 18.73
N LEU A 477 -8.60 11.17 17.54
CA LEU A 477 -9.33 9.95 17.21
C LEU A 477 -8.42 8.73 16.99
N ALA A 478 -7.27 8.95 16.36
CA ALA A 478 -6.29 7.89 16.16
C ALA A 478 -5.80 7.39 17.52
N SER A 479 -5.65 8.32 18.45
CA SER A 479 -5.21 7.97 19.80
C SER A 479 -6.26 7.13 20.52
N TYR A 480 -7.52 7.50 20.34
CA TYR A 480 -8.66 6.77 20.90
C TYR A 480 -8.80 5.35 20.31
N LEU A 481 -8.64 5.22 18.99
CA LEU A 481 -8.69 3.92 18.33
C LEU A 481 -7.58 2.98 18.80
N HIS A 482 -6.34 3.49 18.87
CA HIS A 482 -5.21 2.66 19.24
C HIS A 482 -5.35 2.21 20.70
N ALA A 483 -5.84 3.12 21.53
CA ALA A 483 -6.00 2.83 22.95
C ALA A 483 -7.09 1.80 23.19
N PHE A 484 -8.19 1.92 22.47
CA PHE A 484 -9.33 1.04 22.69
C PHE A 484 -9.55 -0.15 21.72
N ALA A 485 -8.62 -0.35 20.79
CA ALA A 485 -8.74 -1.41 19.79
C ALA A 485 -9.11 -2.75 20.43
N TYR A 486 -10.09 -3.43 19.84
CA TYR A 486 -10.55 -4.74 20.28
C TYR A 486 -11.15 -4.69 21.68
N GLN A 487 -11.65 -3.52 22.06
CA GLN A 487 -12.28 -3.34 23.36
C GLN A 487 -13.52 -2.49 23.21
N ASN A 488 -14.05 -2.04 24.34
CA ASN A 488 -15.26 -1.25 24.31
C ASN A 488 -15.06 0.12 24.99
N THR A 489 -15.91 1.08 24.65
CA THR A 489 -15.73 2.44 25.17
C THR A 489 -17.03 3.08 25.62
N THR A 490 -16.88 4.16 26.37
CA THR A 490 -17.97 5.05 26.72
C THR A 490 -17.54 6.42 26.23
N TYR A 491 -18.50 7.35 26.15
CA TYR A 491 -18.24 8.69 25.68
C TYR A 491 -17.11 9.41 26.44
N LEU A 492 -16.92 9.07 27.71
CA LEU A 492 -15.84 9.69 28.50
C LEU A 492 -14.45 9.35 27.97
N ASP A 493 -14.31 8.16 27.39
CA ASP A 493 -13.02 7.76 26.84
C ASP A 493 -12.74 8.58 25.61
N LEU A 494 -13.81 8.94 24.91
CA LEU A 494 -13.65 9.76 23.74
C LEU A 494 -13.11 11.15 24.11
N TRP A 495 -13.77 11.82 25.06
CA TRP A 495 -13.37 13.19 25.39
C TRP A 495 -11.91 13.23 25.86
N GLU A 496 -11.53 12.27 26.71
CA GLU A 496 -10.19 12.31 27.29
C GLU A 496 -9.11 12.26 26.19
N HIS A 497 -9.36 11.51 25.13
CA HIS A 497 -8.40 11.45 24.05
C HIS A 497 -8.40 12.66 23.14
N LEU A 498 -9.56 13.23 22.89
CA LEU A 498 -9.59 14.51 22.21
C LEU A 498 -8.86 15.58 23.04
N GLN A 499 -9.12 15.59 24.36
CA GLN A 499 -8.48 16.52 25.28
C GLN A 499 -6.95 16.42 25.22
N LYS A 500 -6.46 15.19 25.20
CA LYS A 500 -5.04 14.93 25.12
C LYS A 500 -4.43 15.59 23.90
N ALA A 501 -5.02 15.38 22.74
CA ALA A 501 -4.55 16.03 21.52
C ALA A 501 -4.56 17.56 21.62
N VAL A 502 -5.63 18.12 22.15
CA VAL A 502 -5.73 19.56 22.29
C VAL A 502 -4.61 20.08 23.18
N ASP A 503 -4.39 19.38 24.30
CA ASP A 503 -3.37 19.74 25.29
C ASP A 503 -1.94 19.76 24.74
N ALA A 504 -1.69 18.93 23.74
CA ALA A 504 -0.34 18.77 23.19
C ALA A 504 -0.02 19.88 22.19
N GLN A 505 -0.91 20.84 22.08
CA GLN A 505 -0.90 21.78 20.97
C GLN A 505 -1.21 23.20 21.48
N THR A 506 -1.04 24.20 20.62
CA THR A 506 -1.17 25.62 21.00
C THR A 506 -2.20 26.43 20.20
N SER A 507 -2.08 26.43 18.88
CA SER A 507 -2.91 27.27 18.02
C SER A 507 -4.41 27.28 18.31
N ILE A 508 -5.02 26.12 18.61
CA ILE A 508 -6.44 26.14 18.96
C ILE A 508 -6.69 26.21 20.46
N ARG A 509 -7.60 27.11 20.82
CA ARG A 509 -7.91 27.39 22.20
C ARG A 509 -9.41 27.21 22.38
N LEU A 510 -9.79 26.56 23.47
CA LEU A 510 -11.21 26.37 23.75
C LEU A 510 -11.58 27.14 25.00
N PRO A 511 -12.84 27.61 25.08
CA PRO A 511 -13.31 28.35 26.26
C PRO A 511 -13.36 27.41 27.47
N ASP A 512 -13.39 26.12 27.22
CA ASP A 512 -13.40 25.15 28.31
C ASP A 512 -12.81 23.84 27.83
N THR A 513 -12.83 22.83 28.69
CA THR A 513 -12.40 21.50 28.31
C THR A 513 -13.40 20.91 27.32
N VAL A 514 -12.92 19.98 26.50
CA VAL A 514 -13.73 19.27 25.53
C VAL A 514 -14.95 18.65 26.20
N ARG A 515 -14.73 18.07 27.38
CA ARG A 515 -15.82 17.42 28.10
C ARG A 515 -16.90 18.39 28.54
N ALA A 516 -16.51 19.57 29.03
CA ALA A 516 -17.49 20.53 29.48
C ALA A 516 -18.38 20.99 28.32
N ILE A 517 -17.77 21.20 27.15
CA ILE A 517 -18.54 21.52 25.96
C ILE A 517 -19.42 20.33 25.50
N ASP A 519 -20.26 17.34 26.80
CA ASP A 519 -21.24 16.79 27.73
C ASP A 519 -22.60 17.47 27.58
N ARG A 520 -22.58 18.78 27.32
CA ARG A 520 -23.84 19.52 27.14
C ARG A 520 -24.54 19.16 25.83
N TRP A 521 -23.77 18.81 24.81
CA TRP A 521 -24.41 18.39 23.56
C TRP A 521 -24.84 16.92 23.63
N THR A 522 -24.13 16.16 24.44
CA THR A 522 -24.34 14.72 24.57
C THR A 522 -25.42 14.31 25.56
N LEU A 523 -25.44 14.97 26.72
CA LEU A 523 -26.26 14.50 27.84
C LEU A 523 -27.62 15.20 28.00
N GLN A 524 -27.91 16.26 27.24
CA GLN A 524 -29.24 16.88 27.29
C GLN A 524 -29.89 16.83 25.92
N GLY A 526 -32.30 18.01 22.79
CA GLY A 526 -32.58 19.28 22.16
C GLY A 526 -31.40 20.14 21.76
N PHE A 527 -31.73 21.33 21.32
CA PHE A 527 -30.73 22.31 20.90
C PHE A 527 -31.26 23.70 21.22
N PRO A 528 -30.36 24.67 21.35
CA PRO A 528 -30.82 26.01 21.65
C PRO A 528 -31.30 26.72 20.40
N VAL A 529 -32.23 27.65 20.57
CA VAL A 529 -32.35 28.71 19.59
C VAL A 529 -31.55 29.90 20.12
N ILE A 530 -30.80 30.54 19.23
CA ILE A 530 -29.96 31.65 19.61
C ILE A 530 -30.57 32.86 18.99
N THR A 531 -30.93 33.81 19.84
CA THR A 531 -31.62 35.01 19.43
C THR A 531 -30.68 36.23 19.51
N VAL A 532 -30.64 36.99 18.42
CA VAL A 532 -29.79 38.15 18.32
C VAL A 532 -30.62 39.41 18.15
N ASP A 533 -30.46 40.36 19.07
CA ASP A 533 -30.98 41.71 18.86
C ASP A 533 -29.86 42.54 18.26
N THR A 534 -30.07 42.92 17.03
CA THR A 534 -29.06 43.48 16.18
C THR A 534 -28.79 44.97 16.49
N LYS A 535 -29.73 45.62 17.17
CA LYS A 535 -29.56 47.01 17.55
C LYS A 535 -28.61 47.15 18.72
N THR A 536 -28.76 46.29 19.71
CA THR A 536 -27.89 46.34 20.88
C THR A 536 -26.74 45.33 20.94
N GLY A 537 -26.72 44.37 20.02
CA GLY A 537 -25.77 43.26 20.13
C GLY A 537 -26.03 42.28 21.27
N ASN A 538 -27.27 42.21 21.75
CA ASN A 538 -27.65 41.20 22.74
C ASN A 538 -27.86 39.84 22.07
N ILE A 539 -27.36 38.80 22.70
CA ILE A 539 -27.48 37.48 22.15
C ILE A 539 -27.87 36.57 23.29
N SER A 540 -28.87 35.73 23.06
CA SER A 540 -29.34 34.84 24.11
C SER A 540 -29.65 33.44 23.57
N GLN A 541 -29.79 32.48 24.47
CA GLN A 541 -30.01 31.11 24.08
C GLN A 541 -31.13 30.54 24.93
N LYS A 542 -31.90 29.66 24.32
CA LYS A 542 -33.06 29.05 24.95
C LYS A 542 -33.28 27.65 24.34
N HIS A 543 -33.66 26.69 25.17
CA HIS A 543 -34.02 25.37 24.69
C HIS A 543 -35.15 25.52 23.66
N PHE A 544 -34.95 25.01 22.45
CA PHE A 544 -35.94 25.14 21.40
C PHE A 544 -36.96 24.01 21.49
N LEU A 545 -38.23 24.38 21.67
CA LEU A 545 -39.29 23.39 21.91
C LEU A 545 -40.53 23.68 21.09
N LEU A 546 -41.22 22.62 20.67
CA LEU A 546 -42.59 22.75 20.19
C LEU A 546 -43.57 22.65 21.36
N ALA A 557 -30.18 19.45 34.52
CA ALA A 557 -28.90 19.07 35.12
C ALA A 557 -27.78 19.96 34.57
N PHE A 558 -27.87 20.29 33.29
CA PHE A 558 -27.14 21.43 32.72
C PHE A 558 -28.07 22.64 32.52
N ASP A 559 -29.34 22.47 32.88
CA ASP A 559 -30.37 23.51 32.78
C ASP A 559 -30.70 23.99 31.37
N TYR A 560 -30.42 23.16 30.38
CA TYR A 560 -30.66 23.53 29.00
C TYR A 560 -29.94 24.81 28.64
N LEU A 561 -28.66 24.83 28.98
CA LEU A 561 -27.74 25.82 28.51
C LEU A 561 -26.60 25.10 27.84
N TRP A 562 -26.14 25.62 26.72
CA TRP A 562 -25.04 25.03 25.99
C TRP A 562 -23.88 26.01 25.88
N ILE A 563 -22.70 25.49 25.60
CA ILE A 563 -21.57 26.31 25.21
C ILE A 563 -21.51 26.21 23.69
N VAL A 564 -21.78 27.33 23.04
CA VAL A 564 -22.01 27.35 21.61
C VAL A 564 -20.98 28.14 20.79
N PRO A 565 -20.26 27.45 19.89
CA PRO A 565 -19.35 28.18 18.99
C PRO A 565 -20.16 28.94 17.95
N ILE A 566 -19.86 30.22 17.74
CA ILE A 566 -20.67 31.01 16.83
C ILE A 566 -19.91 31.75 15.74
N SER A 567 -20.09 31.32 14.50
CA SER A 567 -19.60 32.03 13.32
C SER A 567 -20.57 33.13 12.95
N SER A 568 -20.07 34.18 12.32
CA SER A 568 -20.96 35.19 11.79
C SER A 568 -20.40 35.84 10.53
N ILE A 569 -21.28 36.52 9.83
CA ILE A 569 -20.95 37.18 8.58
C ILE A 569 -21.65 38.54 8.62
N LYS A 570 -20.97 39.58 8.16
CA LYS A 570 -21.52 40.93 8.20
C LYS A 570 -21.49 41.52 6.80
N ASN A 571 -22.66 41.75 6.22
CA ASN A 571 -22.71 42.21 4.84
C ASN A 571 -21.84 41.32 3.99
N GLY A 572 -21.75 40.05 4.37
CA GLY A 572 -21.09 39.06 3.53
C GLY A 572 -19.65 38.76 3.89
N VAL A 573 -19.05 39.53 4.79
CA VAL A 573 -17.67 39.22 5.15
C VAL A 573 -17.51 38.64 6.55
N GLN A 575 -16.51 37.50 10.23
CA GLN A 575 -16.08 38.17 11.45
C GLN A 575 -15.29 37.22 12.33
N ASP A 576 -14.77 37.73 13.44
CA ASP A 576 -14.10 36.88 14.41
C ASP A 576 -15.06 35.83 14.91
N HIS A 577 -14.53 34.65 15.20
CA HIS A 577 -15.34 33.60 15.78
C HIS A 577 -15.75 34.09 17.16
N TYR A 578 -16.81 33.51 17.71
CA TYR A 578 -17.24 33.87 19.06
C TYR A 578 -17.74 32.63 19.76
N TRP A 579 -17.54 32.57 21.06
CA TRP A 579 -18.05 31.48 21.87
C TRP A 579 -19.11 32.00 22.85
N LEU A 580 -20.32 31.50 22.75
CA LEU A 580 -21.32 31.80 23.78
C LEU A 580 -21.15 30.76 24.87
N ARG A 581 -20.90 31.22 26.09
CA ARG A 581 -20.69 30.31 27.21
C ARG A 581 -22.02 29.83 27.74
N ASP A 582 -22.03 29.04 28.81
CA ASP A 582 -23.33 28.52 29.21
C ASP A 582 -23.94 29.55 30.15
N VAL A 583 -24.75 30.39 29.52
CA VAL A 583 -25.21 31.63 30.09
C VAL A 583 -26.44 31.94 29.26
N SER A 584 -27.49 32.47 29.84
CA SER A 584 -28.70 32.61 29.02
C SER A 584 -28.58 33.79 28.11
N GLN A 585 -27.73 34.74 28.47
CA GLN A 585 -27.53 35.92 27.63
C GLN A 585 -26.19 36.64 27.80
N ALA A 586 -25.77 37.31 26.74
CA ALA A 586 -24.49 38.00 26.69
C ALA A 586 -24.63 39.14 25.69
N GLN A 587 -23.60 39.96 25.54
CA GLN A 587 -23.61 40.99 24.53
C GLN A 587 -22.23 41.14 23.92
N ASN A 588 -22.19 41.38 22.62
CA ASN A 588 -20.96 41.62 21.95
C ASN A 588 -21.19 42.45 20.72
N ASP A 589 -20.24 43.32 20.40
CA ASP A 589 -20.40 44.21 19.25
C ASP A 589 -20.32 43.52 17.89
N LEU A 590 -19.84 42.27 17.88
CA LEU A 590 -19.97 41.42 16.68
C LEU A 590 -21.42 41.39 16.18
N PHE A 591 -22.36 41.38 17.11
CA PHE A 591 -23.76 41.21 16.80
C PHE A 591 -24.54 42.51 16.74
N LYS A 592 -23.82 43.62 16.86
CA LYS A 592 -24.41 44.95 16.70
C LYS A 592 -24.23 45.45 15.26
N THR A 593 -25.32 45.87 14.62
CA THR A 593 -25.26 46.44 13.29
C THR A 593 -25.75 47.88 13.31
N ALA A 594 -25.25 48.69 12.38
CA ALA A 594 -25.75 50.04 12.22
C ALA A 594 -26.37 50.20 10.85
N SER A 595 -27.31 51.13 10.72
CA SER A 595 -27.85 51.49 9.42
C SER A 595 -28.39 50.27 8.69
N ASP A 596 -27.89 50.07 7.48
CA ASP A 596 -28.38 49.04 6.57
C ASP A 596 -27.60 47.73 6.64
N ASP A 597 -26.63 47.65 7.55
CA ASP A 597 -25.85 46.43 7.66
C ASP A 597 -26.76 45.26 8.08
N TRP A 598 -26.31 44.05 7.79
CA TRP A 598 -26.95 42.86 8.33
C TRP A 598 -25.92 41.88 8.81
N VAL A 599 -26.32 41.01 9.72
CA VAL A 599 -25.45 39.95 10.18
C VAL A 599 -26.14 38.59 10.03
N LEU A 600 -25.36 37.53 9.87
CA LEU A 600 -25.89 36.16 9.85
C LEU A 600 -25.03 35.33 10.74
N LEU A 601 -25.65 34.49 11.55
CA LEU A 601 -24.88 33.62 12.45
C LEU A 601 -24.83 32.20 11.92
N ASN A 602 -23.81 31.46 12.30
CA ASN A 602 -23.67 30.06 11.97
C ASN A 602 -23.49 29.85 10.50
N VAL A 603 -22.37 30.37 10.01
CA VAL A 603 -21.98 30.24 8.62
C VAL A 603 -21.84 28.76 8.26
N ASN A 604 -22.47 28.38 7.15
CA ASN A 604 -22.50 27.00 6.69
C ASN A 604 -23.11 26.06 7.73
N VAL A 605 -23.93 26.63 8.61
CA VAL A 605 -24.70 25.84 9.56
C VAL A 605 -23.84 24.75 10.20
N THR A 606 -22.70 25.19 10.69
CA THR A 606 -21.70 24.34 11.26
C THR A 606 -22.06 23.90 12.69
N GLY A 607 -22.73 24.77 13.44
CA GLY A 607 -23.20 24.42 14.76
C GLY A 607 -24.61 23.85 14.76
N TYR A 608 -24.96 23.10 15.79
CA TYR A 608 -26.28 22.50 15.81
C TYR A 608 -27.15 23.38 16.68
N PHE A 609 -27.88 24.26 16.03
CA PHE A 609 -28.72 25.20 16.73
C PHE A 609 -29.34 26.06 15.66
N GLN A 610 -30.36 26.82 16.03
CA GLN A 610 -31.04 27.66 15.07
C GLN A 610 -30.97 29.11 15.51
N VAL A 611 -31.10 30.02 14.55
CA VAL A 611 -30.94 31.43 14.85
C VAL A 611 -32.18 32.25 14.54
N ASN A 612 -32.57 33.08 15.49
CA ASN A 612 -33.62 34.05 15.21
C ASN A 612 -33.08 35.47 15.36
N TYR A 613 -33.50 36.37 14.49
CA TYR A 613 -33.07 37.76 14.55
C TYR A 613 -34.25 38.65 14.91
N ASP A 614 -33.97 39.93 15.12
CA ASP A 614 -35.03 40.91 15.24
C ASP A 614 -35.57 41.21 13.84
N GLU A 615 -36.78 41.74 13.78
CA GLU A 615 -37.45 42.04 12.51
C GLU A 615 -36.55 42.76 11.53
N ASP A 616 -35.85 43.79 11.99
CA ASP A 616 -35.12 44.64 11.05
C ASP A 616 -33.98 43.91 10.36
N ASN A 617 -33.24 43.08 11.08
CA ASN A 617 -32.23 42.25 10.45
C ASN A 617 -32.85 41.29 9.44
N TRP A 618 -33.96 40.64 9.83
CA TRP A 618 -34.69 39.79 8.88
C TRP A 618 -35.01 40.52 7.58
N ARG A 619 -35.42 41.78 7.69
CA ARG A 619 -35.78 42.53 6.50
C ARG A 619 -34.57 42.83 5.64
N ILE A 621 -31.85 40.95 5.54
CA ILE A 621 -31.55 39.70 4.86
C ILE A 621 -32.44 39.59 3.61
N GLN A 622 -33.74 39.81 3.81
CA GLN A 622 -34.68 39.70 2.70
C GLN A 622 -34.32 40.65 1.57
N HIS A 623 -34.02 41.90 1.93
CA HIS A 623 -33.66 42.87 0.91
C HIS A 623 -32.40 42.43 0.17
N GLN A 624 -31.47 41.81 0.90
CA GLN A 624 -30.24 41.30 0.29
C GLN A 624 -30.51 40.18 -0.70
N LEU A 625 -31.42 39.28 -0.31
CA LEU A 625 -31.80 38.18 -1.19
C LEU A 625 -32.47 38.68 -2.47
N GLN A 626 -33.12 39.83 -2.40
CA GLN A 626 -33.74 40.41 -3.59
C GLN A 626 -32.72 41.11 -4.46
N THR A 627 -31.78 41.78 -3.81
CA THR A 627 -30.76 42.56 -4.49
C THR A 627 -29.65 41.71 -5.13
N ASN A 628 -28.80 41.11 -4.30
CA ASN A 628 -27.84 40.13 -4.80
C ASN A 628 -27.80 38.95 -3.85
N LEU A 629 -28.30 37.81 -4.28
CA LEU A 629 -28.42 36.72 -3.35
C LEU A 629 -27.05 36.05 -3.13
N SER A 630 -26.13 36.31 -4.05
CA SER A 630 -24.78 35.71 -3.99
C SER A 630 -23.93 36.16 -2.80
N VAL A 631 -24.22 37.34 -2.27
CA VAL A 631 -23.49 37.85 -1.12
C VAL A 631 -23.61 36.90 0.07
N ILE A 632 -24.70 36.14 0.11
CA ILE A 632 -24.94 35.17 1.19
C ILE A 632 -24.53 33.76 0.77
N PRO A 633 -23.72 33.09 1.60
CA PRO A 633 -23.29 31.73 1.23
C PRO A 633 -24.49 30.82 0.96
N VAL A 634 -24.43 30.04 -0.11
CA VAL A 634 -25.57 29.24 -0.53
C VAL A 634 -26.19 28.42 0.61
N ILE A 635 -25.35 27.85 1.47
CA ILE A 635 -25.88 27.07 2.58
C ILE A 635 -26.69 27.92 3.55
N ASN A 636 -26.23 29.14 3.82
CA ASN A 636 -26.98 30.03 4.71
C ASN A 636 -28.28 30.55 4.10
N ARG A 637 -28.30 30.69 2.78
CA ARG A 637 -29.55 30.94 2.10
C ARG A 637 -30.58 29.85 2.45
N ALA A 638 -30.15 28.60 2.43
CA ALA A 638 -31.00 27.49 2.84
C ALA A 638 -31.40 27.63 4.32
N GLN A 639 -30.46 28.07 5.14
CA GLN A 639 -30.71 28.15 6.57
C GLN A 639 -31.76 29.18 6.93
N VAL A 640 -31.78 30.29 6.20
CA VAL A 640 -32.73 31.35 6.54
C VAL A 640 -34.11 30.80 6.29
N ILE A 641 -34.21 29.89 5.31
CA ILE A 641 -35.47 29.22 5.06
C ILE A 641 -35.80 28.18 6.12
N TYR A 642 -34.89 27.26 6.41
CA TYR A 642 -35.16 26.22 7.40
C TYR A 642 -35.51 26.82 8.75
N ASP A 643 -34.73 27.80 9.17
CA ASP A 643 -34.90 28.37 10.49
C ASP A 643 -36.19 29.18 10.61
N SER A 644 -36.49 29.98 9.59
CA SER A 644 -37.78 30.66 9.45
C SER A 644 -38.94 29.73 9.74
N PHE A 645 -39.03 28.67 8.93
CA PHE A 645 -40.14 27.75 9.00
C PHE A 645 -40.18 27.02 10.33
N ASN A 646 -39.01 26.63 10.82
CA ASN A 646 -38.98 25.95 12.09
C ASN A 646 -39.43 26.84 13.21
N LEU A 647 -39.00 28.10 13.18
CA LEU A 647 -39.46 29.10 14.13
C LEU A 647 -40.96 29.33 14.01
N ALA A 648 -41.48 29.40 12.80
CA ALA A 648 -42.91 29.62 12.59
C ALA A 648 -43.71 28.44 13.11
N THR A 649 -43.18 27.26 12.88
CA THR A 649 -43.78 26.01 13.32
C THR A 649 -43.89 25.95 14.85
N ALA A 650 -42.90 26.52 15.52
CA ALA A 650 -42.84 26.51 16.97
C ALA A 650 -43.48 27.78 17.54
N HIS A 651 -44.10 28.55 16.66
CA HIS A 651 -44.93 29.66 17.09
C HIS A 651 -44.08 30.74 17.71
N VAL A 653 -42.19 32.99 15.68
CA VAL A 653 -42.21 34.13 14.78
C VAL A 653 -43.48 34.01 13.96
N PRO A 654 -44.02 35.14 13.49
CA PRO A 654 -45.21 35.06 12.63
C PRO A 654 -44.93 34.19 11.41
N VAL A 655 -45.93 33.44 10.94
CA VAL A 655 -45.72 32.49 9.87
C VAL A 655 -45.47 33.19 8.55
N THR A 656 -45.85 34.46 8.46
CA THR A 656 -45.56 35.28 7.29
C THR A 656 -44.06 35.57 7.10
N LEU A 657 -43.28 35.54 8.18
CA LEU A 657 -41.85 35.70 8.04
C LEU A 657 -41.31 34.56 7.19
N ALA A 658 -41.69 33.33 7.52
CA ALA A 658 -41.24 32.18 6.77
C ALA A 658 -41.67 32.30 5.33
N LEU A 659 -42.94 32.62 5.10
CA LEU A 659 -43.42 32.73 3.73
C LEU A 659 -42.67 33.81 2.95
N ASP A 660 -42.49 34.99 3.56
CA ASP A 660 -41.72 36.05 2.89
C ASP A 660 -40.30 35.60 2.52
N ASN A 661 -39.66 34.81 3.38
CA ASN A 661 -38.30 34.29 3.09
C ASN A 661 -38.30 33.33 1.88
N THR A 662 -39.49 33.04 1.39
CA THR A 662 -39.66 32.18 0.25
C THR A 662 -39.73 32.98 -1.08
N LEU A 663 -39.86 34.29 -0.97
CA LEU A 663 -40.09 35.15 -2.14
C LEU A 663 -38.95 35.21 -3.15
N PHE A 664 -37.71 35.14 -2.68
CA PHE A 664 -36.56 35.25 -3.57
C PHE A 664 -36.30 34.00 -4.43
N LEU A 665 -36.86 32.85 -4.03
CA LEU A 665 -36.65 31.57 -4.73
C LEU A 665 -37.00 31.70 -6.20
N ASN A 666 -37.74 32.76 -6.45
CA ASN A 666 -38.02 33.31 -7.77
C ASN A 666 -36.75 33.22 -8.64
N GLY A 667 -35.67 33.86 -8.21
CA GLY A 667 -34.44 33.85 -8.99
C GLY A 667 -33.32 32.95 -8.48
N GLU A 668 -33.68 31.93 -7.72
CA GLU A 668 -32.69 30.99 -7.19
C GLU A 668 -32.57 29.74 -8.06
N LYS A 669 -31.39 29.49 -8.61
CA LYS A 669 -31.18 28.22 -9.31
C LYS A 669 -30.40 27.15 -8.52
N GLU A 670 -29.95 27.48 -7.31
CA GLU A 670 -29.15 26.51 -6.56
C GLU A 670 -29.99 25.45 -5.85
N TYR A 671 -29.41 24.25 -5.73
CA TYR A 671 -30.11 23.12 -5.16
C TYR A 671 -30.63 23.39 -3.77
N PRO A 673 -31.25 25.91 -1.32
CA PRO A 673 -32.33 26.78 -0.82
C PRO A 673 -33.69 26.27 -1.31
N TRP A 674 -33.76 25.76 -2.52
CA TRP A 674 -34.98 25.12 -2.97
C TRP A 674 -35.32 23.90 -2.12
N GLN A 675 -34.31 23.07 -1.84
CA GLN A 675 -34.51 21.88 -1.03
C GLN A 675 -35.03 22.31 0.33
N ALA A 676 -34.52 23.42 0.85
CA ALA A 676 -34.95 23.88 2.16
C ALA A 676 -36.43 24.24 2.11
N ALA A 677 -36.83 24.88 1.02
CA ALA A 677 -38.21 25.32 0.87
C ALA A 677 -39.12 24.12 0.74
N LEU A 678 -38.70 23.18 -0.10
CA LEU A 678 -39.51 22.01 -0.39
C LEU A 678 -39.83 21.19 0.83
N SER A 679 -38.85 20.92 1.67
CA SER A 679 -39.14 20.10 2.84
C SER A 679 -39.83 20.93 3.92
N SER A 680 -39.58 22.24 3.95
CA SER A 680 -40.27 23.10 4.91
C SER A 680 -41.74 23.17 4.60
N LEU A 681 -42.05 23.37 3.33
CA LEU A 681 -43.42 23.50 2.89
C LEU A 681 -44.07 22.12 2.90
N SER A 682 -43.24 21.08 2.86
CA SER A 682 -43.76 19.73 2.97
C SER A 682 -44.65 19.60 4.19
N TYR A 683 -44.29 20.29 5.26
CA TYR A 683 -45.12 20.28 6.46
C TYR A 683 -46.46 20.98 6.23
N PHE A 684 -46.44 22.09 5.50
CA PHE A 684 -47.67 22.79 5.19
C PHE A 684 -48.53 21.91 4.33
N SER A 685 -47.88 21.19 3.43
CA SER A 685 -48.58 20.25 2.58
C SER A 685 -49.31 19.21 3.44
N LEU A 686 -48.61 18.63 4.41
CA LEU A 686 -49.23 17.68 5.32
C LEU A 686 -50.40 18.30 6.11
N PHE A 688 -52.10 21.21 5.25
CA PHE A 688 -53.10 21.87 4.42
C PHE A 688 -53.63 21.19 3.17
N ASP A 689 -53.09 20.03 2.78
CA ASP A 689 -53.45 19.51 1.45
C ASP A 689 -54.88 18.97 1.38
N ARG A 690 -55.52 18.86 2.54
CA ARG A 690 -56.94 18.56 2.65
C ARG A 690 -57.85 19.79 2.92
N SER A 691 -57.28 21.00 2.82
CA SER A 691 -58.00 22.22 3.21
C SER A 691 -58.07 23.24 2.09
N GLU A 692 -58.71 24.37 2.36
CA GLU A 692 -58.77 25.46 1.37
C GLU A 692 -57.44 26.18 1.13
N VAL A 693 -56.46 25.98 1.98
CA VAL A 693 -55.18 26.61 1.77
C VAL A 693 -54.55 26.01 0.52
N TYR A 694 -54.84 24.75 0.27
CA TYR A 694 -54.13 23.98 -0.75
C TYR A 694 -54.13 24.63 -2.14
N GLY A 695 -55.29 25.07 -2.60
CA GLY A 695 -55.37 25.65 -3.94
C GLY A 695 -54.43 26.82 -4.13
N PRO A 696 -54.57 27.85 -3.28
CA PRO A 696 -53.68 29.01 -3.41
C PRO A 696 -52.22 28.59 -3.26
N LYS A 698 -50.63 25.77 -4.01
CA LYS A 698 -50.10 25.21 -5.25
C LYS A 698 -49.87 26.30 -6.29
N LYS A 699 -50.75 27.30 -6.30
CA LYS A 699 -50.70 28.33 -7.32
C LYS A 699 -49.45 29.16 -7.09
N TYR A 700 -49.15 29.42 -5.83
CA TYR A 700 -47.95 30.14 -5.46
C TYR A 700 -46.67 29.40 -5.88
N LEU A 701 -46.59 28.10 -5.58
CA LEU A 701 -45.42 27.32 -5.95
C LEU A 701 -45.24 27.28 -7.45
N ARG A 702 -46.33 27.21 -8.19
CA ARG A 702 -46.28 27.24 -9.65
C ARG A 702 -45.64 28.55 -10.07
N LYS A 703 -46.13 29.65 -9.51
CA LYS A 703 -45.57 30.96 -9.77
C LYS A 703 -44.06 30.99 -9.53
N GLN A 704 -43.63 30.50 -8.37
CA GLN A 704 -42.22 30.57 -8.00
C GLN A 704 -41.34 29.65 -8.82
N VAL A 705 -41.86 28.46 -9.11
CA VAL A 705 -41.06 27.41 -9.70
C VAL A 705 -40.89 27.61 -11.20
N GLU A 706 -41.83 28.31 -11.80
CA GLU A 706 -41.86 28.34 -13.27
C GLU A 706 -40.56 28.80 -13.90
N PRO A 707 -39.98 29.90 -13.40
CA PRO A 707 -38.74 30.40 -14.04
C PRO A 707 -37.60 29.40 -13.91
N LEU A 708 -37.53 28.72 -12.77
CA LEU A 708 -36.51 27.69 -12.60
C LEU A 708 -36.71 26.55 -13.59
N PHE A 709 -37.97 26.23 -13.85
CA PHE A 709 -38.31 25.14 -14.77
C PHE A 709 -37.96 25.51 -16.20
N GLN A 710 -38.23 26.77 -16.56
CA GLN A 710 -37.85 27.28 -17.87
C GLN A 710 -36.34 27.31 -17.99
N HIS A 711 -35.67 27.76 -16.93
CA HIS A 711 -34.21 27.81 -16.95
C HIS A 711 -33.65 26.44 -17.34
N PHE A 712 -34.16 25.39 -16.73
CA PHE A 712 -33.64 24.06 -17.02
C PHE A 712 -34.02 23.55 -18.40
N GLU A 713 -35.23 23.84 -18.83
CA GLU A 713 -35.67 23.47 -20.16
C GLU A 713 -34.64 23.96 -21.19
N THR A 714 -34.24 25.21 -21.04
CA THR A 714 -33.24 25.80 -21.92
C THR A 714 -31.85 25.17 -21.75
N LEU A 715 -31.33 25.23 -20.53
CA LEU A 715 -29.98 24.73 -20.24
C LEU A 715 -29.85 23.28 -20.67
N THR A 716 -30.96 22.59 -20.60
CA THR A 716 -30.95 21.16 -20.75
C THR A 716 -31.28 20.75 -22.21
N LYS A 717 -31.56 21.74 -23.05
CA LYS A 717 -31.87 21.52 -24.46
C LYS A 717 -33.05 20.58 -24.70
N ASN A 718 -34.25 21.05 -24.35
CA ASN A 718 -35.43 20.21 -24.37
C ASN A 718 -35.21 18.87 -23.67
N TRP A 719 -34.58 18.96 -22.49
CA TRP A 719 -34.41 17.83 -21.58
C TRP A 719 -33.58 16.71 -22.16
N THR A 720 -32.77 17.02 -23.17
CA THR A 720 -31.88 16.02 -23.74
C THR A 720 -30.57 15.89 -22.95
N GLU A 721 -29.98 17.02 -22.56
CA GLU A 721 -28.69 17.00 -21.87
C GLU A 721 -28.85 17.19 -20.36
N ARG A 722 -28.05 16.46 -19.60
CA ARG A 722 -28.06 16.58 -18.15
C ARG A 722 -27.00 17.59 -17.68
N PRO A 723 -27.34 18.42 -16.68
CA PRO A 723 -26.37 19.37 -16.09
C PRO A 723 -25.09 18.65 -15.65
N GLU A 724 -24.00 19.38 -15.61
CA GLU A 724 -22.68 18.80 -15.41
C GLU A 724 -22.48 18.29 -13.98
N ASN A 725 -22.50 19.21 -13.01
CA ASN A 725 -22.28 18.84 -11.60
C ASN A 725 -23.49 18.24 -10.87
N LEU A 726 -23.22 17.48 -9.82
CA LEU A 726 -24.24 16.81 -9.04
C LEU A 726 -25.27 17.79 -8.48
N ASP A 728 -26.29 20.67 -9.43
CA ASP A 728 -27.21 21.17 -10.43
C ASP A 728 -28.18 20.11 -10.95
N GLN A 729 -27.69 18.88 -11.10
CA GLN A 729 -28.57 17.76 -11.39
C GLN A 729 -29.64 17.62 -10.30
N TYR A 730 -29.24 17.73 -9.04
CA TYR A 730 -30.21 17.67 -7.95
C TYR A 730 -31.23 18.78 -8.11
N SER A 731 -30.74 19.95 -8.48
CA SER A 731 -31.62 21.09 -8.59
C SER A 731 -32.60 20.90 -9.74
N GLU A 732 -32.17 20.26 -10.81
CA GLU A 732 -33.08 20.01 -11.92
C GLU A 732 -34.20 19.02 -11.53
N ILE A 733 -33.83 17.96 -10.81
CA ILE A 733 -34.79 16.99 -10.30
C ILE A 733 -35.82 17.63 -9.35
N ASN A 734 -35.37 18.47 -8.43
CA ASN A 734 -36.31 19.17 -7.57
C ASN A 734 -37.24 20.10 -8.35
N ALA A 735 -36.67 20.74 -9.36
CA ALA A 735 -37.41 21.66 -10.20
C ALA A 735 -38.58 20.98 -10.91
N ILE A 736 -38.30 19.88 -11.62
CA ILE A 736 -39.33 19.13 -12.35
C ILE A 736 -40.35 18.55 -11.39
N SER A 737 -39.85 17.91 -10.34
CA SER A 737 -40.70 17.33 -9.32
C SER A 737 -41.69 18.37 -8.76
N THR A 738 -41.18 19.54 -8.44
CA THR A 738 -42.04 20.58 -7.88
C THR A 738 -43.02 21.09 -8.92
N ALA A 739 -42.56 21.31 -10.14
CA ALA A 739 -43.45 21.81 -11.18
C ALA A 739 -44.64 20.87 -11.39
N CYS A 740 -44.38 19.56 -11.40
CA CYS A 740 -45.44 18.61 -11.71
C CYS A 740 -46.40 18.43 -10.55
N SER A 741 -45.86 18.28 -9.35
CA SER A 741 -46.67 18.15 -8.14
C SER A 741 -47.65 19.31 -8.02
N ASN A 742 -47.23 20.49 -8.49
CA ASN A 742 -48.04 21.68 -8.35
C ASN A 742 -48.86 22.10 -9.57
N GLY A 743 -48.79 21.31 -10.64
CA GLY A 743 -49.69 21.49 -11.76
C GLY A 743 -49.21 22.43 -12.85
N LEU A 744 -47.91 22.65 -12.93
CA LEU A 744 -47.35 23.39 -14.06
C LEU A 744 -47.77 22.65 -15.32
N PRO A 745 -48.53 23.30 -16.19
CA PRO A 745 -49.02 22.59 -17.37
C PRO A 745 -47.91 22.06 -18.28
N GLN A 746 -46.83 22.81 -18.42
CA GLN A 746 -45.73 22.39 -19.28
C GLN A 746 -45.16 21.08 -18.76
N CYS A 747 -45.04 20.97 -17.44
CA CYS A 747 -44.50 19.75 -16.83
C CYS A 747 -45.42 18.55 -17.00
N GLU A 748 -46.71 18.74 -16.77
CA GLU A 748 -47.67 17.65 -16.91
C GLU A 748 -47.75 17.15 -18.34
N ASN A 749 -47.64 18.07 -19.29
CA ASN A 749 -47.62 17.71 -20.68
C ASN A 749 -46.40 16.85 -20.98
N LEU A 750 -45.24 17.31 -20.50
CA LEU A 750 -44.00 16.58 -20.67
C LEU A 750 -44.13 15.13 -20.18
N ALA A 751 -44.67 14.97 -18.98
CA ALA A 751 -44.79 13.64 -18.41
C ALA A 751 -45.71 12.74 -19.21
N LYS A 752 -46.83 13.29 -19.65
CA LYS A 752 -47.80 12.48 -20.38
C LYS A 752 -47.22 12.02 -21.72
N THR A 753 -46.62 12.96 -22.46
CA THR A 753 -46.03 12.68 -23.75
C THR A 753 -44.95 11.60 -23.63
N LEU A 754 -44.06 11.76 -22.67
CA LEU A 754 -42.97 10.81 -22.50
C LEU A 754 -43.46 9.42 -22.07
N PHE A 755 -44.41 9.37 -21.14
CA PHE A 755 -44.88 8.10 -20.64
C PHE A 755 -45.69 7.39 -21.74
N ASP A 756 -46.43 8.18 -22.50
CA ASP A 756 -47.16 7.64 -23.63
C ASP A 756 -46.22 7.04 -24.68
N GLN A 757 -45.11 7.73 -24.94
CA GLN A 757 -44.14 7.22 -25.90
C GLN A 757 -43.57 5.90 -25.39
N TRP A 758 -43.40 5.80 -24.08
CA TRP A 758 -42.81 4.60 -23.50
C TRP A 758 -43.74 3.40 -23.67
N SER A 760 -46.07 2.77 -25.94
CA SER A 760 -46.12 2.31 -27.32
C SER A 760 -44.86 1.54 -27.71
N ASP A 761 -43.77 1.74 -26.96
CA ASP A 761 -42.55 0.98 -27.21
C ASP A 761 -41.80 0.63 -25.89
N PRO A 762 -42.35 -0.34 -25.15
CA PRO A 762 -41.88 -0.73 -23.81
C PRO A 762 -40.38 -1.02 -23.73
N GLU A 763 -39.80 -1.54 -24.80
CA GLU A 763 -38.41 -1.98 -24.74
C GLU A 763 -37.39 -0.83 -24.69
N ASN A 764 -37.76 0.32 -25.25
CA ASN A 764 -36.91 1.50 -25.15
C ASN A 764 -37.58 2.59 -24.32
N ASN A 765 -37.09 2.76 -23.10
CA ASN A 765 -37.59 3.76 -22.18
C ASN A 765 -36.96 5.10 -22.53
N PRO A 766 -37.78 6.04 -23.00
CA PRO A 766 -37.35 7.37 -23.47
C PRO A 766 -36.88 8.25 -22.34
N ILE A 767 -37.15 7.85 -21.10
CA ILE A 767 -37.02 8.75 -19.95
C ILE A 767 -35.67 8.61 -19.25
N HIS A 768 -34.88 9.67 -19.24
CA HIS A 768 -33.64 9.66 -18.50
C HIS A 768 -33.92 9.28 -17.04
N PRO A 769 -33.08 8.40 -16.46
CA PRO A 769 -33.22 7.94 -15.08
C PRO A 769 -33.40 9.04 -14.02
N ASN A 770 -32.66 10.14 -14.12
CA ASN A 770 -32.88 11.25 -13.18
C ASN A 770 -34.33 11.71 -13.13
N LEU A 771 -35.01 11.65 -14.28
CA LEU A 771 -36.36 12.17 -14.39
C LEU A 771 -37.46 11.15 -14.08
N ARG A 772 -37.08 9.90 -13.93
CA ARG A 772 -38.08 8.83 -13.88
C ARG A 772 -39.06 8.93 -12.70
N SER A 773 -38.56 9.18 -11.49
CA SER A 773 -39.46 9.31 -10.34
C SER A 773 -40.59 10.29 -10.62
N THR A 774 -40.25 11.47 -11.13
CA THR A 774 -41.24 12.49 -11.42
C THR A 774 -42.15 12.15 -12.59
N ILE A 775 -41.57 11.70 -13.71
CA ILE A 775 -42.36 11.41 -14.90
C ILE A 775 -43.33 10.24 -14.70
N TYR A 776 -42.89 9.19 -14.02
CA TYR A 776 -43.76 8.06 -13.75
C TYR A 776 -44.93 8.51 -12.88
N CYS A 777 -44.60 9.22 -11.81
CA CYS A 777 -45.56 9.62 -10.81
C CYS A 777 -46.70 10.45 -11.46
N ASN A 778 -46.31 11.46 -12.24
CA ASN A 778 -47.27 12.36 -12.84
C ASN A 778 -48.07 11.70 -13.95
N ALA A 779 -47.43 10.83 -14.73
CA ALA A 779 -48.13 10.12 -15.79
C ALA A 779 -49.22 9.23 -15.21
N ILE A 780 -48.89 8.51 -14.14
CA ILE A 780 -49.84 7.69 -13.43
C ILE A 780 -50.96 8.54 -12.80
N ALA A 781 -50.59 9.66 -12.20
CA ALA A 781 -51.56 10.57 -11.63
C ALA A 781 -52.60 11.06 -12.66
N GLN A 782 -52.12 11.46 -13.85
CA GLN A 782 -53.01 11.96 -14.91
C GLN A 782 -53.82 10.86 -15.58
N GLY A 783 -53.27 9.65 -15.56
CA GLY A 783 -53.83 8.55 -16.33
C GLY A 783 -54.80 7.73 -15.52
N GLY A 784 -54.80 6.44 -15.77
CA GLY A 784 -55.82 5.55 -15.27
C GLY A 784 -55.31 4.12 -15.33
N GLN A 785 -56.23 3.17 -15.29
CA GLN A 785 -55.87 1.77 -15.22
C GLN A 785 -54.83 1.35 -16.27
N ASP A 786 -54.89 1.97 -17.45
CA ASP A 786 -53.97 1.57 -18.53
C ASP A 786 -52.50 1.86 -18.16
N GLN A 787 -52.25 3.10 -17.76
CA GLN A 787 -50.95 3.50 -17.25
C GLN A 787 -50.54 2.64 -16.05
N TRP A 788 -51.46 2.43 -15.12
CA TRP A 788 -51.16 1.68 -13.91
C TRP A 788 -50.82 0.21 -14.18
N ASP A 789 -51.65 -0.47 -14.96
CA ASP A 789 -51.38 -1.85 -15.29
C ASP A 789 -50.08 -1.99 -16.08
N PHE A 790 -49.78 -1.01 -16.92
CA PHE A 790 -48.55 -1.07 -17.67
C PHE A 790 -47.36 -1.01 -16.71
N ALA A 791 -47.35 0.01 -15.85
CA ALA A 791 -46.29 0.19 -14.87
C ALA A 791 -46.15 -1.02 -13.96
N TRP A 792 -47.28 -1.60 -13.56
CA TRP A 792 -47.26 -2.80 -12.73
C TRP A 792 -46.62 -4.00 -13.46
N GLY A 793 -46.84 -4.08 -14.77
CA GLY A 793 -46.27 -5.13 -15.56
C GLY A 793 -44.77 -4.93 -15.62
N GLN A 794 -44.36 -3.66 -15.69
CA GLN A 794 -42.95 -3.33 -15.71
C GLN A 794 -42.32 -3.70 -14.39
N LEU A 795 -43.00 -3.38 -13.30
CA LEU A 795 -42.48 -3.67 -11.97
C LEU A 795 -42.24 -5.17 -11.78
N GLN A 796 -43.24 -5.98 -12.13
CA GLN A 796 -43.15 -7.43 -11.93
C GLN A 796 -42.01 -8.10 -12.71
N GLN A 797 -41.67 -7.56 -13.86
CA GLN A 797 -40.58 -8.14 -14.64
C GLN A 797 -39.25 -7.40 -14.50
N ALA A 798 -39.21 -6.32 -13.72
CA ALA A 798 -38.01 -5.49 -13.61
C ALA A 798 -36.80 -6.21 -12.99
N GLN A 799 -35.66 -6.14 -13.67
CA GLN A 799 -34.44 -6.75 -13.17
C GLN A 799 -33.55 -5.81 -12.36
N LEU A 800 -33.80 -4.51 -12.45
CA LEU A 800 -32.99 -3.55 -11.73
C LEU A 800 -33.80 -3.02 -10.55
N VAL A 801 -33.20 -3.07 -9.38
CA VAL A 801 -33.86 -2.72 -8.15
C VAL A 801 -34.19 -1.21 -8.10
N ASN A 802 -33.30 -0.39 -8.64
CA ASN A 802 -33.53 1.04 -8.69
C ASN A 802 -34.79 1.33 -9.50
N GLU A 803 -34.90 0.67 -10.65
CA GLU A 803 -36.08 0.83 -11.50
C GLU A 803 -37.32 0.36 -10.76
N ALA A 804 -37.23 -0.80 -10.11
CA ALA A 804 -38.35 -1.33 -9.37
C ALA A 804 -38.82 -0.37 -8.29
N ASP A 805 -37.86 0.23 -7.59
CA ASP A 805 -38.19 1.17 -6.53
C ASP A 805 -38.95 2.39 -7.05
N LYS A 806 -38.60 2.84 -8.26
CA LYS A 806 -39.24 4.01 -8.84
C LYS A 806 -40.66 3.71 -9.28
N LEU A 807 -40.87 2.48 -9.75
CA LEU A 807 -42.19 2.07 -10.17
C LEU A 807 -43.08 1.90 -8.94
N ARG A 808 -42.53 1.25 -7.91
CA ARG A 808 -43.26 1.09 -6.64
C ARG A 808 -43.79 2.39 -6.06
N SER A 809 -42.98 3.45 -6.11
CA SER A 809 -43.45 4.74 -5.61
C SER A 809 -44.44 5.37 -6.58
N ALA A 810 -44.21 5.20 -7.88
CA ALA A 810 -45.07 5.87 -8.83
C ALA A 810 -46.49 5.28 -8.80
N LEU A 811 -46.59 3.97 -8.64
CA LEU A 811 -47.88 3.31 -8.58
C LEU A 811 -48.69 3.88 -7.43
N ALA A 812 -48.03 4.50 -6.48
CA ALA A 812 -48.77 5.02 -5.34
C ALA A 812 -49.37 6.39 -5.62
N CYS A 813 -49.17 6.89 -6.84
CA CYS A 813 -49.66 8.23 -7.23
C CYS A 813 -51.00 8.24 -7.94
N SER A 814 -51.61 7.08 -8.11
CA SER A 814 -52.91 7.03 -8.78
C SER A 814 -53.96 7.88 -8.06
N ASN A 815 -54.89 8.44 -8.83
CA ASN A 815 -56.04 9.12 -8.23
C ASN A 815 -57.31 8.27 -8.13
N GLU A 816 -57.21 6.98 -8.45
CA GLU A 816 -58.37 6.09 -8.33
C GLU A 816 -58.30 5.28 -7.04
N VAL A 817 -59.31 5.43 -6.19
CA VAL A 817 -59.33 4.72 -4.94
C VAL A 817 -59.21 3.20 -5.10
N TRP A 818 -59.95 2.63 -6.06
CA TRP A 818 -59.93 1.18 -6.24
C TRP A 818 -58.52 0.69 -6.60
N LEU A 819 -57.79 1.44 -7.43
CA LEU A 819 -56.40 1.08 -7.75
C LEU A 819 -55.49 1.08 -6.52
N LEU A 820 -55.65 2.09 -5.67
CA LEU A 820 -54.82 2.19 -4.45
C LEU A 820 -55.13 1.10 -3.45
N ASN A 821 -56.40 0.77 -3.28
CA ASN A 821 -56.83 -0.27 -2.34
C ASN A 821 -56.37 -1.65 -2.80
N ARG A 822 -56.42 -1.86 -4.10
CA ARG A 822 -55.95 -3.09 -4.69
C ARG A 822 -54.45 -3.16 -4.37
N TYR A 823 -53.75 -2.04 -4.56
CA TYR A 823 -52.30 -1.98 -4.33
C TYR A 823 -51.98 -2.34 -2.90
N LEU A 824 -52.72 -1.79 -1.95
CA LEU A 824 -52.53 -2.16 -0.55
C LEU A 824 -52.65 -3.67 -0.36
N GLY A 825 -53.64 -4.27 -0.98
CA GLY A 825 -53.78 -5.71 -0.94
C GLY A 825 -52.51 -6.44 -1.34
N TYR A 826 -51.89 -6.03 -2.44
CA TYR A 826 -50.65 -6.64 -2.94
C TYR A 826 -49.51 -6.53 -1.94
N THR A 827 -49.56 -5.47 -1.15
CA THR A 827 -48.53 -5.17 -0.16
C THR A 827 -48.31 -6.30 0.85
N LEU A 828 -49.33 -7.12 1.08
CA LEU A 828 -49.23 -8.22 2.02
C LEU A 828 -48.97 -9.59 1.37
N ASN A 829 -48.74 -9.58 0.06
CA ASN A 829 -48.45 -10.80 -0.68
C ASN A 829 -46.99 -10.85 -1.10
N PRO A 830 -46.20 -11.71 -0.45
CA PRO A 830 -44.75 -11.83 -0.68
C PRO A 830 -44.35 -12.19 -2.12
N ASP A 831 -45.27 -12.73 -2.90
CA ASP A 831 -44.99 -13.05 -4.30
C ASP A 831 -45.02 -11.81 -5.20
N LEU A 832 -45.61 -10.75 -4.68
CA LEU A 832 -45.86 -9.51 -5.42
C LEU A 832 -44.95 -8.40 -4.92
N ILE A 833 -45.03 -8.14 -3.62
CA ILE A 833 -44.17 -7.19 -2.94
C ILE A 833 -43.36 -7.95 -1.87
N ARG A 834 -42.03 -7.83 -1.91
CA ARG A 834 -41.18 -8.46 -0.89
C ARG A 834 -41.41 -7.81 0.47
N LYS A 835 -41.33 -8.60 1.53
CA LYS A 835 -41.58 -8.08 2.87
C LYS A 835 -40.74 -6.85 3.20
N GLN A 836 -39.57 -6.75 2.58
CA GLN A 836 -38.67 -5.63 2.86
C GLN A 836 -39.18 -4.34 2.23
N ASP A 837 -40.07 -4.46 1.25
CA ASP A 837 -40.66 -3.29 0.61
C ASP A 837 -42.10 -2.93 1.06
N ALA A 838 -42.66 -3.73 1.94
CA ALA A 838 -44.08 -3.59 2.25
C ALA A 838 -44.35 -2.25 2.94
N THR A 839 -43.54 -1.97 3.95
CA THR A 839 -43.65 -0.77 4.77
C THR A 839 -43.52 0.52 3.95
N SER A 840 -42.48 0.61 3.14
CA SER A 840 -42.29 1.83 2.36
C SER A 840 -43.37 1.97 1.30
N THR A 841 -43.91 0.86 0.81
CA THR A 841 -45.00 0.92 -0.17
C THR A 841 -46.28 1.48 0.47
N ILE A 842 -46.64 0.95 1.63
CA ILE A 842 -47.76 1.47 2.39
C ILE A 842 -47.58 2.99 2.73
N ASN A 843 -46.36 3.39 3.08
CA ASN A 843 -46.06 4.80 3.29
C ASN A 843 -46.20 5.68 2.06
N SER A 844 -45.78 5.18 0.90
CA SER A 844 -46.05 5.88 -0.35
C SER A 844 -47.55 6.08 -0.60
N ILE A 845 -48.35 5.05 -0.34
CA ILE A 845 -49.78 5.16 -0.55
C ILE A 845 -50.38 6.17 0.44
N ALA A 846 -49.92 6.11 1.69
CA ALA A 846 -50.39 7.06 2.71
C ALA A 846 -50.05 8.49 2.35
N SER A 847 -48.96 8.69 1.61
CA SER A 847 -48.55 10.03 1.23
C SER A 847 -49.50 10.60 0.21
N ASN A 848 -50.05 9.74 -0.63
CA ASN A 848 -51.11 10.14 -1.55
C ASN A 848 -52.34 10.63 -0.75
N VAL A 849 -52.80 11.84 -1.01
CA VAL A 849 -53.85 12.41 -0.18
C VAL A 849 -55.13 11.60 -0.21
N ILE A 850 -55.37 10.96 -1.35
CA ILE A 850 -56.48 10.04 -1.51
C ILE A 850 -56.17 8.70 -0.86
N GLY A 851 -54.87 8.40 -0.72
CA GLY A 851 -54.42 7.15 -0.13
C GLY A 851 -54.39 7.19 1.38
N GLN A 852 -54.36 8.40 1.93
CA GLN A 852 -54.28 8.58 3.37
C GLN A 852 -55.29 7.73 4.15
N PRO A 853 -56.61 7.89 3.87
CA PRO A 853 -57.59 7.12 4.65
C PRO A 853 -57.60 5.61 4.33
N LEU A 854 -57.23 5.27 3.10
CA LEU A 854 -57.11 3.85 2.77
C LEU A 854 -56.02 3.21 3.63
N ALA A 855 -54.86 3.86 3.71
CA ALA A 855 -53.71 3.30 4.41
C ALA A 855 -53.92 3.27 5.90
N TRP A 856 -54.50 4.33 6.42
CA TRP A 856 -54.85 4.39 7.82
C TRP A 856 -55.83 3.25 8.20
N ASP A 857 -56.88 3.04 7.42
CA ASP A 857 -57.78 1.91 7.69
C ASP A 857 -57.07 0.56 7.55
N PHE A 858 -56.26 0.43 6.50
CA PHE A 858 -55.55 -0.81 6.24
C PHE A 858 -54.63 -1.17 7.41
N VAL A 859 -53.90 -0.18 7.91
CA VAL A 859 -52.95 -0.43 8.99
C VAL A 859 -53.68 -0.81 10.27
N GLN A 860 -54.77 -0.11 10.58
CA GLN A 860 -55.57 -0.45 11.75
C GLN A 860 -56.14 -1.87 11.71
N SER A 861 -56.70 -2.28 10.58
CA SER A 861 -57.38 -3.57 10.56
C SER A 861 -56.42 -4.74 10.38
N ASN A 862 -55.25 -4.46 9.84
CA ASN A 862 -54.23 -5.50 9.64
C ASN A 862 -53.17 -5.51 10.72
N TRP A 863 -53.36 -4.68 11.73
CA TRP A 863 -52.33 -4.47 12.75
C TRP A 863 -51.72 -5.72 13.41
N LYS A 864 -52.55 -6.68 13.80
CA LYS A 864 -51.99 -7.88 14.43
C LYS A 864 -50.98 -8.57 13.52
N LYS A 865 -51.41 -8.84 12.29
CA LYS A 865 -50.53 -9.39 11.26
C LYS A 865 -49.27 -8.53 11.09
N LEU A 866 -49.48 -7.24 10.84
CA LEU A 866 -48.37 -6.33 10.63
C LEU A 866 -47.40 -6.31 11.79
N PHE A 867 -47.87 -6.64 12.99
CA PHE A 867 -47.03 -6.51 14.16
C PHE A 867 -46.07 -7.68 14.29
N GLN A 868 -46.55 -8.88 14.01
CA GLN A 868 -45.67 -10.03 14.06
C GLN A 868 -44.56 -9.98 12.99
N ASP A 869 -44.88 -9.57 11.76
CA ASP A 869 -43.88 -9.62 10.69
C ASP A 869 -42.97 -8.39 10.61
N TYR A 870 -43.52 -7.32 10.04
CA TYR A 870 -42.73 -6.18 9.59
C TYR A 870 -42.38 -5.23 10.72
N GLY A 873 -37.38 -5.32 15.98
CA GLY A 873 -38.00 -4.23 15.26
C GLY A 873 -37.14 -3.73 14.10
N SER A 874 -36.24 -2.80 14.40
CA SER A 874 -35.37 -2.16 13.40
C SER A 874 -36.05 -1.32 12.29
N PHE A 875 -36.62 -0.21 12.72
CA PHE A 875 -36.80 1.00 11.91
C PHE A 875 -37.89 1.10 10.82
N SER A 876 -38.40 -0.02 10.32
CA SER A 876 -39.47 0.04 9.33
C SER A 876 -40.84 0.21 9.99
N PHE A 877 -41.02 -0.54 11.06
CA PHE A 877 -42.26 -0.52 11.83
C PHE A 877 -42.57 0.86 12.41
N SER A 878 -41.51 1.50 12.88
CA SER A 878 -41.61 2.82 13.46
C SER A 878 -41.93 3.80 12.35
N ASN A 879 -41.32 3.59 11.19
CA ASN A 879 -41.57 4.40 10.01
C ASN A 879 -42.99 4.26 9.49
N LEU A 880 -43.61 3.13 9.76
CA LEU A 880 -44.95 2.87 9.30
C LEU A 880 -45.91 3.72 10.10
N ILE A 881 -45.70 3.72 11.42
CA ILE A 881 -46.53 4.50 12.32
C ILE A 881 -46.39 5.98 12.02
N GLN A 882 -45.15 6.44 11.87
CA GLN A 882 -44.89 7.83 11.59
C GLN A 882 -45.47 8.25 10.25
N GLY A 883 -45.31 7.41 9.23
CA GLY A 883 -45.76 7.75 7.90
C GLY A 883 -47.27 7.88 7.72
N VAL A 884 -48.03 7.05 8.44
CA VAL A 884 -49.47 7.09 8.29
C VAL A 884 -50.13 8.18 9.15
N THR A 885 -49.42 8.63 10.18
CA THR A 885 -49.99 9.60 11.11
C THR A 885 -49.55 11.04 10.89
N ARG A 886 -48.69 11.28 9.90
CA ARG A 886 -48.08 12.59 9.69
C ARG A 886 -49.10 13.72 9.54
N ARG A 887 -50.25 13.42 8.96
CA ARG A 887 -51.24 14.43 8.63
C ARG A 887 -52.23 14.79 9.73
N PHE A 888 -52.26 14.07 10.86
CA PHE A 888 -53.37 14.27 11.79
C PHE A 888 -53.23 15.67 12.40
N SER A 889 -54.18 16.54 12.03
CA SER A 889 -54.29 17.91 12.56
C SER A 889 -55.52 18.25 13.42
N SER A 890 -56.40 17.30 13.67
CA SER A 890 -57.66 17.62 14.31
C SER A 890 -57.88 16.76 15.54
N GLU A 891 -58.79 17.20 16.41
CA GLU A 891 -59.10 16.38 17.58
C GLU A 891 -59.72 15.04 17.22
N PHE A 892 -60.52 15.02 16.17
CA PHE A 892 -61.14 13.80 15.75
C PHE A 892 -60.07 12.78 15.38
N GLU A 893 -59.13 13.20 14.55
CA GLU A 893 -58.03 12.30 14.19
C GLU A 893 -57.22 11.92 15.43
N LEU A 894 -56.96 12.89 16.30
CA LEU A 894 -56.29 12.61 17.57
C LEU A 894 -56.99 11.53 18.40
N GLN A 895 -58.30 11.64 18.54
CA GLN A 895 -59.10 10.62 19.22
C GLN A 895 -58.99 9.27 18.51
N GLN A 896 -58.95 9.33 17.19
CA GLN A 896 -58.81 8.15 16.35
C GLN A 896 -57.52 7.42 16.72
N LEU A 897 -56.44 8.19 16.82
CA LEU A 897 -55.12 7.68 17.15
C LEU A 897 -55.10 7.12 18.57
N GLU A 898 -55.68 7.85 19.51
CA GLU A 898 -55.85 7.36 20.87
C GLU A 898 -56.62 6.03 20.91
N GLN A 899 -57.69 5.93 20.14
CA GLN A 899 -58.49 4.70 20.10
C GLN A 899 -57.66 3.55 19.57
N PHE A 900 -56.86 3.84 18.55
CA PHE A 900 -56.04 2.83 17.91
C PHE A 900 -55.11 2.22 18.92
N LYS A 901 -54.51 3.11 19.72
CA LYS A 901 -53.56 2.72 20.75
C LYS A 901 -54.23 1.86 21.79
N LYS A 902 -55.43 2.25 22.17
CA LYS A 902 -56.19 1.55 23.19
C LYS A 902 -56.65 0.19 22.70
N ASN A 903 -57.09 0.12 21.44
CA ASN A 903 -57.55 -1.14 20.86
C ASN A 903 -56.45 -2.19 20.75
N ASN A 904 -55.25 -1.72 20.45
CA ASN A 904 -54.09 -2.59 20.32
C ASN A 904 -53.16 -2.68 21.52
N ASP A 906 -52.93 -4.40 23.98
CA ASP A 906 -52.67 -5.76 24.46
C ASP A 906 -51.42 -6.32 23.81
N VAL A 907 -51.49 -6.56 22.50
CA VAL A 907 -50.29 -6.81 21.71
C VAL A 907 -49.67 -5.46 21.45
N GLY A 908 -48.46 -5.23 21.96
CA GLY A 908 -47.96 -3.88 22.10
C GLY A 908 -47.59 -3.21 20.79
N PHE A 909 -46.84 -2.12 20.89
CA PHE A 909 -46.28 -1.50 19.71
C PHE A 909 -44.82 -1.82 19.46
N GLY A 910 -44.23 -2.60 20.36
CA GLY A 910 -42.87 -3.08 20.18
C GLY A 910 -41.86 -1.97 19.97
N SER A 911 -41.17 -2.05 18.85
CA SER A 911 -40.12 -1.09 18.52
C SER A 911 -40.72 0.21 18.00
N GLY A 912 -42.03 0.21 17.74
CA GLY A 912 -42.70 1.40 17.27
C GLY A 912 -43.31 2.20 18.42
N THR A 913 -43.08 1.72 19.65
CA THR A 913 -43.73 2.27 20.84
C THR A 913 -43.50 3.77 21.03
N ARG A 914 -42.24 4.18 20.98
CA ARG A 914 -41.91 5.58 21.12
C ARG A 914 -42.39 6.40 19.92
N ALA A 915 -42.40 5.77 18.74
CA ALA A 915 -42.93 6.42 17.53
C ALA A 915 -44.40 6.79 17.70
N LEU A 916 -45.15 5.91 18.37
CA LEU A 916 -46.56 6.13 18.60
C LEU A 916 -46.74 7.31 19.54
N GLU A 917 -45.91 7.37 20.58
CA GLU A 917 -45.98 8.49 21.52
C GLU A 917 -45.69 9.81 20.83
N GLN A 918 -44.63 9.83 20.03
CA GLN A 918 -44.27 11.06 19.32
C GLN A 918 -45.35 11.43 18.31
N ALA A 919 -46.00 10.42 17.75
CA ALA A 919 -47.11 10.63 16.84
C ALA A 919 -48.22 11.40 17.55
N LEU A 920 -48.59 10.94 18.74
CA LEU A 920 -49.56 11.61 19.58
C LEU A 920 -49.14 13.04 19.97
N GLU A 921 -47.89 13.21 20.40
CA GLU A 921 -47.43 14.53 20.84
C GLU A 921 -47.52 15.53 19.70
N LYS A 922 -47.03 15.12 18.54
CA LYS A 922 -47.01 15.96 17.35
C LYS A 922 -48.44 16.30 16.88
N THR A 923 -49.33 15.34 16.96
CA THR A 923 -50.72 15.54 16.57
C THR A 923 -51.31 16.68 17.36
N LYS A 924 -51.15 16.59 18.68
CA LYS A 924 -51.61 17.63 19.59
C LYS A 924 -51.04 18.98 19.17
N ALA A 925 -49.76 19.02 18.82
CA ALA A 925 -49.12 20.26 18.42
C ALA A 925 -49.68 20.78 17.10
N ASN A 926 -49.92 19.87 16.16
CA ASN A 926 -50.53 20.23 14.89
C ASN A 926 -51.89 20.91 15.04
N ILE A 927 -52.72 20.41 15.96
CA ILE A 927 -54.07 20.94 16.12
C ILE A 927 -53.99 22.40 16.48
N LYS A 928 -53.21 22.69 17.52
CA LYS A 928 -52.99 24.06 17.97
C LYS A 928 -52.39 24.92 16.86
N TRP A 929 -51.38 24.40 16.17
CA TRP A 929 -50.76 25.18 15.11
C TRP A 929 -51.71 25.45 13.96
N VAL A 930 -52.41 24.43 13.52
CA VAL A 930 -53.31 24.60 12.39
C VAL A 930 -54.44 25.61 12.65
N LYS A 931 -55.03 25.58 13.83
CA LYS A 931 -56.08 26.56 14.13
C LYS A 931 -55.54 27.99 14.19
N GLU A 932 -54.37 28.18 14.80
CA GLU A 932 -53.76 29.51 14.89
C GLU A 932 -53.36 30.11 13.54
N ASN A 933 -52.77 29.29 12.68
CA ASN A 933 -52.13 29.81 11.46
C ASN A 933 -52.92 29.81 10.16
N LYS A 934 -54.04 29.10 10.10
CA LYS A 934 -54.64 28.85 8.79
C LYS A 934 -55.19 30.09 8.06
N GLU A 935 -55.78 31.02 8.81
CA GLU A 935 -56.23 32.29 8.22
C GLU A 935 -55.10 33.06 7.58
N VAL A 936 -54.04 33.28 8.36
CA VAL A 936 -52.88 34.02 7.91
C VAL A 936 -52.22 33.36 6.70
N VAL A 937 -52.04 32.05 6.77
CA VAL A 937 -51.38 31.34 5.70
C VAL A 937 -52.21 31.43 4.42
N LEU A 938 -53.51 31.20 4.58
CA LEU A 938 -54.44 31.29 3.46
C LEU A 938 -54.38 32.66 2.80
N ASN A 939 -54.50 33.72 3.61
CA ASN A 939 -54.50 35.07 3.08
C ASN A 939 -53.18 35.39 2.40
N TRP A 940 -52.09 34.95 2.99
CA TRP A 940 -50.79 35.22 2.40
C TRP A 940 -50.67 34.61 0.99
N PHE A 941 -50.99 33.32 0.85
CA PHE A 941 -50.88 32.68 -0.45
C PHE A 941 -51.80 33.34 -1.45
N ILE A 942 -52.99 33.74 -1.02
CA ILE A 942 -53.92 34.40 -1.93
C ILE A 942 -53.31 35.68 -2.49
N GLU A 943 -52.88 36.59 -1.60
CA GLU A 943 -52.19 37.83 -2.00
C GLU A 943 -51.01 37.59 -2.93
N HIS A 944 -50.18 36.60 -2.61
CA HIS A 944 -48.94 36.41 -3.35
C HIS A 944 -49.05 35.49 -4.56
N SER A 945 -50.25 35.04 -4.89
CA SER A 945 -50.42 34.26 -6.12
C SER A 945 -51.26 35.00 -7.16
N LEU B 43 41.78 1.70 -38.64
CA LEU B 43 41.63 0.71 -39.70
C LEU B 43 40.62 1.19 -40.74
N ASP B 44 40.80 0.72 -41.97
CA ASP B 44 39.79 1.00 -42.98
C ASP B 44 38.75 -0.12 -42.98
N GLN B 45 37.52 0.27 -42.74
CA GLN B 45 36.44 -0.69 -42.55
C GLN B 45 36.02 -1.38 -43.85
N SER B 46 36.62 -0.98 -44.98
CA SER B 46 36.29 -1.67 -46.23
C SER B 46 36.52 -3.18 -46.07
N LYS B 47 37.47 -3.54 -45.22
CA LYS B 47 37.70 -4.94 -44.87
C LYS B 47 36.93 -5.28 -43.60
N PRO B 48 36.10 -6.33 -43.67
CA PRO B 48 35.36 -6.78 -42.49
C PRO B 48 36.28 -7.27 -41.36
N TRP B 49 37.52 -7.65 -41.68
CA TRP B 49 38.43 -8.09 -40.63
C TRP B 49 39.08 -6.91 -39.92
N ASN B 50 38.82 -5.70 -40.40
CA ASN B 50 39.24 -4.50 -39.69
C ASN B 50 38.13 -3.91 -38.83
N ARG B 51 36.98 -4.59 -38.82
CA ARG B 51 35.83 -4.18 -38.01
C ARG B 51 35.76 -4.97 -36.69
N TYR B 52 35.33 -4.30 -35.62
CA TYR B 52 35.28 -4.92 -34.29
C TYR B 52 34.13 -5.91 -34.07
N ARG B 53 33.00 -5.68 -34.75
CA ARG B 53 31.87 -6.61 -34.69
C ARG B 53 32.02 -7.67 -35.78
N LEU B 54 31.87 -8.93 -35.41
CA LEU B 54 31.86 -10.03 -36.37
C LEU B 54 30.80 -9.81 -37.45
N PRO B 55 31.05 -10.34 -38.67
CA PRO B 55 30.04 -10.39 -39.73
C PRO B 55 28.87 -11.30 -39.32
N THR B 56 27.70 -11.08 -39.91
CA THR B 56 26.53 -11.91 -39.60
C THR B 56 26.36 -13.09 -40.58
N THR B 57 27.34 -13.28 -41.45
CA THR B 57 27.27 -14.30 -42.50
C THR B 57 27.38 -15.74 -41.98
N LEU B 58 28.16 -15.96 -40.93
CA LEU B 58 28.39 -17.31 -40.38
C LEU B 58 27.90 -17.43 -38.95
N LEU B 59 27.10 -18.46 -38.69
CA LEU B 59 26.61 -18.72 -37.34
C LEU B 59 27.09 -20.05 -36.80
N PRO B 60 27.76 -20.04 -35.62
CA PRO B 60 28.20 -21.30 -35.01
C PRO B 60 27.01 -22.13 -34.57
N ASP B 61 27.18 -23.44 -34.67
CA ASP B 61 26.21 -24.44 -34.27
C ASP B 61 26.75 -25.11 -33.01
N SER B 62 27.95 -25.67 -33.12
CA SER B 62 28.50 -26.44 -32.03
C SER B 62 30.04 -26.45 -32.07
N TYR B 63 30.68 -26.68 -30.92
CA TYR B 63 32.13 -26.78 -30.86
C TYR B 63 32.58 -28.06 -30.16
N ASN B 64 33.66 -28.65 -30.66
CA ASN B 64 34.47 -29.58 -29.86
C ASN B 64 35.76 -28.90 -29.43
N VAL B 65 36.05 -28.90 -28.14
CA VAL B 65 37.28 -28.29 -27.71
C VAL B 65 38.02 -29.22 -26.80
N THR B 66 39.29 -29.48 -27.13
CA THR B 66 40.17 -30.27 -26.29
C THR B 66 41.35 -29.44 -25.78
N LEU B 67 41.49 -29.34 -24.45
CA LEU B 67 42.56 -28.56 -23.86
C LEU B 67 43.44 -29.38 -22.92
N ARG B 68 44.73 -29.07 -22.94
CA ARG B 68 45.73 -29.77 -22.16
C ARG B 68 46.68 -28.79 -21.47
N PRO B 69 46.41 -28.44 -20.21
CA PRO B 69 47.32 -27.56 -19.47
C PRO B 69 48.58 -28.31 -19.03
N TYR B 70 49.74 -27.66 -19.08
CA TYR B 70 50.97 -28.24 -18.57
C TYR B 70 51.34 -27.50 -17.31
N LEU B 71 51.17 -28.16 -16.17
CA LEU B 71 51.26 -27.47 -14.87
C LEU B 71 52.70 -27.36 -14.34
N THR B 72 53.67 -27.80 -15.13
CA THR B 72 55.06 -27.51 -14.79
C THR B 72 55.63 -26.67 -15.91
N PRO B 73 56.52 -25.74 -15.57
CA PRO B 73 57.10 -24.85 -16.59
C PRO B 73 58.09 -25.62 -17.46
N ASN B 74 58.26 -25.14 -18.69
CA ASN B 74 59.27 -25.62 -19.64
C ASN B 74 60.60 -24.97 -19.35
N ALA B 75 61.55 -25.04 -20.29
CA ALA B 75 62.84 -24.58 -19.85
C ALA B 75 63.12 -23.15 -20.25
N ASP B 76 62.33 -22.24 -19.67
CA ASP B 76 62.82 -21.03 -19.05
C ASP B 76 61.95 -20.78 -17.83
N GLY B 77 60.85 -20.06 -18.03
CA GLY B 77 59.82 -19.89 -17.03
C GLY B 77 58.41 -20.28 -17.40
N LEU B 78 58.21 -20.83 -18.59
CA LEU B 78 56.90 -20.77 -19.26
C LEU B 78 55.93 -21.90 -18.96
N TYR B 79 54.74 -21.56 -18.48
CA TYR B 79 53.65 -22.54 -18.42
C TYR B 79 52.79 -22.40 -19.64
N ILE B 80 52.45 -23.51 -20.28
CA ILE B 80 51.64 -23.44 -21.48
C ILE B 80 50.46 -24.41 -21.47
N PHE B 81 49.56 -24.23 -22.42
CA PHE B 81 48.52 -25.20 -22.65
C PHE B 81 48.44 -25.45 -24.15
N LYS B 82 48.02 -26.65 -24.51
CA LYS B 82 47.81 -26.99 -25.91
C LYS B 82 46.33 -27.23 -26.13
N GLY B 83 45.87 -27.00 -27.34
CA GLY B 83 44.46 -27.17 -27.61
C GLY B 83 44.23 -27.62 -29.03
N LYS B 84 43.05 -28.18 -29.24
CA LYS B 84 42.60 -28.57 -30.55
C LYS B 84 41.11 -28.28 -30.52
N SER B 85 40.58 -27.72 -31.58
CA SER B 85 39.21 -27.26 -31.57
C SER B 85 38.59 -27.47 -32.93
N ILE B 86 37.30 -27.80 -32.93
CA ILE B 86 36.53 -27.87 -34.17
C ILE B 86 35.21 -27.14 -33.98
N VAL B 87 34.95 -26.15 -34.83
CA VAL B 87 33.66 -25.47 -34.83
C VAL B 87 32.82 -25.94 -36.01
N ARG B 88 31.53 -26.16 -35.77
CA ARG B 88 30.63 -26.40 -36.88
C ARG B 88 29.70 -25.20 -36.99
N PHE B 89 29.72 -24.57 -38.16
CA PHE B 89 28.92 -23.38 -38.39
C PHE B 89 28.13 -23.48 -39.69
N ILE B 90 27.06 -22.70 -39.78
CA ILE B 90 26.24 -22.68 -40.96
C ILE B 90 26.48 -21.36 -41.68
N CYS B 91 26.54 -21.40 -43.00
CA CYS B 91 26.67 -20.18 -43.77
C CYS B 91 25.29 -19.58 -44.01
N GLN B 92 25.08 -18.36 -43.53
CA GLN B 92 23.83 -17.65 -43.75
C GLN B 92 23.79 -16.98 -45.12
N GLU B 93 24.93 -16.42 -45.51
CA GLU B 93 25.06 -15.68 -46.76
C GLU B 93 26.44 -15.88 -47.33
N PRO B 94 26.57 -15.80 -48.66
CA PRO B 94 27.82 -16.15 -49.35
C PRO B 94 28.97 -15.31 -48.84
N THR B 95 30.09 -15.95 -48.55
CA THR B 95 31.30 -15.23 -48.22
C THR B 95 32.52 -16.07 -48.55
N ASP B 96 33.59 -15.41 -49.01
CA ASP B 96 34.87 -16.04 -49.32
C ASP B 96 35.90 -15.89 -48.20
N VAL B 97 35.47 -15.35 -47.05
CA VAL B 97 36.39 -15.21 -45.92
C VAL B 97 35.77 -15.75 -44.64
N ILE B 98 36.59 -16.38 -43.81
CA ILE B 98 36.13 -16.82 -42.50
C ILE B 98 36.84 -16.03 -41.42
N ILE B 99 36.06 -15.41 -40.56
CA ILE B 99 36.59 -14.57 -39.51
C ILE B 99 36.09 -15.04 -38.13
N ILE B 100 37.00 -15.53 -37.29
CA ILE B 100 36.67 -15.88 -35.91
C ILE B 100 37.65 -15.16 -35.00
N HIS B 101 37.30 -15.11 -33.71
CA HIS B 101 38.16 -14.50 -32.72
C HIS B 101 39.27 -15.46 -32.33
N SER B 102 40.46 -14.90 -32.16
CA SER B 102 41.56 -15.62 -31.55
C SER B 102 42.49 -14.59 -30.92
N LYS B 103 43.00 -14.88 -29.72
CA LYS B 103 43.88 -13.93 -29.04
C LYS B 103 45.03 -14.58 -28.30
N LYS B 104 46.25 -14.16 -28.62
CA LYS B 104 47.43 -14.69 -27.93
C LYS B 104 47.57 -16.20 -28.10
N LEU B 105 47.09 -16.71 -29.22
CA LEU B 105 47.19 -18.14 -29.54
C LEU B 105 48.18 -18.36 -30.69
N ASN B 106 49.03 -19.38 -30.55
CA ASN B 106 49.96 -19.77 -31.59
C ASN B 106 49.46 -21.00 -32.31
N TYR B 107 49.47 -20.99 -33.64
CA TYR B 107 48.99 -22.13 -34.40
C TYR B 107 50.09 -23.04 -34.91
N THR B 108 49.85 -24.34 -34.80
CA THR B 108 50.83 -25.37 -35.14
C THR B 108 50.45 -26.09 -36.43
N VAL B 114 44.98 -24.34 -40.36
CA VAL B 114 43.58 -24.66 -40.11
C VAL B 114 43.08 -25.53 -41.24
N VAL B 115 42.02 -26.29 -40.95
CA VAL B 115 41.45 -27.21 -41.93
C VAL B 115 39.97 -26.99 -42.02
N LEU B 116 39.48 -26.79 -43.25
CA LEU B 116 38.07 -26.58 -43.50
C LEU B 116 37.47 -27.82 -44.17
N ARG B 117 36.35 -28.31 -43.64
CA ARG B 117 35.63 -29.44 -44.23
C ARG B 117 34.17 -29.09 -44.41
N GLY B 118 33.57 -29.65 -45.46
CA GLY B 118 32.13 -29.56 -45.60
C GLY B 118 31.49 -30.61 -44.72
N VAL B 119 30.26 -30.35 -44.29
CA VAL B 119 29.51 -31.36 -43.55
C VAL B 119 28.98 -32.40 -44.55
N GLY B 120 29.38 -33.66 -44.36
CA GLY B 120 29.13 -34.67 -45.37
C GLY B 120 29.97 -34.46 -46.62
N ASP B 121 29.65 -35.15 -47.72
CA ASP B 121 30.48 -35.15 -48.93
C ASP B 121 30.57 -33.81 -49.68
N SER B 122 29.83 -32.81 -49.20
CA SER B 122 29.60 -31.56 -49.94
C SER B 122 30.88 -30.79 -50.24
N GLN B 123 30.85 -29.92 -51.26
CA GLN B 123 32.11 -29.32 -51.71
C GLN B 123 32.47 -28.04 -50.96
N VAL B 124 33.77 -27.90 -50.67
CA VAL B 124 34.27 -26.77 -49.90
C VAL B 124 35.35 -26.03 -50.67
N PRO B 125 35.32 -24.69 -50.60
CA PRO B 125 36.41 -23.94 -51.21
C PRO B 125 37.72 -24.34 -50.58
N GLU B 126 38.81 -24.25 -51.33
CA GLU B 126 40.14 -24.42 -50.76
C GLU B 126 40.52 -23.18 -49.95
N ILE B 127 41.49 -23.33 -49.06
CA ILE B 127 42.01 -22.19 -48.31
C ILE B 127 43.15 -21.54 -49.09
N ASP B 128 43.06 -20.24 -49.31
CA ASP B 128 44.12 -19.52 -50.00
C ASP B 128 45.23 -19.18 -49.01
N ARG B 129 44.97 -18.23 -48.12
CA ARG B 129 45.94 -17.89 -47.10
C ARG B 129 45.23 -17.65 -45.77
N THR B 130 46.00 -17.61 -44.70
CA THR B 130 45.45 -17.48 -43.36
C THR B 130 46.31 -16.51 -42.55
N GLU B 131 45.69 -15.48 -41.98
CA GLU B 131 46.47 -14.48 -41.21
C GLU B 131 45.82 -14.17 -39.86
N LEU B 132 46.62 -13.62 -38.95
CA LEU B 132 46.11 -13.11 -37.68
C LEU B 132 46.11 -11.59 -37.69
N VAL B 133 44.95 -11.01 -37.36
CA VAL B 133 44.86 -9.56 -37.18
C VAL B 133 44.74 -9.24 -35.70
N GLU B 134 45.80 -8.66 -35.15
CA GLU B 134 45.95 -8.53 -33.72
C GLU B 134 45.00 -7.52 -33.05
N LEU B 135 44.94 -6.31 -33.59
CA LEU B 135 44.18 -5.24 -32.95
C LEU B 135 42.75 -5.68 -32.72
N THR B 136 42.24 -6.35 -33.73
CA THR B 136 40.83 -6.63 -33.84
C THR B 136 40.59 -8.08 -33.33
N GLU B 137 41.68 -8.75 -32.99
CA GLU B 137 41.66 -10.10 -32.41
C GLU B 137 41.02 -11.20 -33.26
N TYR B 138 41.35 -11.22 -34.54
CA TYR B 138 40.77 -12.18 -35.46
C TYR B 138 41.79 -13.18 -35.96
N LEU B 139 41.31 -14.39 -36.23
CA LEU B 139 42.00 -15.30 -37.10
C LEU B 139 41.20 -15.20 -38.39
N VAL B 140 41.91 -15.01 -39.50
CA VAL B 140 41.22 -14.78 -40.77
C VAL B 140 41.63 -15.82 -41.79
N VAL B 141 40.64 -16.54 -42.30
CA VAL B 141 40.88 -17.54 -43.32
C VAL B 141 40.28 -17.09 -44.65
N HIS B 142 41.17 -16.80 -45.58
CA HIS B 142 40.80 -16.40 -46.94
C HIS B 142 40.62 -17.65 -47.81
N LEU B 143 39.46 -17.74 -48.45
CA LEU B 143 39.12 -18.87 -49.29
C LEU B 143 39.22 -18.56 -50.79
N LYS B 144 39.56 -19.58 -51.59
CA LYS B 144 39.57 -19.47 -53.05
C LYS B 144 38.17 -19.52 -53.69
N GLY B 145 37.15 -19.79 -52.88
CA GLY B 145 35.77 -19.79 -53.35
C GLY B 145 34.81 -19.36 -52.23
N SER B 146 33.54 -19.17 -52.56
CA SER B 146 32.58 -18.75 -51.55
C SER B 146 31.87 -19.93 -50.91
N LEU B 147 31.63 -19.82 -49.61
CA LEU B 147 30.72 -20.73 -48.93
C LEU B 147 29.31 -20.43 -49.42
N GLN B 148 28.41 -21.41 -49.30
CA GLN B 148 27.06 -21.23 -49.82
C GLN B 148 26.03 -21.31 -48.72
N PRO B 149 25.00 -20.47 -48.81
CA PRO B 149 23.97 -20.34 -47.77
C PRO B 149 23.32 -21.68 -47.49
N GLY B 150 23.02 -21.97 -46.23
CA GLY B 150 22.36 -23.22 -45.86
C GLY B 150 23.32 -24.41 -45.71
N HIS B 151 24.56 -24.23 -46.17
CA HIS B 151 25.57 -25.28 -46.01
C HIS B 151 26.28 -25.20 -44.68
N TYR B 153 29.62 -26.26 -42.28
CA TYR B 153 31.04 -26.52 -42.40
C TYR B 153 31.68 -26.74 -41.03
N GLU B 154 32.80 -27.46 -41.03
CA GLU B 154 33.58 -27.68 -39.83
C GLU B 154 35.00 -27.20 -40.05
N GLU B 156 38.84 -26.93 -38.26
CA GLU B 156 39.66 -27.55 -37.24
C GLU B 156 40.99 -26.83 -37.10
N SER B 157 41.49 -26.73 -35.87
CA SER B 157 42.73 -26.02 -35.61
C SER B 157 43.45 -26.59 -34.39
N GLU B 158 44.77 -26.45 -34.38
CA GLU B 158 45.57 -26.79 -33.20
C GLU B 158 46.40 -25.57 -32.83
N PHE B 159 46.65 -25.40 -31.54
CA PHE B 159 47.20 -24.16 -31.06
C PHE B 159 47.79 -24.34 -29.68
N GLN B 160 48.35 -23.28 -29.14
CA GLN B 160 49.11 -23.37 -27.93
C GLN B 160 49.06 -21.97 -27.31
N GLY B 161 49.06 -21.88 -25.99
CA GLY B 161 49.02 -20.58 -25.34
C GLY B 161 49.69 -20.58 -24.00
N GLU B 162 49.95 -19.41 -23.45
CA GLU B 162 50.54 -19.33 -22.14
C GLU B 162 49.46 -19.53 -21.10
N LEU B 163 49.75 -20.30 -20.05
CA LEU B 163 48.89 -20.22 -18.88
C LEU B 163 49.53 -19.17 -18.02
N ALA B 164 49.05 -17.94 -18.18
CA ALA B 164 49.63 -16.78 -17.52
C ALA B 164 49.16 -16.62 -16.08
N ASP B 165 49.87 -15.78 -15.34
CA ASP B 165 49.41 -15.28 -14.03
C ASP B 165 48.45 -14.11 -14.30
N ASP B 166 48.02 -14.07 -15.55
CA ASP B 166 47.01 -13.19 -16.16
C ASP B 166 45.66 -12.93 -15.48
N LEU B 167 45.05 -13.97 -14.92
CA LEU B 167 43.65 -13.93 -14.48
C LEU B 167 42.65 -13.75 -15.63
N ALA B 168 43.05 -14.11 -16.85
CA ALA B 168 42.15 -13.99 -17.99
C ALA B 168 42.34 -15.17 -18.93
N GLY B 169 41.24 -15.60 -19.55
CA GLY B 169 41.29 -16.75 -20.44
C GLY B 169 41.57 -18.00 -19.64
N PHE B 170 42.40 -18.87 -20.20
CA PHE B 170 42.89 -20.04 -19.50
C PHE B 170 44.17 -19.58 -18.79
N TYR B 171 44.21 -19.64 -17.46
CA TYR B 171 45.35 -19.09 -16.71
C TYR B 171 45.69 -19.93 -15.48
N ARG B 172 46.85 -19.70 -14.88
CA ARG B 172 47.26 -20.44 -13.69
C ARG B 172 47.05 -19.66 -12.38
N SER B 173 46.69 -20.39 -11.34
CA SER B 173 46.62 -19.86 -9.99
C SER B 173 47.53 -20.74 -9.16
N GLU B 174 48.08 -20.19 -8.08
CA GLU B 174 49.10 -20.89 -7.34
C GLU B 174 48.83 -20.75 -5.85
N TYR B 175 49.19 -21.75 -5.06
CA TYR B 175 49.04 -21.61 -3.62
C TYR B 175 49.99 -22.54 -2.90
N GLU B 177 50.63 -25.53 0.06
CA GLU B 177 50.12 -26.53 0.97
C GLU B 177 51.30 -27.11 1.73
N GLY B 178 51.35 -26.83 3.03
CA GLY B 178 52.55 -27.11 3.80
C GLY B 178 53.68 -26.31 3.20
N ASN B 179 54.78 -27.00 2.88
CA ASN B 179 55.91 -26.35 2.24
C ASN B 179 55.93 -26.52 0.71
N VAL B 180 54.89 -27.17 0.18
CA VAL B 180 54.86 -27.47 -1.26
C VAL B 180 54.09 -26.42 -2.07
N LYS B 181 54.63 -26.05 -3.22
CA LYS B 181 53.96 -25.11 -4.13
C LYS B 181 53.02 -25.83 -5.07
N LYS B 182 51.76 -25.40 -5.07
CA LYS B 182 50.75 -26.00 -5.93
C LYS B 182 50.34 -25.06 -7.06
N VAL B 183 50.15 -25.61 -8.25
CA VAL B 183 49.62 -24.87 -9.37
C VAL B 183 48.32 -25.48 -9.84
N LEU B 184 47.39 -24.65 -10.27
CA LEU B 184 46.17 -25.15 -10.87
C LEU B 184 45.85 -24.38 -12.15
N ALA B 185 44.98 -24.92 -12.98
CA ALA B 185 44.60 -24.23 -14.20
C ALA B 185 43.10 -23.92 -14.17
N THR B 186 42.74 -22.69 -14.56
CA THR B 186 41.36 -22.19 -14.47
C THR B 186 41.01 -21.19 -15.55
N THR B 187 39.72 -20.91 -15.71
CA THR B 187 39.25 -19.98 -16.72
C THR B 187 38.58 -18.74 -16.15
N GLN B 188 38.76 -17.62 -16.85
CA GLN B 188 37.85 -16.48 -16.75
C GLN B 188 37.60 -15.97 -18.17
N GLN B 190 34.85 -13.80 -19.24
CA GLN B 190 34.03 -12.63 -19.49
C GLN B 190 34.94 -11.42 -19.43
N SER B 191 34.69 -10.44 -20.30
CA SER B 191 33.69 -10.52 -21.36
C SER B 191 34.16 -11.15 -22.66
N THR B 192 35.35 -10.77 -23.11
CA THR B 192 35.97 -11.28 -24.34
C THR B 192 37.15 -12.23 -24.26
N ASP B 193 37.34 -12.99 -23.20
CA ASP B 193 38.54 -13.83 -23.16
C ASP B 193 38.42 -15.30 -23.62
N ALA B 194 37.24 -15.73 -24.02
CA ALA B 194 37.11 -17.07 -24.61
C ALA B 194 38.09 -17.27 -25.79
N ARG B 195 38.23 -16.24 -26.62
CA ARG B 195 39.11 -16.25 -27.78
C ARG B 195 40.56 -16.38 -27.37
N LYS B 196 40.82 -16.28 -26.08
CA LYS B 196 42.18 -16.34 -25.58
C LYS B 196 42.47 -17.77 -25.20
N SER B 197 41.41 -18.58 -25.15
CA SER B 197 41.54 -20.02 -24.89
C SER B 197 41.36 -20.95 -26.09
N PHE B 198 40.69 -20.47 -27.13
CA PHE B 198 40.49 -21.26 -28.34
C PHE B 198 39.75 -20.36 -29.30
N PRO B 199 39.95 -20.60 -30.61
CA PRO B 199 39.28 -19.81 -31.64
C PRO B 199 37.77 -20.00 -31.57
N CYS B 200 37.01 -18.91 -31.52
CA CYS B 200 35.57 -19.01 -31.45
C CYS B 200 34.90 -17.73 -31.92
N PHE B 201 33.60 -17.77 -32.17
CA PHE B 201 32.93 -16.54 -32.52
C PHE B 201 32.50 -16.01 -31.18
N ASP B 202 33.27 -15.05 -30.65
CA ASP B 202 33.15 -14.73 -29.24
C ASP B 202 32.34 -13.45 -29.18
N GLU B 203 31.02 -13.65 -29.20
CA GLU B 203 30.04 -12.59 -28.99
C GLU B 203 28.87 -13.23 -28.29
N PRO B 204 28.28 -12.53 -27.33
CA PRO B 204 27.33 -13.19 -26.43
C PRO B 204 26.07 -13.74 -27.13
N ALA B 205 25.67 -13.18 -28.25
CA ALA B 205 24.42 -13.62 -28.87
C ALA B 205 24.60 -14.85 -29.76
N LYS B 207 25.15 -18.28 -29.85
CA LYS B 207 25.10 -19.31 -28.84
C LYS B 207 25.32 -20.65 -29.49
N ALA B 208 25.98 -21.53 -28.76
CA ALA B 208 26.27 -22.82 -29.34
C ALA B 208 26.34 -23.85 -28.25
N THR B 209 26.50 -25.07 -28.70
CA THR B 209 26.60 -26.20 -27.84
C THR B 209 28.10 -26.53 -27.77
N PHE B 210 28.60 -26.90 -26.59
CA PHE B 210 30.04 -27.16 -26.47
C PHE B 210 30.32 -28.56 -25.97
N ASN B 211 31.19 -29.27 -26.69
CA ASN B 211 31.74 -30.53 -26.20
C ASN B 211 33.18 -30.34 -25.74
N ILE B 212 33.41 -30.41 -24.43
CA ILE B 212 34.73 -30.13 -23.87
C ILE B 212 35.45 -31.40 -23.47
N THR B 213 36.75 -31.45 -23.74
CA THR B 213 37.60 -32.52 -23.25
C THR B 213 38.83 -31.91 -22.59
N LEU B 214 39.17 -32.41 -21.42
CA LEU B 214 40.37 -31.98 -20.72
C LEU B 214 41.35 -33.13 -20.61
N ILE B 215 42.59 -32.87 -20.99
CA ILE B 215 43.65 -33.86 -20.83
C ILE B 215 44.51 -33.40 -19.67
N HIS B 216 44.57 -34.21 -18.63
CA HIS B 216 45.14 -33.78 -17.37
C HIS B 216 45.87 -34.93 -16.69
N PRO B 217 46.74 -34.62 -15.72
CA PRO B 217 47.43 -35.68 -14.99
C PRO B 217 46.45 -36.60 -14.26
N ASN B 218 46.80 -37.89 -14.14
CA ASN B 218 45.95 -38.90 -13.52
C ASN B 218 45.30 -38.46 -12.23
N ASN B 219 46.12 -37.86 -11.36
CA ASN B 219 45.69 -37.64 -10.00
C ASN B 219 45.07 -36.27 -9.77
N LEU B 220 44.87 -35.51 -10.83
CA LEU B 220 44.16 -34.23 -10.72
C LEU B 220 42.71 -34.35 -11.17
N THR B 221 41.84 -33.57 -10.54
CA THR B 221 40.45 -33.54 -10.96
C THR B 221 40.22 -32.52 -12.06
N ALA B 222 39.44 -32.90 -13.06
CA ALA B 222 39.04 -31.99 -14.11
C ALA B 222 37.56 -31.63 -13.98
N LEU B 223 37.26 -30.33 -13.98
CA LEU B 223 35.88 -29.83 -13.86
C LEU B 223 35.49 -29.02 -15.07
N SER B 224 34.23 -29.12 -15.49
CA SER B 224 33.71 -28.23 -16.51
C SER B 224 32.26 -27.85 -16.23
N ASN B 225 31.62 -27.17 -17.18
CA ASN B 225 30.23 -26.77 -17.03
C ASN B 225 29.31 -27.96 -16.73
N PRO B 227 28.64 -32.29 -16.10
CA PRO B 227 29.32 -33.48 -15.58
C PRO B 227 30.00 -34.27 -16.70
N PRO B 228 31.00 -35.11 -16.34
CA PRO B 228 31.73 -36.01 -17.22
C PRO B 228 30.80 -36.96 -17.97
N LYS B 229 31.09 -37.18 -19.24
CA LYS B 229 30.38 -38.14 -20.04
C LYS B 229 31.16 -39.43 -19.86
N GLY B 230 30.53 -40.44 -19.26
CA GLY B 230 31.22 -41.70 -19.00
C GLY B 230 32.48 -41.52 -18.15
N SER B 231 33.48 -42.36 -18.41
CA SER B 231 34.67 -42.39 -17.57
C SER B 231 35.86 -41.73 -18.26
N SER B 232 36.76 -41.17 -17.45
CA SER B 232 38.05 -40.74 -17.97
C SER B 232 38.80 -41.95 -18.51
N THR B 233 39.63 -41.75 -19.53
CA THR B 233 40.45 -42.82 -20.09
C THR B 233 41.91 -42.38 -20.23
N PRO B 234 42.84 -43.32 -20.07
CA PRO B 234 44.25 -42.96 -20.16
C PRO B 234 44.53 -42.32 -21.52
N LEU B 235 45.43 -41.35 -21.55
CA LEU B 235 45.86 -40.78 -22.83
C LEU B 235 46.68 -41.84 -23.55
N ALA B 236 46.36 -42.09 -24.82
CA ALA B 236 47.05 -43.14 -25.58
C ALA B 236 48.58 -43.05 -25.50
N GLU B 237 49.10 -41.85 -25.73
CA GLU B 237 50.55 -41.66 -25.79
C GLU B 237 51.21 -41.71 -24.42
N ASP B 238 50.52 -41.17 -23.40
CA ASP B 238 51.07 -41.10 -22.06
C ASP B 238 50.06 -41.40 -20.95
N PRO B 239 49.97 -42.66 -20.51
CA PRO B 239 48.99 -43.14 -19.53
C PRO B 239 49.05 -42.42 -18.18
N ASN B 240 50.12 -41.67 -17.92
CA ASN B 240 50.14 -40.75 -16.77
C ASN B 240 49.17 -39.57 -16.92
N TRP B 241 48.67 -39.35 -18.14
CA TRP B 241 47.65 -38.34 -18.38
C TRP B 241 46.33 -39.05 -18.64
N SER B 242 45.23 -38.39 -18.29
CA SER B 242 43.88 -38.91 -18.51
C SER B 242 43.08 -38.00 -19.45
N VAL B 243 42.15 -38.59 -20.18
CA VAL B 243 41.29 -37.81 -21.05
C VAL B 243 39.92 -37.81 -20.43
N THR B 244 39.42 -36.62 -20.09
CA THR B 244 38.06 -36.51 -19.54
C THR B 244 37.16 -35.76 -20.49
N GLU B 245 36.10 -36.44 -20.90
CA GLU B 245 35.13 -35.88 -21.84
C GLU B 245 33.90 -35.45 -21.05
N PHE B 246 33.35 -34.29 -21.38
CA PHE B 246 32.18 -33.80 -20.65
C PHE B 246 30.95 -33.85 -21.55
N GLU B 247 29.78 -33.96 -20.92
CA GLU B 247 28.53 -33.98 -21.68
C GLU B 247 28.33 -32.66 -22.41
N THR B 248 27.55 -32.70 -23.48
CA THR B 248 27.27 -31.49 -24.25
C THR B 248 26.61 -30.42 -23.40
N THR B 249 27.04 -29.18 -23.56
CA THR B 249 26.33 -28.09 -22.88
C THR B 249 24.97 -27.86 -23.55
N PRO B 250 24.03 -27.23 -22.83
CA PRO B 250 22.91 -26.62 -23.55
C PRO B 250 23.43 -25.46 -24.40
N VAL B 251 22.60 -24.99 -25.32
CA VAL B 251 22.93 -23.83 -26.14
C VAL B 251 23.36 -22.67 -25.23
N SER B 253 26.34 -19.10 -24.45
CA SER B 253 27.33 -18.12 -24.90
C SER B 253 28.73 -18.60 -24.55
N THR B 254 29.70 -18.28 -25.40
CA THR B 254 31.12 -18.53 -25.11
C THR B 254 31.61 -17.98 -23.76
N TYR B 255 31.12 -16.83 -23.32
CA TYR B 255 31.70 -16.21 -22.13
C TYR B 255 31.34 -16.95 -20.84
N LEU B 256 30.49 -17.97 -20.96
CA LEU B 256 30.09 -18.82 -19.84
C LEU B 256 30.85 -20.16 -19.74
N LEU B 257 31.72 -20.44 -20.70
CA LEU B 257 32.51 -21.67 -20.66
C LEU B 257 33.46 -21.63 -19.47
N ALA B 258 33.65 -22.78 -18.83
CA ALA B 258 34.61 -22.87 -17.73
C ALA B 258 35.21 -24.25 -17.66
N TYR B 259 36.52 -24.31 -17.41
CA TYR B 259 37.19 -25.59 -17.19
C TYR B 259 38.34 -25.44 -16.25
N ILE B 260 38.51 -26.43 -15.38
CA ILE B 260 39.44 -26.30 -14.28
C ILE B 260 40.18 -27.61 -13.99
N VAL B 261 41.49 -27.53 -13.84
CA VAL B 261 42.26 -28.71 -13.47
C VAL B 261 42.94 -28.47 -12.14
N SER B 262 42.68 -29.31 -11.15
CA SER B 262 43.25 -29.05 -9.84
C SER B 262 43.26 -30.27 -8.94
N GLU B 263 43.83 -30.07 -7.76
CA GLU B 263 43.83 -31.02 -6.65
C GLU B 263 42.73 -30.71 -5.64
N PHE B 264 41.82 -29.79 -5.96
CA PHE B 264 40.78 -29.37 -5.02
C PHE B 264 39.86 -30.51 -4.61
N GLN B 265 39.28 -30.41 -3.41
CA GLN B 265 38.17 -31.28 -3.04
C GLN B 265 36.87 -30.53 -2.79
N SER B 266 35.82 -31.29 -2.50
CA SER B 266 34.48 -30.75 -2.35
C SER B 266 33.74 -31.32 -1.15
N VAL B 267 32.73 -30.58 -0.71
CA VAL B 267 31.63 -31.10 0.09
C VAL B 267 30.38 -30.93 -0.78
N ASN B 268 29.43 -31.84 -0.63
CA ASN B 268 28.31 -31.90 -1.57
C ASN B 268 26.96 -32.11 -0.92
N GLU B 269 25.93 -31.66 -1.61
CA GLU B 269 24.56 -31.82 -1.16
C GLU B 269 23.66 -31.79 -2.37
N THR B 270 22.56 -32.52 -2.34
CA THR B 270 21.56 -32.42 -3.39
C THR B 270 20.53 -31.40 -2.93
N ALA B 271 20.13 -30.50 -3.81
CA ALA B 271 19.13 -29.50 -3.47
C ALA B 271 17.73 -30.09 -3.62
N GLN B 272 16.72 -29.30 -3.26
CA GLN B 272 15.34 -29.79 -3.23
C GLN B 272 14.81 -30.08 -4.61
N ASN B 273 15.39 -29.44 -5.60
CA ASN B 273 14.97 -29.64 -6.99
C ASN B 273 15.75 -30.74 -7.71
N GLY B 274 16.59 -31.46 -6.97
CA GLY B 274 17.31 -32.59 -7.53
C GLY B 274 18.70 -32.26 -8.08
N VAL B 275 19.03 -30.98 -8.10
CA VAL B 275 20.30 -30.52 -8.64
C VAL B 275 21.41 -30.83 -7.64
N LEU B 276 22.52 -31.37 -8.13
CA LEU B 276 23.65 -31.65 -7.25
C LEU B 276 24.52 -30.38 -7.01
N ILE B 277 24.74 -30.07 -5.73
CA ILE B 277 25.54 -28.91 -5.34
C ILE B 277 26.86 -29.36 -4.73
N ARG B 278 27.95 -28.82 -5.26
CA ARG B 278 29.24 -29.05 -4.62
C ARG B 278 30.00 -27.75 -4.38
N ILE B 279 30.68 -27.68 -3.25
CA ILE B 279 31.61 -26.60 -2.99
C ILE B 279 33.05 -27.11 -3.11
N TRP B 280 33.77 -26.61 -4.12
CA TRP B 280 35.20 -26.95 -4.31
C TRP B 280 36.16 -25.88 -3.76
N ALA B 281 37.21 -26.32 -3.10
CA ALA B 281 38.26 -25.42 -2.66
C ALA B 281 39.53 -26.22 -2.36
N ARG B 282 40.59 -25.52 -1.97
CA ARG B 282 41.82 -26.15 -1.50
C ARG B 282 41.52 -27.16 -0.41
N PRO B 283 42.20 -28.32 -0.46
CA PRO B 283 41.96 -29.41 0.50
C PRO B 283 42.01 -28.94 1.97
N ASN B 284 42.98 -28.12 2.34
CA ASN B 284 42.99 -27.61 3.70
C ASN B 284 41.77 -26.75 4.06
N ALA B 285 41.24 -26.02 3.09
CA ALA B 285 40.08 -25.17 3.32
C ALA B 285 38.82 -26.01 3.52
N ILE B 286 38.63 -26.99 2.66
CA ILE B 286 37.54 -27.93 2.79
C ILE B 286 37.59 -28.61 4.15
N ALA B 287 38.73 -29.23 4.45
CA ALA B 287 38.91 -29.98 5.70
C ALA B 287 38.68 -29.12 6.94
N GLU B 288 38.96 -27.83 6.84
CA GLU B 288 38.77 -26.94 7.96
C GLU B 288 37.31 -26.50 8.02
N GLY B 289 36.49 -27.00 7.09
CA GLY B 289 35.07 -26.71 7.07
C GLY B 289 34.67 -25.34 6.53
N HIS B 290 35.56 -24.67 5.81
CA HIS B 290 35.30 -23.32 5.32
C HIS B 290 34.25 -23.24 4.22
N GLY B 291 33.88 -24.40 3.66
CA GLY B 291 32.89 -24.43 2.60
C GLY B 291 31.49 -24.73 3.07
N TYR B 293 29.24 -23.07 5.07
CA TYR B 293 28.22 -22.03 5.02
C TYR B 293 27.69 -21.88 3.60
N ALA B 294 28.61 -21.87 2.64
CA ALA B 294 28.24 -21.94 1.22
C ALA B 294 27.34 -23.14 0.91
N LEU B 295 27.60 -24.27 1.54
CA LEU B 295 26.83 -25.46 1.25
C LEU B 295 25.42 -25.32 1.85
N ASN B 296 25.32 -24.61 2.96
CA ASN B 296 24.02 -24.35 3.59
C ASN B 296 23.08 -23.50 2.76
N VAL B 297 23.58 -22.39 2.21
CA VAL B 297 22.72 -21.48 1.48
C VAL B 297 22.53 -21.73 -0.03
N THR B 298 23.43 -22.48 -0.66
CA THR B 298 23.39 -22.56 -2.13
C THR B 298 22.15 -23.25 -2.71
N GLY B 299 21.90 -24.48 -2.31
CA GLY B 299 20.73 -25.21 -2.81
C GLY B 299 19.44 -24.45 -2.55
N PRO B 300 19.21 -24.07 -1.28
CA PRO B 300 18.00 -23.33 -0.90
C PRO B 300 17.82 -22.07 -1.74
N ILE B 301 18.90 -21.39 -2.09
CA ILE B 301 18.77 -20.20 -2.91
C ILE B 301 18.43 -20.58 -4.33
N LEU B 302 19.12 -21.59 -4.84
CA LEU B 302 18.85 -22.09 -6.19
C LEU B 302 17.39 -22.50 -6.34
N ASN B 303 16.85 -23.13 -5.31
CA ASN B 303 15.50 -23.63 -5.33
C ASN B 303 14.49 -22.49 -5.20
N PHE B 304 14.84 -21.50 -4.39
CA PHE B 304 14.01 -20.34 -4.23
C PHE B 304 13.80 -19.68 -5.57
N PHE B 305 14.88 -19.49 -6.32
CA PHE B 305 14.81 -18.81 -7.61
C PHE B 305 13.96 -19.59 -8.61
N ALA B 306 14.13 -20.92 -8.65
CA ALA B 306 13.36 -21.75 -9.59
C ALA B 306 11.84 -21.58 -9.37
N ASN B 307 11.43 -21.67 -8.12
CA ASN B 307 10.05 -21.41 -7.73
C ASN B 307 9.58 -19.98 -7.94
N HIS B 308 10.36 -19.00 -7.50
CA HIS B 308 9.97 -17.61 -7.58
C HIS B 308 9.71 -17.21 -9.03
N TYR B 309 10.55 -17.70 -9.94
CA TYR B 309 10.38 -17.37 -11.35
C TYR B 309 9.70 -18.44 -12.16
N ASN B 310 9.22 -19.47 -11.47
CA ASN B 310 8.53 -20.56 -12.15
C ASN B 310 9.35 -21.05 -13.36
N THR B 311 10.67 -21.13 -13.19
CA THR B 311 11.53 -21.62 -14.26
C THR B 311 12.55 -22.51 -13.62
N SER B 312 12.59 -23.76 -14.06
CA SER B 312 13.46 -24.73 -13.43
C SER B 312 14.90 -24.54 -13.91
N TYR B 313 15.85 -24.88 -13.04
CA TYR B 313 17.23 -24.88 -13.40
C TYR B 313 17.51 -26.16 -14.19
N PRO B 314 17.90 -26.01 -15.47
CA PRO B 314 18.02 -27.08 -16.49
C PRO B 314 19.19 -28.07 -16.32
N LEU B 315 20.30 -27.67 -15.71
CA LEU B 315 21.48 -28.55 -15.58
C LEU B 315 21.38 -29.56 -14.44
N PRO B 316 22.12 -30.67 -14.55
CA PRO B 316 22.16 -31.70 -13.50
C PRO B 316 22.87 -31.24 -12.22
N LYS B 317 23.87 -30.40 -12.36
CA LYS B 317 24.61 -29.94 -11.19
C LYS B 317 25.02 -28.49 -11.28
N SER B 318 25.36 -27.91 -10.13
CA SER B 318 25.93 -26.58 -10.04
C SER B 318 27.13 -26.65 -9.10
N ASP B 319 28.32 -26.45 -9.63
CA ASP B 319 29.54 -26.46 -8.81
C ASP B 319 29.94 -25.05 -8.42
N GLN B 320 30.30 -24.85 -7.16
CA GLN B 320 30.87 -23.59 -6.70
C GLN B 320 32.32 -23.86 -6.31
N ILE B 321 33.23 -23.14 -6.95
CA ILE B 321 34.64 -23.33 -6.66
C ILE B 321 35.33 -22.02 -6.20
N ALA B 322 36.11 -22.14 -5.13
CA ALA B 322 36.88 -21.01 -4.59
C ALA B 322 38.32 -21.00 -5.13
N LEU B 323 38.65 -19.97 -5.89
CA LEU B 323 39.99 -19.81 -6.48
C LEU B 323 40.90 -18.84 -5.74
N PRO B 324 42.15 -19.27 -5.47
CA PRO B 324 43.18 -18.45 -4.81
C PRO B 324 43.58 -17.24 -5.65
N ASP B 325 43.45 -17.36 -6.97
CA ASP B 325 43.74 -16.23 -7.86
C ASP B 325 42.56 -15.98 -8.80
N PHE B 326 41.90 -14.83 -8.61
CA PHE B 326 40.70 -14.52 -9.38
C PHE B 326 40.51 -13.01 -9.50
N ASN B 327 40.12 -12.54 -10.67
CA ASN B 327 40.03 -11.11 -10.91
C ASN B 327 38.85 -10.40 -10.23
N ALA B 328 37.62 -10.87 -10.49
CA ALA B 328 36.43 -10.25 -9.92
C ALA B 328 36.05 -10.91 -8.60
N GLY B 329 34.88 -10.57 -8.05
CA GLY B 329 34.38 -11.26 -6.87
C GLY B 329 33.99 -12.71 -7.20
N ALA B 330 33.38 -12.89 -8.37
CA ALA B 330 32.82 -14.18 -8.75
C ALA B 330 32.37 -14.11 -10.19
N GLU B 332 29.76 -16.21 -13.18
CA GLU B 332 28.54 -17.04 -13.25
C GLU B 332 28.48 -18.25 -14.13
N ASN B 333 29.62 -18.75 -14.58
CA ASN B 333 29.65 -19.80 -15.59
C ASN B 333 28.66 -20.89 -15.30
N TRP B 334 27.82 -21.19 -16.28
CA TRP B 334 26.70 -22.11 -16.11
C TRP B 334 27.21 -23.51 -15.71
N GLY B 335 26.74 -23.98 -14.56
CA GLY B 335 27.06 -25.29 -14.04
C GLY B 335 28.33 -25.28 -13.22
N LEU B 336 29.22 -24.33 -13.47
CA LEU B 336 30.43 -24.22 -12.66
C LEU B 336 30.72 -22.76 -12.29
N VAL B 337 30.42 -22.36 -11.07
CA VAL B 337 30.54 -20.96 -10.68
C VAL B 337 31.85 -20.75 -9.93
N THR B 338 32.59 -19.72 -10.33
CA THR B 338 33.89 -19.46 -9.75
C THR B 338 33.83 -18.24 -8.86
N TYR B 339 34.53 -18.32 -7.73
CA TYR B 339 34.57 -17.24 -6.75
C TYR B 339 36.00 -16.97 -6.30
N ARG B 340 36.27 -15.74 -5.89
CA ARG B 340 37.41 -15.47 -5.02
C ARG B 340 37.14 -16.19 -3.73
N GLU B 341 38.19 -16.62 -3.06
CA GLU B 341 38.02 -17.30 -1.78
C GLU B 341 37.22 -16.44 -0.81
N ASN B 342 37.41 -15.12 -0.83
CA ASN B 342 36.69 -14.27 0.12
C ASN B 342 35.20 -14.06 -0.19
N ALA B 343 34.77 -14.51 -1.37
CA ALA B 343 33.36 -14.46 -1.73
C ALA B 343 32.63 -15.78 -1.55
N LEU B 344 33.34 -16.82 -1.16
CA LEU B 344 32.77 -18.18 -1.08
C LEU B 344 33.01 -18.81 0.29
N LEU B 345 34.27 -18.84 0.68
CA LEU B 345 34.72 -19.43 1.92
C LEU B 345 34.33 -18.61 3.15
N PHE B 346 34.01 -19.31 4.24
CA PHE B 346 33.68 -18.66 5.50
C PHE B 346 34.19 -19.45 6.68
N ASP B 347 34.86 -18.77 7.61
CA ASP B 347 35.25 -19.39 8.86
C ASP B 347 34.53 -18.72 10.01
N PRO B 348 33.57 -19.43 10.62
CA PRO B 348 32.73 -18.87 11.69
C PRO B 348 33.59 -18.46 12.87
N GLN B 349 34.82 -18.96 12.91
CA GLN B 349 35.78 -18.56 13.92
C GLN B 349 36.38 -17.17 13.70
N SER B 350 37.10 -17.03 12.60
CA SER B 350 37.82 -15.80 12.30
C SER B 350 37.14 -14.84 11.30
N SER B 351 35.97 -15.20 10.79
CA SER B 351 35.33 -14.33 9.80
C SER B 351 34.35 -13.33 10.40
N SER B 352 34.37 -12.14 9.83
CA SER B 352 33.48 -11.06 10.21
C SER B 352 32.03 -11.28 9.77
N ILE B 353 31.12 -10.53 10.38
CA ILE B 353 29.72 -10.55 9.99
C ILE B 353 29.56 -9.97 8.58
N SER B 354 30.39 -8.99 8.25
CA SER B 354 30.44 -8.43 6.88
C SER B 354 30.89 -9.49 5.89
N ASN B 355 31.87 -10.29 6.28
CA ASN B 355 32.35 -11.36 5.43
C ASN B 355 31.21 -12.31 5.12
N LYS B 356 30.42 -12.60 6.15
CA LYS B 356 29.32 -13.55 6.04
C LYS B 356 28.26 -13.01 5.09
N GLU B 357 27.87 -11.76 5.30
CA GLU B 357 26.88 -11.13 4.43
C GLU B 357 27.38 -11.12 2.99
N ARG B 358 28.68 -10.92 2.81
CA ARG B 358 29.29 -10.96 1.49
C ARG B 358 29.15 -12.33 0.81
N VAL B 359 29.30 -13.41 1.58
CA VAL B 359 29.16 -14.74 0.99
C VAL B 359 27.75 -15.06 0.47
N VAL B 360 26.70 -14.90 1.28
CA VAL B 360 25.35 -15.19 0.76
C VAL B 360 25.00 -14.30 -0.42
N THR B 361 25.40 -13.05 -0.33
CA THR B 361 25.07 -12.03 -1.30
C THR B 361 25.73 -12.29 -2.65
N VAL B 362 27.00 -12.68 -2.63
CA VAL B 362 27.69 -12.98 -3.86
C VAL B 362 27.17 -14.30 -4.44
N ILE B 363 26.88 -15.26 -3.59
CA ILE B 363 26.30 -16.52 -4.07
C ILE B 363 24.93 -16.29 -4.72
N ALA B 364 24.07 -15.54 -4.03
CA ALA B 364 22.73 -15.22 -4.55
C ALA B 364 22.85 -14.51 -5.88
N HIS B 365 23.87 -13.65 -5.99
CA HIS B 365 24.04 -12.86 -7.20
C HIS B 365 24.43 -13.77 -8.33
N GLU B 366 25.33 -14.70 -8.05
CA GLU B 366 25.79 -15.64 -9.07
C GLU B 366 24.72 -16.60 -9.54
N LEU B 367 23.95 -17.13 -8.59
CA LEU B 367 22.79 -17.98 -8.90
C LEU B 367 21.75 -17.25 -9.76
N ALA B 368 21.52 -15.99 -9.45
CA ALA B 368 20.54 -15.22 -10.21
C ALA B 368 20.89 -15.20 -11.70
N HIS B 369 22.19 -15.13 -11.98
CA HIS B 369 22.67 -15.14 -13.36
C HIS B 369 22.36 -16.43 -14.11
N GLN B 370 22.15 -17.53 -13.38
CA GLN B 370 21.77 -18.77 -14.04
C GLN B 370 20.48 -18.55 -14.85
N TRP B 371 19.64 -17.64 -14.35
CA TRP B 371 18.44 -17.24 -15.06
C TRP B 371 18.72 -16.02 -15.91
N PHE B 372 19.13 -14.93 -15.25
CA PHE B 372 19.34 -13.70 -15.97
C PHE B 372 20.78 -13.58 -16.40
N GLY B 373 20.96 -13.78 -17.71
CA GLY B 373 22.24 -13.81 -18.38
C GLY B 373 22.72 -15.16 -18.88
N ASN B 374 22.30 -16.25 -18.26
CA ASN B 374 22.70 -17.58 -18.74
C ASN B 374 21.60 -18.22 -19.54
N LEU B 375 20.47 -18.45 -18.89
CA LEU B 375 19.32 -18.98 -19.59
C LEU B 375 18.88 -17.99 -20.66
N VAL B 376 18.85 -16.72 -20.29
CA VAL B 376 18.50 -15.65 -21.23
C VAL B 376 19.65 -14.67 -21.27
N THR B 377 20.14 -14.39 -22.48
CA THR B 377 21.34 -13.59 -22.62
C THR B 377 21.07 -12.24 -23.29
N LEU B 378 21.81 -11.22 -22.89
CA LEU B 378 21.68 -9.95 -23.60
C LEU B 378 22.16 -10.17 -25.04
N ALA B 379 21.62 -9.38 -25.96
CA ALA B 379 21.94 -9.50 -27.37
C ALA B 379 23.31 -8.91 -27.64
N TRP B 380 23.67 -7.89 -26.86
CA TRP B 380 24.99 -7.25 -26.95
C TRP B 380 25.29 -6.41 -25.70
N TRP B 381 26.56 -6.07 -25.49
CA TRP B 381 27.02 -5.45 -24.25
C TRP B 381 26.43 -4.07 -23.89
N ASN B 382 25.88 -3.36 -24.86
CA ASN B 382 25.29 -2.05 -24.58
C ASN B 382 24.08 -2.19 -23.65
N ASP B 383 23.58 -3.41 -23.59
CA ASP B 383 22.44 -3.80 -22.75
C ASP B 383 22.79 -4.45 -21.39
N LEU B 384 24.04 -4.34 -20.97
CA LEU B 384 24.57 -5.12 -19.86
C LEU B 384 23.63 -5.23 -18.65
N TRP B 385 22.86 -4.18 -18.38
CA TRP B 385 22.04 -4.17 -17.17
C TRP B 385 20.93 -5.25 -17.15
N LEU B 386 20.56 -5.76 -18.31
CA LEU B 386 19.61 -6.88 -18.38
C LEU B 386 20.15 -8.13 -17.67
N ASN B 387 21.46 -8.27 -17.64
CA ASN B 387 22.09 -9.28 -16.83
C ASN B 387 22.35 -8.76 -15.42
N GLU B 388 23.16 -7.70 -15.35
CA GLU B 388 23.77 -7.28 -14.11
C GLU B 388 22.82 -6.55 -13.17
N GLY B 389 22.00 -5.67 -13.73
CA GLY B 389 21.03 -4.99 -12.90
C GLY B 389 20.10 -6.01 -12.27
N PHE B 390 19.67 -6.98 -13.07
CA PHE B 390 18.74 -7.98 -12.56
C PHE B 390 19.34 -8.84 -11.48
N ALA B 391 20.56 -9.34 -11.71
CA ALA B 391 21.21 -10.16 -10.71
C ALA B 391 21.47 -9.35 -9.45
N SER B 392 21.77 -8.07 -9.64
CA SER B 392 22.10 -7.21 -8.51
C SER B 392 20.90 -6.95 -7.63
N TYR B 393 19.72 -6.89 -8.25
CA TYR B 393 18.47 -6.75 -7.49
C TYR B 393 18.00 -8.08 -6.89
N VAL B 394 17.96 -9.13 -7.72
CA VAL B 394 17.46 -10.41 -7.23
C VAL B 394 18.39 -11.06 -6.22
N GLU B 395 19.66 -10.65 -6.20
CA GLU B 395 20.57 -11.20 -5.20
C GLU B 395 19.98 -10.95 -3.81
N TYR B 396 19.28 -9.83 -3.65
CA TYR B 396 18.74 -9.49 -2.34
C TYR B 396 17.54 -10.36 -1.99
N LEU B 397 16.69 -10.63 -2.97
CA LEU B 397 15.60 -11.57 -2.75
C LEU B 397 16.19 -12.89 -2.28
N GLY B 398 17.13 -13.44 -3.05
CA GLY B 398 17.70 -14.73 -2.72
C GLY B 398 18.34 -14.73 -1.34
N ALA B 399 19.09 -13.68 -1.05
CA ALA B 399 19.84 -13.64 0.20
C ALA B 399 18.89 -13.52 1.40
N ASP B 400 17.86 -12.69 1.24
CA ASP B 400 16.82 -12.56 2.25
C ASP B 400 16.20 -13.91 2.60
N HIS B 401 15.96 -14.74 1.59
CA HIS B 401 15.37 -16.05 1.82
C HIS B 401 16.30 -16.97 2.63
N ALA B 402 17.60 -16.89 2.37
CA ALA B 402 18.53 -17.73 3.10
C ALA B 402 18.82 -17.17 4.50
N GLU B 403 18.64 -15.86 4.67
CA GLU B 403 18.92 -15.21 5.95
C GLU B 403 17.81 -14.25 6.32
N PRO B 404 16.64 -14.81 6.68
CA PRO B 404 15.39 -14.05 6.84
C PRO B 404 15.40 -13.09 8.02
N THR B 405 16.31 -13.28 8.97
CA THR B 405 16.32 -12.43 10.15
C THR B 405 17.28 -11.25 10.04
N TRP B 406 18.03 -11.18 8.95
CA TRP B 406 18.96 -10.07 8.74
C TRP B 406 18.31 -8.78 8.22
N ASN B 407 17.22 -8.91 7.47
CA ASN B 407 16.63 -7.76 6.78
C ASN B 407 17.57 -7.15 5.75
N LEU B 408 18.25 -8.03 5.02
CA LEU B 408 19.16 -7.64 3.96
C LEU B 408 18.57 -6.62 2.99
N LYS B 409 17.33 -6.81 2.57
CA LYS B 409 16.79 -6.03 1.47
C LYS B 409 17.11 -4.54 1.61
N ASP B 410 17.07 -4.04 2.83
CA ASP B 410 17.40 -2.64 3.09
C ASP B 410 18.81 -2.23 2.64
N LEU B 411 19.77 -3.15 2.68
CA LEU B 411 21.14 -2.81 2.32
C LEU B 411 21.28 -2.31 0.89
N ILE B 412 20.29 -2.61 0.06
CA ILE B 412 20.37 -2.16 -1.32
C ILE B 412 20.45 -0.63 -1.39
N VAL B 413 19.91 0.06 -0.38
CA VAL B 413 19.85 1.52 -0.39
C VAL B 413 21.22 2.23 -0.26
N PRO B 414 21.95 1.97 0.83
CA PRO B 414 23.31 2.49 0.87
C PRO B 414 24.24 1.76 -0.12
N GLY B 415 23.95 0.49 -0.38
CA GLY B 415 24.86 -0.36 -1.13
C GLY B 415 24.78 -0.22 -2.64
N ASP B 416 23.64 0.22 -3.15
CA ASP B 416 23.46 0.40 -4.59
C ASP B 416 23.01 1.81 -4.93
N VAL B 417 21.85 2.20 -4.43
CA VAL B 417 21.22 3.48 -4.74
C VAL B 417 22.16 4.68 -4.57
N TYR B 418 22.60 4.94 -3.35
CA TYR B 418 23.42 6.13 -3.09
C TYR B 418 24.87 6.02 -3.55
N ARG B 419 25.35 4.80 -3.76
CA ARG B 419 26.69 4.64 -4.28
C ARG B 419 26.75 5.18 -5.71
N VAL B 420 25.75 4.83 -6.52
CA VAL B 420 25.77 5.16 -7.94
C VAL B 420 25.37 6.61 -8.23
N ALA B 422 26.24 9.36 -6.80
CA ALA B 422 27.43 10.20 -6.86
C ALA B 422 28.00 10.25 -8.28
N VAL B 423 28.08 9.09 -8.92
CA VAL B 423 28.62 9.00 -10.26
C VAL B 423 27.60 9.38 -11.35
N ASP B 424 26.35 8.99 -11.15
CA ASP B 424 25.32 9.24 -12.15
C ASP B 424 24.91 10.71 -12.25
N ALA B 425 25.45 11.57 -11.38
CA ALA B 425 25.15 12.99 -11.40
C ALA B 425 26.17 13.78 -12.23
N LEU B 426 27.14 13.08 -12.82
CA LEU B 426 28.10 13.69 -13.73
C LEU B 426 27.51 13.87 -15.11
N ALA B 427 27.95 14.89 -15.84
CA ALA B 427 27.53 15.07 -17.22
C ALA B 427 28.16 14.03 -18.12
N SER B 428 29.24 13.41 -17.65
CA SER B 428 29.95 12.39 -18.41
C SER B 428 29.42 10.99 -18.14
N SER B 429 28.31 10.91 -17.39
CA SER B 429 27.72 9.62 -17.10
C SER B 429 27.07 9.06 -18.37
N HIS B 430 26.52 7.84 -18.29
CA HIS B 430 25.87 7.25 -19.45
C HIS B 430 24.57 6.57 -19.06
N PRO B 431 23.60 6.51 -19.98
CA PRO B 431 22.36 5.81 -19.64
C PRO B 431 22.56 4.29 -19.52
N LEU B 432 21.65 3.64 -18.83
CA LEU B 432 21.71 2.20 -18.65
C LEU B 432 21.93 1.49 -19.98
N THR B 433 21.14 1.87 -20.96
CA THR B 433 21.27 1.30 -22.28
C THR B 433 21.89 2.31 -23.21
N THR B 434 23.15 2.10 -23.54
CA THR B 434 23.83 2.94 -24.50
C THR B 434 23.50 2.43 -25.91
N PRO B 435 23.73 3.25 -26.94
CA PRO B 435 23.43 2.76 -28.29
C PRO B 435 24.45 1.70 -28.73
N ALA B 436 23.96 0.64 -29.40
CA ALA B 436 24.79 -0.50 -29.72
C ALA B 436 26.09 -0.12 -30.43
N GLU B 437 25.98 0.76 -31.43
CA GLU B 437 27.11 1.08 -32.29
C GLU B 437 28.18 1.89 -31.56
N GLU B 438 27.90 2.27 -30.32
CA GLU B 438 28.90 2.98 -29.53
C GLU B 438 29.78 2.06 -28.68
N VAL B 439 29.38 0.80 -28.56
CA VAL B 439 30.19 -0.20 -27.85
C VAL B 439 30.81 -1.16 -28.86
N ASN B 440 32.12 -1.03 -29.05
CA ASN B 440 32.81 -1.80 -30.08
C ASN B 440 34.05 -2.54 -29.61
N THR B 441 35.03 -1.80 -29.09
CA THR B 441 36.30 -2.34 -28.68
C THR B 441 36.19 -3.03 -27.33
N PRO B 442 37.09 -3.98 -27.09
CA PRO B 442 37.21 -4.70 -25.81
C PRO B 442 37.25 -3.75 -24.61
N ALA B 443 37.95 -2.64 -24.73
CA ALA B 443 38.04 -1.68 -23.64
C ALA B 443 36.70 -1.00 -23.39
N GLN B 444 35.97 -0.69 -24.45
CA GLN B 444 34.67 -0.06 -24.29
C GLN B 444 33.72 -1.05 -23.63
N ILE B 445 33.89 -2.33 -23.95
CA ILE B 445 33.06 -3.36 -23.38
C ILE B 445 33.34 -3.46 -21.87
N SER B 446 34.62 -3.53 -21.51
CA SER B 446 34.99 -3.56 -20.10
C SER B 446 34.44 -2.36 -19.34
N GLU B 447 34.28 -1.23 -20.03
CA GLU B 447 33.82 -0.01 -19.38
C GLU B 447 32.35 -0.07 -19.02
N PHE B 449 31.13 -2.38 -17.48
CA PHE B 449 30.97 -3.10 -16.23
C PHE B 449 31.36 -2.13 -15.13
N ASP B 450 30.43 -1.23 -14.86
CA ASP B 450 30.65 -0.09 -13.98
C ASP B 450 29.44 0.00 -13.07
N SER B 451 29.43 0.99 -12.20
CA SER B 451 28.39 1.06 -11.19
C SER B 451 27.02 1.40 -11.78
N ILE B 452 26.99 1.99 -12.96
CA ILE B 452 25.73 2.26 -13.63
C ILE B 452 25.01 0.96 -13.96
N SER B 453 25.64 0.09 -14.74
CA SER B 453 25.02 -1.19 -15.10
C SER B 453 24.63 -2.07 -13.89
N TYR B 454 25.44 -2.04 -12.83
CA TYR B 454 25.12 -2.83 -11.65
C TYR B 454 24.13 -2.15 -10.72
N SER B 455 24.57 -1.05 -10.11
CA SER B 455 23.79 -0.44 -9.04
C SER B 455 22.58 0.37 -9.53
N LYS B 456 22.72 1.06 -10.65
CA LYS B 456 21.59 1.83 -11.15
C LYS B 456 20.55 0.86 -11.68
N GLY B 457 21.01 -0.16 -12.40
CA GLY B 457 20.14 -1.24 -12.82
C GLY B 457 19.35 -1.82 -11.65
N ALA B 458 20.03 -2.20 -10.58
CA ALA B 458 19.33 -2.70 -9.40
C ALA B 458 18.30 -1.68 -8.88
N SER B 459 18.71 -0.43 -8.79
CA SER B 459 17.86 0.63 -8.25
C SER B 459 16.58 0.77 -9.04
N VAL B 460 16.74 0.89 -10.34
CA VAL B 460 15.65 1.14 -11.24
C VAL B 460 14.69 -0.07 -11.25
N ILE B 461 15.26 -1.27 -11.14
CA ILE B 461 14.46 -2.46 -11.09
C ILE B 461 13.71 -2.54 -9.76
N ARG B 462 14.33 -2.10 -8.68
CA ARG B 462 13.64 -2.14 -7.39
C ARG B 462 12.43 -1.20 -7.42
N LEU B 464 10.78 -0.44 -10.23
CA LEU B 464 9.80 -1.07 -11.11
C LEU B 464 9.04 -2.16 -10.34
N SER B 465 9.79 -3.02 -9.66
CA SER B 465 9.15 -4.03 -8.80
C SER B 465 8.19 -3.40 -7.80
N ASN B 466 8.62 -2.32 -7.15
CA ASN B 466 7.81 -1.73 -6.11
C ASN B 466 6.48 -1.16 -6.63
N PHE B 467 6.46 -0.53 -7.79
CA PHE B 467 5.19 0.01 -8.29
C PHE B 467 4.36 -1.02 -9.08
N LEU B 468 4.99 -2.12 -9.50
CA LEU B 468 4.24 -3.25 -10.01
C LEU B 468 3.75 -4.22 -8.93
N THR B 469 4.32 -4.21 -7.73
CA THR B 469 4.17 -5.41 -6.88
C THR B 469 4.90 -6.66 -7.38
N GLU B 470 5.99 -7.03 -6.71
CA GLU B 470 6.76 -8.21 -7.11
C GLU B 470 5.91 -9.41 -7.59
N ASP B 471 4.77 -9.66 -6.96
CA ASP B 471 3.83 -10.67 -7.47
C ASP B 471 3.46 -10.50 -8.94
N LEU B 472 3.16 -9.27 -9.32
CA LEU B 472 2.90 -8.99 -10.73
C LEU B 472 4.21 -9.02 -11.54
N PHE B 473 5.24 -8.40 -10.99
CA PHE B 473 6.54 -8.34 -11.63
C PHE B 473 7.06 -9.74 -11.96
N LYS B 474 7.02 -10.63 -10.98
CA LYS B 474 7.58 -11.96 -11.18
C LYS B 474 6.83 -12.76 -12.24
N GLU B 475 5.52 -12.53 -12.39
CA GLU B 475 4.77 -13.13 -13.49
C GLU B 475 5.27 -12.67 -14.85
N GLY B 476 5.37 -11.36 -15.02
CA GLY B 476 5.94 -10.80 -16.24
C GLY B 476 7.29 -11.43 -16.56
N LEU B 477 8.12 -11.59 -15.55
CA LEU B 477 9.48 -12.11 -15.72
C LEU B 477 9.54 -13.59 -16.09
N ALA B 478 8.62 -14.38 -15.53
CA ALA B 478 8.53 -15.80 -15.84
C ALA B 478 8.12 -15.97 -17.31
N SER B 479 7.25 -15.08 -17.76
CA SER B 479 6.82 -15.09 -19.15
C SER B 479 7.99 -14.77 -20.07
N TYR B 480 8.76 -13.75 -19.71
CA TYR B 480 9.96 -13.34 -20.42
C TYR B 480 11.03 -14.44 -20.49
N LEU B 481 11.26 -15.11 -19.37
CA LEU B 481 12.23 -16.22 -19.33
C LEU B 481 11.82 -17.39 -20.21
N HIS B 482 10.56 -17.77 -20.16
CA HIS B 482 10.07 -18.91 -20.94
C HIS B 482 10.13 -18.59 -22.42
N ALA B 483 9.76 -17.37 -22.76
CA ALA B 483 9.75 -16.91 -24.14
C ALA B 483 11.17 -16.87 -24.71
N PHE B 484 12.12 -16.36 -23.94
CA PHE B 484 13.47 -16.15 -24.45
C PHE B 484 14.55 -17.18 -24.07
N ALA B 485 14.14 -18.25 -23.39
CA ALA B 485 15.10 -19.27 -22.96
C ALA B 485 16.04 -19.73 -24.10
N TYR B 486 17.32 -19.82 -23.78
CA TYR B 486 18.36 -20.24 -24.74
C TYR B 486 18.48 -19.32 -25.93
N GLN B 487 18.07 -18.06 -25.75
CA GLN B 487 18.16 -17.05 -26.79
C GLN B 487 18.64 -15.73 -26.22
N ASN B 488 18.56 -14.68 -27.01
CA ASN B 488 19.04 -13.40 -26.57
C ASN B 488 17.93 -12.34 -26.59
N THR B 489 18.09 -11.27 -25.82
CA THR B 489 17.04 -10.26 -25.71
C THR B 489 17.57 -8.84 -25.77
N THR B 490 16.64 -7.91 -25.98
CA THR B 490 16.90 -6.50 -25.83
C THR B 490 15.88 -6.00 -24.82
N TYR B 491 16.10 -4.81 -24.28
CA TYR B 491 15.19 -4.21 -23.31
C TYR B 491 13.73 -4.16 -23.76
N LEU B 492 13.49 -4.02 -25.07
CA LEU B 492 12.12 -3.99 -25.59
C LEU B 492 11.34 -5.29 -25.34
N ASP B 493 12.05 -6.41 -25.36
CA ASP B 493 11.42 -7.70 -25.09
C ASP B 493 11.00 -7.76 -23.64
N LEU B 494 11.77 -7.12 -22.79
CA LEU B 494 11.44 -7.09 -21.38
C LEU B 494 10.12 -6.34 -21.16
N TRP B 495 10.03 -5.10 -21.65
CA TRP B 495 8.84 -4.30 -21.38
C TRP B 495 7.58 -5.03 -21.89
N GLU B 496 7.66 -5.62 -23.07
CA GLU B 496 6.46 -6.19 -23.68
C GLU B 496 5.90 -7.30 -22.79
N HIS B 497 6.77 -8.06 -22.14
CA HIS B 497 6.27 -9.12 -21.26
C HIS B 497 5.75 -8.60 -19.92
N LEU B 498 6.37 -7.57 -19.40
CA LEU B 498 5.83 -6.94 -18.21
C LEU B 498 4.47 -6.34 -18.56
N GLN B 499 4.37 -5.70 -19.73
CA GLN B 499 3.12 -5.12 -20.17
C GLN B 499 2.01 -6.15 -20.25
N LYS B 500 2.34 -7.33 -20.79
CA LYS B 500 1.38 -8.41 -20.94
C LYS B 500 0.78 -8.77 -19.57
N ALA B 501 1.64 -9.01 -18.59
CA ALA B 501 1.17 -9.33 -17.26
C ALA B 501 0.28 -8.21 -16.66
N VAL B 502 0.69 -6.96 -16.83
CA VAL B 502 -0.12 -5.84 -16.35
C VAL B 502 -1.52 -5.83 -17.01
N ASP B 503 -1.55 -6.03 -18.32
CA ASP B 503 -2.79 -6.05 -19.11
C ASP B 503 -3.78 -7.14 -18.68
N ALA B 504 -3.24 -8.25 -18.17
CA ALA B 504 -4.05 -9.43 -17.85
C ALA B 504 -4.71 -9.26 -16.49
N GLN B 505 -4.57 -8.07 -15.93
CA GLN B 505 -4.87 -7.84 -14.53
C GLN B 505 -5.55 -6.48 -14.35
N THR B 506 -6.07 -6.22 -13.15
CA THR B 506 -6.91 -5.04 -12.88
C THR B 506 -6.41 -4.13 -11.74
N SER B 507 -6.20 -4.70 -10.56
CA SER B 507 -5.85 -3.94 -9.36
C SER B 507 -4.73 -2.87 -9.51
N ILE B 508 -3.65 -3.18 -10.22
CA ILE B 508 -2.64 -2.15 -10.47
C ILE B 508 -2.84 -1.39 -11.78
N ARG B 509 -2.76 -0.08 -11.65
CA ARG B 509 -3.02 0.84 -12.74
C ARG B 509 -1.81 1.73 -12.91
N LEU B 510 -1.35 1.91 -14.14
CA LEU B 510 -0.21 2.78 -14.39
C LEU B 510 -0.68 4.03 -15.12
N PRO B 511 0.03 5.16 -14.93
CA PRO B 511 -0.31 6.38 -15.67
C PRO B 511 0.01 6.25 -17.15
N ASP B 512 0.84 5.27 -17.49
CA ASP B 512 1.19 5.02 -18.88
C ASP B 512 1.59 3.56 -19.04
N THR B 513 2.01 3.20 -20.25
CA THR B 513 2.54 1.87 -20.51
C THR B 513 3.89 1.71 -19.79
N VAL B 514 4.23 0.46 -19.49
CA VAL B 514 5.51 0.14 -18.87
C VAL B 514 6.68 0.73 -19.65
N ARG B 515 6.60 0.66 -20.97
CA ARG B 515 7.67 1.12 -21.84
C ARG B 515 7.82 2.64 -21.76
N ALA B 516 6.71 3.38 -21.75
CA ALA B 516 6.81 4.84 -21.65
C ALA B 516 7.52 5.25 -20.36
N ILE B 517 7.20 4.58 -19.27
CA ILE B 517 7.85 4.85 -18.00
C ILE B 517 9.31 4.40 -18.00
N ASP B 519 11.39 3.42 -20.43
CA ASP B 519 12.27 3.99 -21.45
C ASP B 519 12.96 5.25 -20.96
N ARG B 520 12.27 6.05 -20.15
CA ARG B 520 12.87 7.25 -19.59
C ARG B 520 13.93 6.96 -18.53
N TRP B 521 13.77 5.85 -17.80
CA TRP B 521 14.78 5.51 -16.82
C TRP B 521 15.94 4.79 -17.48
N THR B 522 15.67 4.13 -18.59
CA THR B 522 16.64 3.31 -19.33
C THR B 522 17.50 4.08 -20.33
N LEU B 523 16.87 4.99 -21.07
CA LEU B 523 17.53 5.59 -22.22
C LEU B 523 18.14 6.97 -22.00
N GLN B 524 17.92 7.57 -20.83
CA GLN B 524 18.52 8.88 -20.52
C GLN B 524 19.40 8.72 -19.28
N GLY B 526 21.30 9.89 -15.77
CA GLY B 526 20.94 10.68 -14.62
C GLY B 526 19.59 10.39 -14.01
N PHE B 527 19.22 11.27 -13.10
CA PHE B 527 17.99 11.16 -12.36
C PHE B 527 17.51 12.56 -12.01
N PRO B 528 16.21 12.71 -11.76
CA PRO B 528 15.68 14.03 -11.42
C PRO B 528 15.92 14.35 -9.96
N VAL B 529 16.05 15.63 -9.64
CA VAL B 529 15.77 16.05 -8.28
C VAL B 529 14.31 16.57 -8.30
N ILE B 530 13.56 16.19 -7.29
CA ILE B 530 12.17 16.56 -7.18
C ILE B 530 12.11 17.57 -6.09
N THR B 531 11.67 18.77 -6.43
CA THR B 531 11.56 19.87 -5.47
C THR B 531 10.11 20.16 -5.07
N VAL B 532 9.87 20.22 -3.77
CA VAL B 532 8.55 20.45 -3.25
C VAL B 532 8.50 21.76 -2.49
N ASP B 533 7.60 22.66 -2.92
CA ASP B 533 7.25 23.83 -2.11
C ASP B 533 6.04 23.47 -1.28
N THR B 534 6.27 23.39 0.01
CA THR B 534 5.33 22.83 0.94
C THR B 534 4.18 23.81 1.29
N LYS B 535 4.37 25.09 1.00
CA LYS B 535 3.33 26.09 1.27
C LYS B 535 2.22 26.03 0.22
N THR B 536 2.61 25.92 -1.04
CA THR B 536 1.65 25.84 -2.14
C THR B 536 1.32 24.43 -2.68
N GLY B 537 2.12 23.43 -2.32
CA GLY B 537 2.01 22.12 -2.93
C GLY B 537 2.54 22.03 -4.35
N ASN B 538 3.40 22.95 -4.75
CA ASN B 538 4.08 22.85 -6.05
C ASN B 538 5.21 21.83 -6.00
N ILE B 539 5.29 21.00 -7.01
CA ILE B 539 6.28 19.97 -7.08
C ILE B 539 6.86 20.03 -8.49
N SER B 540 8.18 19.97 -8.58
CA SER B 540 8.82 20.07 -9.89
C SER B 540 9.98 19.09 -9.99
N GLN B 541 10.44 18.87 -11.21
CA GLN B 541 11.51 17.94 -11.46
C GLN B 541 12.54 18.55 -12.40
N LYS B 542 13.81 18.20 -12.16
CA LYS B 542 14.92 18.73 -12.91
C LYS B 542 16.03 17.67 -12.96
N HIS B 543 16.69 17.56 -14.10
CA HIS B 543 17.86 16.71 -14.22
C HIS B 543 18.90 17.17 -13.17
N PHE B 544 19.33 16.22 -12.33
CA PHE B 544 20.26 16.54 -11.25
C PHE B 544 21.69 16.44 -11.74
N LEU B 545 22.41 17.57 -11.66
CA LEU B 545 23.76 17.66 -12.21
C LEU B 545 24.75 18.33 -11.26
N LEU B 546 26.00 17.89 -11.29
CA LEU B 546 27.11 18.65 -10.72
C LEU B 546 27.64 19.63 -11.77
N ASP B 547 28.16 19.07 -12.87
CA ASP B 547 28.70 19.85 -13.99
C ASP B 547 29.48 21.09 -13.57
N SER B 555 20.14 15.43 -27.60
CA SER B 555 20.75 14.73 -26.46
C SER B 555 19.68 14.20 -25.49
N SER B 556 19.01 13.10 -25.84
CA SER B 556 17.94 12.58 -24.99
C SER B 556 16.93 13.69 -24.81
N ALA B 557 16.08 13.99 -25.81
CA ALA B 557 15.25 13.11 -26.65
C ALA B 557 13.99 12.73 -25.85
N PHE B 558 14.13 12.65 -24.52
CA PHE B 558 13.03 12.72 -23.58
C PHE B 558 13.06 14.06 -22.83
N ASP B 559 14.07 14.87 -23.13
CA ASP B 559 14.28 16.18 -22.51
C ASP B 559 14.58 16.18 -21.01
N TYR B 560 15.09 15.07 -20.50
CA TYR B 560 15.38 14.96 -19.09
C TYR B 560 14.13 15.25 -18.24
N LEU B 561 13.05 14.58 -18.64
CA LEU B 561 11.85 14.53 -17.85
C LEU B 561 11.53 13.07 -17.65
N TRP B 562 11.10 12.73 -16.44
CA TRP B 562 10.81 11.36 -16.12
C TRP B 562 9.37 11.25 -15.66
N ILE B 563 8.82 10.04 -15.71
CA ILE B 563 7.54 9.74 -15.08
C ILE B 563 7.88 9.07 -13.75
N VAL B 564 7.53 9.75 -12.66
CA VAL B 564 8.06 9.40 -11.34
C VAL B 564 6.98 8.98 -10.35
N PRO B 565 7.04 7.73 -9.88
CA PRO B 565 6.13 7.32 -8.79
C PRO B 565 6.55 7.97 -7.48
N ILE B 566 5.62 8.57 -6.75
CA ILE B 566 6.00 9.28 -5.55
C ILE B 566 5.21 8.91 -4.30
N SER B 567 5.86 8.25 -3.36
CA SER B 567 5.30 8.02 -2.02
C SER B 567 5.50 9.25 -1.15
N SER B 568 4.67 9.39 -0.13
CA SER B 568 4.90 10.44 0.83
C SER B 568 4.36 10.08 2.19
N ILE B 569 4.81 10.83 3.19
CA ILE B 569 4.44 10.60 4.55
C ILE B 569 4.20 11.99 5.13
N LYS B 570 3.16 12.13 5.94
CA LYS B 570 2.79 13.43 6.51
C LYS B 570 2.71 13.31 8.02
N ASN B 571 3.62 13.95 8.74
CA ASN B 571 3.70 13.78 10.20
C ASN B 571 3.77 12.30 10.54
N GLY B 572 4.35 11.51 9.65
CA GLY B 572 4.60 10.12 9.92
C GLY B 572 3.59 9.14 9.37
N VAL B 573 2.46 9.63 8.85
CA VAL B 573 1.47 8.72 8.29
C VAL B 573 1.38 8.73 6.76
N GLN B 575 0.40 8.64 2.91
CA GLN B 575 -0.61 9.31 2.10
C GLN B 575 -0.85 8.50 0.84
N ASP B 576 -1.80 8.93 0.03
CA ASP B 576 -2.04 8.32 -1.27
C ASP B 576 -0.79 8.40 -2.12
N HIS B 577 -0.56 7.37 -2.91
CA HIS B 577 0.55 7.36 -3.83
C HIS B 577 0.25 8.43 -4.84
N TYR B 578 1.29 8.91 -5.53
CA TYR B 578 1.12 9.93 -6.54
C TYR B 578 2.06 9.62 -7.69
N TRP B 579 1.67 9.98 -8.90
CA TRP B 579 2.53 9.84 -10.07
C TRP B 579 2.80 11.22 -10.65
N LEU B 580 4.07 11.62 -10.69
CA LEU B 580 4.45 12.82 -11.42
C LEU B 580 4.66 12.43 -12.86
N ARG B 581 3.89 13.02 -13.77
CA ARG B 581 4.03 12.67 -15.19
C ARG B 581 5.24 13.38 -15.79
N ASP B 582 5.47 13.26 -17.09
CA ASP B 582 6.69 13.87 -17.60
C ASP B 582 6.34 15.31 -17.96
N VAL B 583 6.61 16.16 -17.00
CA VAL B 583 6.12 17.51 -16.96
C VAL B 583 7.10 18.17 -16.00
N SER B 584 7.47 19.42 -16.21
CA SER B 584 8.50 19.97 -15.34
C SER B 584 7.91 20.37 -13.99
N GLN B 585 6.62 20.62 -13.97
CA GLN B 585 5.96 20.97 -12.71
C GLN B 585 4.47 20.68 -12.64
N ALA B 586 4.00 20.44 -11.42
CA ALA B 586 2.61 20.14 -11.15
C ALA B 586 2.28 20.62 -9.76
N GLN B 587 1.02 20.47 -9.36
CA GLN B 587 0.65 20.83 -8.00
C GLN B 587 -0.36 19.84 -7.46
N ASN B 588 -0.22 19.51 -6.20
CA ASN B 588 -1.18 18.64 -5.56
C ASN B 588 -1.21 18.90 -4.06
N ASP B 589 -2.39 18.76 -3.47
CA ASP B 589 -2.53 19.05 -2.04
C ASP B 589 -1.86 18.02 -1.12
N LEU B 590 -1.50 16.87 -1.68
CA LEU B 590 -0.64 15.92 -0.97
C LEU B 590 0.63 16.60 -0.44
N PHE B 591 1.14 17.55 -1.21
CA PHE B 591 2.41 18.21 -0.93
C PHE B 591 2.25 19.57 -0.25
N LYS B 592 1.02 19.91 0.10
CA LYS B 592 0.75 21.14 0.83
C LYS B 592 0.61 20.86 2.34
N THR B 593 1.38 21.56 3.16
CA THR B 593 1.30 21.41 4.60
C THR B 593 0.82 22.71 5.22
N ALA B 594 0.16 22.60 6.37
CA ALA B 594 -0.22 23.78 7.13
C ALA B 594 0.46 23.76 8.49
N SER B 595 0.67 24.94 9.06
CA SER B 595 1.18 25.04 10.42
C SER B 595 2.50 24.28 10.58
N ASP B 596 2.48 23.37 11.55
CA ASP B 596 3.68 22.63 11.95
C ASP B 596 3.83 21.27 11.26
N ASP B 597 2.93 20.95 10.34
CA ASP B 597 3.03 19.68 9.65
C ASP B 597 4.30 19.61 8.82
N TRP B 598 4.74 18.38 8.53
CA TRP B 598 5.82 18.18 7.59
C TRP B 598 5.47 17.02 6.68
N VAL B 599 6.09 17.02 5.51
CA VAL B 599 5.93 15.93 4.59
C VAL B 599 7.32 15.40 4.15
N LEU B 600 7.38 14.11 3.84
CA LEU B 600 8.59 13.50 3.28
C LEU B 600 8.18 12.69 2.07
N LEU B 601 8.97 12.76 1.01
CA LEU B 601 8.65 12.05 -0.21
C LEU B 601 9.58 10.86 -0.34
N ASN B 602 9.13 9.87 -1.10
CA ASN B 602 9.97 8.72 -1.41
C ASN B 602 10.27 7.87 -0.18
N VAL B 603 9.20 7.42 0.47
CA VAL B 603 9.31 6.51 1.58
C VAL B 603 10.16 5.27 1.26
N ASN B 604 11.13 5.02 2.12
CA ASN B 604 12.07 3.91 1.95
C ASN B 604 12.86 4.03 0.66
N VAL B 605 12.95 5.26 0.16
CA VAL B 605 13.80 5.58 -0.99
C VAL B 605 13.64 4.55 -2.08
N THR B 606 12.38 4.28 -2.37
CA THR B 606 11.95 3.31 -3.33
C THR B 606 12.19 3.77 -4.78
N GLY B 607 12.01 5.06 -5.05
CA GLY B 607 12.26 5.63 -6.36
C GLY B 607 13.71 6.07 -6.54
N TYR B 608 14.18 6.16 -7.78
CA TYR B 608 15.58 6.58 -7.96
C TYR B 608 15.56 8.06 -8.31
N PHE B 609 15.72 8.88 -7.28
CA PHE B 609 15.66 10.33 -7.46
C PHE B 609 15.88 10.92 -6.08
N GLN B 610 16.16 12.22 -6.03
CA GLN B 610 16.41 12.87 -4.76
C GLN B 610 15.39 13.98 -4.54
N VAL B 611 15.18 14.32 -3.28
CA VAL B 611 14.15 15.28 -2.94
C VAL B 611 14.72 16.48 -2.22
N ASN B 612 14.33 17.67 -2.68
CA ASN B 612 14.64 18.89 -1.96
C ASN B 612 13.35 19.59 -1.53
N TYR B 613 13.36 20.15 -0.33
CA TYR B 613 12.19 20.85 0.19
C TYR B 613 12.47 22.34 0.31
N ASP B 614 11.46 23.12 0.66
CA ASP B 614 11.68 24.49 1.08
C ASP B 614 12.24 24.49 2.50
N GLU B 615 12.89 25.58 2.87
CA GLU B 615 13.53 25.72 4.17
C GLU B 615 12.62 25.29 5.31
N ASP B 616 11.36 25.74 5.28
CA ASP B 616 10.51 25.54 6.44
C ASP B 616 10.24 24.05 6.66
N ASN B 617 10.00 23.31 5.59
CA ASN B 617 9.81 21.88 5.75
C ASN B 617 11.07 21.22 6.30
N TRP B 618 12.23 21.59 5.75
CA TRP B 618 13.52 21.12 6.26
C TRP B 618 13.66 21.36 7.76
N ARG B 619 13.20 22.52 8.24
CA ARG B 619 13.27 22.81 9.66
C ARG B 619 12.37 21.92 10.49
N ILE B 621 11.37 18.90 9.59
CA ILE B 621 12.04 17.60 9.66
C ILE B 621 13.07 17.62 10.79
N GLN B 622 13.89 18.67 10.79
CA GLN B 622 14.95 18.78 11.79
C GLN B 622 14.38 18.77 13.20
N HIS B 623 13.36 19.58 13.42
CA HIS B 623 12.72 19.63 14.73
C HIS B 623 12.17 18.25 15.11
N GLN B 624 11.63 17.53 14.14
CA GLN B 624 11.10 16.19 14.38
C GLN B 624 12.20 15.21 14.80
N LEU B 625 13.35 15.31 14.13
CA LEU B 625 14.49 14.47 14.46
C LEU B 625 15.00 14.73 15.87
N GLN B 626 14.82 15.95 16.35
CA GLN B 626 15.23 16.29 17.71
C GLN B 626 14.21 15.80 18.73
N THR B 627 12.94 15.92 18.38
CA THR B 627 11.84 15.57 19.26
C THR B 627 11.62 14.05 19.40
N ASN B 628 11.12 13.40 18.34
CA ASN B 628 11.08 11.95 18.30
C ASN B 628 11.54 11.49 16.93
N LEU B 629 12.70 10.86 16.86
CA LEU B 629 13.23 10.54 15.56
C LEU B 629 12.51 9.32 14.99
N SER B 630 11.86 8.56 15.86
CA SER B 630 11.14 7.34 15.46
C SER B 630 9.94 7.56 14.50
N VAL B 631 9.34 8.73 14.58
CA VAL B 631 8.22 9.06 13.71
C VAL B 631 8.61 8.91 12.23
N ILE B 632 9.88 9.12 11.93
CA ILE B 632 10.38 8.99 10.56
C ILE B 632 10.99 7.61 10.32
N PRO B 633 10.59 6.94 9.24
CA PRO B 633 11.13 5.60 8.96
C PRO B 633 12.65 5.64 8.88
N VAL B 634 13.30 4.64 9.47
CA VAL B 634 14.76 4.67 9.60
C VAL B 634 15.46 4.92 8.26
N ILE B 635 14.95 4.33 7.19
CA ILE B 635 15.59 4.54 5.89
C ILE B 635 15.47 6.00 5.43
N ASN B 636 14.33 6.63 5.69
CA ASN B 636 14.20 8.04 5.32
C ASN B 636 15.04 8.99 6.20
N ARG B 637 15.31 8.60 7.43
CA ARG B 637 16.27 9.32 8.24
C ARG B 637 17.62 9.36 7.52
N ALA B 638 18.01 8.22 6.94
CA ALA B 638 19.24 8.15 6.15
C ALA B 638 19.13 9.05 4.92
N GLN B 639 17.96 9.04 4.30
CA GLN B 639 17.79 9.79 3.07
C GLN B 639 17.91 11.31 3.28
N VAL B 640 17.39 11.83 4.38
CA VAL B 640 17.46 13.25 4.60
C VAL B 640 18.93 13.64 4.67
N ILE B 641 19.76 12.75 5.20
CA ILE B 641 21.20 12.96 5.21
C ILE B 641 21.84 12.86 3.81
N TYR B 642 21.61 11.76 3.12
CA TYR B 642 22.20 11.59 1.79
C TYR B 642 21.81 12.74 0.86
N ASP B 643 20.52 13.06 0.82
CA ASP B 643 20.04 14.07 -0.11
C ASP B 643 20.54 15.47 0.26
N SER B 644 20.53 15.82 1.53
CA SER B 644 21.16 17.04 2.04
C SER B 644 22.56 17.24 1.44
N PHE B 645 23.43 16.26 1.71
CA PHE B 645 24.81 16.34 1.33
C PHE B 645 24.98 16.35 -0.18
N ASN B 646 24.20 15.54 -0.88
CA ASN B 646 24.28 15.54 -2.33
C ASN B 646 23.82 16.87 -2.90
N LEU B 647 22.76 17.43 -2.33
CA LEU B 647 22.32 18.76 -2.75
C LEU B 647 23.40 19.81 -2.45
N ALA B 648 24.02 19.72 -1.27
CA ALA B 648 25.05 20.70 -0.92
C ALA B 648 26.27 20.57 -1.83
N THR B 649 26.58 19.33 -2.20
CA THR B 649 27.69 19.04 -3.08
C THR B 649 27.45 19.62 -4.48
N ALA B 650 26.20 19.63 -4.89
CA ALA B 650 25.82 20.13 -6.21
C ALA B 650 25.47 21.62 -6.14
N HIS B 651 25.72 22.22 -4.99
CA HIS B 651 25.59 23.66 -4.84
C HIS B 651 24.13 24.10 -5.00
N VAL B 653 21.79 23.70 -2.28
CA VAL B 653 21.33 24.19 -0.98
C VAL B 653 22.58 24.59 -0.22
N PRO B 654 22.46 25.53 0.72
CA PRO B 654 23.62 25.90 1.54
C PRO B 654 24.19 24.66 2.24
N VAL B 655 25.50 24.60 2.41
CA VAL B 655 26.14 23.42 2.94
C VAL B 655 25.82 23.23 4.42
N THR B 656 25.38 24.31 5.07
CA THR B 656 24.95 24.26 6.46
C THR B 656 23.66 23.46 6.68
N LEU B 657 22.81 23.38 5.66
CA LEU B 657 21.65 22.49 5.74
C LEU B 657 22.11 21.06 5.98
N ALA B 658 23.02 20.57 5.14
CA ALA B 658 23.58 19.24 5.31
C ALA B 658 24.16 19.04 6.70
N LEU B 659 24.99 19.99 7.13
CA LEU B 659 25.61 19.84 8.43
C LEU B 659 24.57 19.83 9.55
N ASP B 660 23.61 20.75 9.50
CA ASP B 660 22.53 20.74 10.49
C ASP B 660 21.77 19.38 10.54
N ASN B 661 21.54 18.75 9.38
CA ASN B 661 20.87 17.45 9.36
C ASN B 661 21.69 16.35 10.03
N THR B 662 22.89 16.72 10.42
CA THR B 662 23.80 15.82 11.08
C THR B 662 23.70 15.94 12.63
N LEU B 663 23.02 16.96 13.10
CA LEU B 663 22.96 17.23 14.53
C LEU B 663 22.26 16.16 15.39
N PHE B 664 21.22 15.52 14.86
CA PHE B 664 20.46 14.55 15.63
C PHE B 664 21.19 13.22 15.87
N LEU B 665 22.21 12.93 15.05
CA LEU B 665 22.93 11.64 15.11
C LEU B 665 23.44 11.40 16.52
N ASN B 666 23.47 12.49 17.26
CA ASN B 666 23.67 12.56 18.69
C ASN B 666 22.94 11.38 19.35
N GLY B 667 21.63 11.29 19.17
CA GLY B 667 20.83 10.23 19.78
C GLY B 667 20.39 9.10 18.87
N GLU B 668 21.10 8.90 17.76
CA GLU B 668 20.75 7.86 16.81
C GLU B 668 21.61 6.61 17.05
N LYS B 669 20.96 5.48 17.34
CA LYS B 669 21.69 4.23 17.43
C LYS B 669 21.54 3.31 16.21
N GLU B 670 20.73 3.69 15.24
CA GLU B 670 20.52 2.80 14.10
C GLU B 670 21.63 2.87 13.05
N TYR B 671 21.89 1.74 12.42
CA TYR B 671 22.96 1.61 11.44
C TYR B 671 22.87 2.66 10.33
N PRO B 673 21.29 5.66 9.25
CA PRO B 673 21.53 7.11 9.24
C PRO B 673 23.00 7.43 9.54
N TRP B 674 23.63 6.68 10.43
CA TRP B 674 25.07 6.83 10.63
C TRP B 674 25.83 6.50 9.36
N GLN B 675 25.45 5.44 8.69
CA GLN B 675 26.14 5.05 7.46
C GLN B 675 26.01 6.18 6.47
N ALA B 676 24.83 6.79 6.44
CA ALA B 676 24.60 7.88 5.49
C ALA B 676 25.54 9.03 5.79
N ALA B 677 25.70 9.35 7.07
CA ALA B 677 26.56 10.47 7.46
C ALA B 677 28.00 10.13 7.12
N LEU B 678 28.43 8.93 7.48
CA LEU B 678 29.80 8.52 7.27
C LEU B 678 30.25 8.63 5.82
N SER B 679 29.45 8.12 4.90
CA SER B 679 29.87 8.18 3.52
C SER B 679 29.68 9.57 2.93
N SER B 680 28.73 10.33 3.46
CA SER B 680 28.55 11.71 3.01
C SER B 680 29.73 12.55 3.44
N LEU B 681 30.10 12.42 4.70
CA LEU B 681 31.22 13.18 5.24
C LEU B 681 32.53 12.67 4.65
N SER B 682 32.52 11.43 4.19
CA SER B 682 33.68 10.86 3.54
C SER B 682 34.17 11.80 2.44
N TYR B 683 33.24 12.46 1.76
CA TYR B 683 33.63 13.41 0.72
C TYR B 683 34.30 14.64 1.32
N PHE B 684 33.80 15.09 2.46
CA PHE B 684 34.40 16.24 3.13
C PHE B 684 35.79 15.85 3.56
N SER B 685 35.93 14.61 4.01
CA SER B 685 37.21 14.11 4.41
C SER B 685 38.19 14.19 3.24
N LEU B 686 37.75 13.76 2.07
CA LEU B 686 38.59 13.79 0.89
C LEU B 686 38.97 15.22 0.50
N PHE B 688 38.78 17.98 2.64
CA PHE B 688 39.35 18.73 3.74
C PHE B 688 40.46 18.13 4.62
N ASP B 689 40.80 16.86 4.45
CA ASP B 689 41.69 16.23 5.44
C ASP B 689 43.15 16.72 5.34
N ARG B 690 43.43 17.48 4.30
CA ARG B 690 44.69 18.21 4.17
C ARG B 690 44.61 19.73 4.50
N SER B 691 43.47 20.18 5.05
CA SER B 691 43.22 21.60 5.29
C SER B 691 42.91 21.91 6.76
N GLU B 692 42.67 23.19 7.05
CA GLU B 692 42.34 23.59 8.43
C GLU B 692 40.93 23.17 8.87
N VAL B 693 40.10 22.75 7.93
CA VAL B 693 38.78 22.27 8.30
C VAL B 693 38.92 21.02 9.14
N TYR B 694 39.94 20.22 8.82
CA TYR B 694 40.09 18.90 9.40
C TYR B 694 40.03 18.82 10.91
N GLY B 695 40.75 19.71 11.59
CA GLY B 695 40.80 19.66 13.04
C GLY B 695 39.42 19.77 13.67
N PRO B 696 38.71 20.87 13.37
CA PRO B 696 37.35 21.07 13.89
C PRO B 696 36.42 19.93 13.48
N LYS B 698 37.02 16.67 12.82
CA LYS B 698 37.22 15.51 13.70
C LYS B 698 36.68 15.75 15.11
N LYS B 699 36.78 16.99 15.58
CA LYS B 699 36.35 17.30 16.93
C LYS B 699 34.83 17.16 17.00
N TYR B 700 34.17 17.58 15.94
CA TYR B 700 32.73 17.47 15.86
C TYR B 700 32.27 16.01 15.85
N LEU B 701 32.89 15.18 15.02
CA LEU B 701 32.53 13.77 14.93
C LEU B 701 32.76 13.06 16.26
N ARG B 702 33.83 13.42 16.95
CA ARG B 702 34.08 12.89 18.30
C ARG B 702 32.89 13.22 19.19
N LYS B 703 32.48 14.47 19.16
CA LYS B 703 31.36 14.94 19.95
C LYS B 703 30.11 14.10 19.65
N GLN B 704 29.81 13.95 18.36
CA GLN B 704 28.60 13.25 17.96
C GLN B 704 28.65 11.75 18.25
N VAL B 705 29.82 11.16 18.03
CA VAL B 705 29.96 9.71 18.08
C VAL B 705 30.05 9.17 19.49
N GLU B 706 30.51 9.99 20.40
CA GLU B 706 30.83 9.51 21.73
C GLU B 706 29.68 8.78 22.43
N PRO B 707 28.47 9.35 22.41
CA PRO B 707 27.36 8.68 23.11
C PRO B 707 27.01 7.34 22.50
N LEU B 708 27.09 7.24 21.18
CA LEU B 708 26.88 5.97 20.51
C LEU B 708 27.96 4.94 20.91
N PHE B 709 29.19 5.42 21.09
CA PHE B 709 30.30 4.56 21.48
C PHE B 709 30.11 4.06 22.90
N GLN B 710 29.67 4.95 23.79
CA GLN B 710 29.37 4.56 25.16
C GLN B 710 28.20 3.59 25.18
N HIS B 711 27.20 3.85 24.37
CA HIS B 711 26.04 2.99 24.30
C HIS B 711 26.48 1.56 24.06
N PHE B 712 27.35 1.36 23.09
CA PHE B 712 27.78 0.02 22.74
C PHE B 712 28.71 -0.61 23.77
N GLU B 713 29.57 0.21 24.37
CA GLU B 713 30.44 -0.25 25.44
C GLU B 713 29.58 -0.94 26.51
N THR B 714 28.51 -0.27 26.89
CA THR B 714 27.59 -0.85 27.87
C THR B 714 26.85 -2.09 27.35
N LEU B 715 26.14 -1.94 26.25
CA LEU B 715 25.31 -3.00 25.71
C LEU B 715 26.14 -4.24 25.46
N THR B 716 27.39 -4.00 25.16
CA THR B 716 28.27 -5.04 24.67
C THR B 716 29.10 -5.64 25.81
N LYS B 717 28.92 -5.10 27.01
CA LYS B 717 29.61 -5.58 28.21
C LYS B 717 31.13 -5.58 28.11
N ASN B 718 31.71 -4.38 28.08
CA ASN B 718 33.13 -4.21 27.79
C ASN B 718 33.58 -4.99 26.56
N TRP B 719 32.79 -4.89 25.51
CA TRP B 719 33.11 -5.44 24.19
C TRP B 719 33.25 -6.95 24.17
N THR B 720 32.65 -7.61 25.16
CA THR B 720 32.68 -9.08 25.19
C THR B 720 31.57 -9.69 24.35
N GLU B 721 30.36 -9.13 24.42
CA GLU B 721 29.20 -9.69 23.73
C GLU B 721 28.85 -8.92 22.46
N ARG B 722 28.51 -9.64 21.40
CA ARG B 722 28.11 -9.01 20.15
C ARG B 722 26.59 -8.81 20.10
N PRO B 723 26.13 -7.64 19.59
CA PRO B 723 24.69 -7.40 19.42
C PRO B 723 24.03 -8.51 18.62
N GLU B 724 22.74 -8.70 18.85
CA GLU B 724 22.01 -9.83 18.30
C GLU B 724 21.81 -9.78 16.79
N ASN B 725 21.13 -8.75 16.31
CA ASN B 725 20.82 -8.62 14.88
C ASN B 725 21.94 -8.01 14.04
N LEU B 726 21.94 -8.31 12.76
CA LEU B 726 22.95 -7.83 11.84
C LEU B 726 23.05 -6.30 11.83
N ASP B 728 22.34 -4.03 13.98
CA ASP B 728 23.01 -3.50 15.15
C ASP B 728 24.51 -3.82 15.21
N GLN B 729 24.87 -5.03 14.81
CA GLN B 729 26.28 -5.37 14.62
C GLN B 729 26.96 -4.37 13.66
N TYR B 730 26.30 -4.05 12.55
CA TYR B 730 26.84 -3.10 11.60
C TYR B 730 26.99 -1.74 12.26
N SER B 731 26.00 -1.39 13.05
CA SER B 731 26.04 -0.12 13.73
C SER B 731 27.20 -0.07 14.73
N GLU B 732 27.49 -1.20 15.39
CA GLU B 732 28.58 -1.22 16.35
C GLU B 732 29.93 -1.03 15.64
N ILE B 733 30.10 -1.69 14.50
CA ILE B 733 31.31 -1.56 13.70
C ILE B 733 31.55 -0.13 13.19
N ASN B 734 30.52 0.51 12.68
CA ASN B 734 30.66 1.91 12.27
C ASN B 734 30.99 2.84 13.45
N ALA B 735 30.42 2.54 14.62
CA ALA B 735 30.63 3.33 15.82
C ALA B 735 32.09 3.33 16.24
N ILE B 736 32.67 2.15 16.40
CA ILE B 736 34.07 2.00 16.78
C ILE B 736 34.99 2.59 15.73
N SER B 737 34.76 2.22 14.48
CA SER B 737 35.53 2.75 13.37
C SER B 737 35.53 4.28 13.36
N THR B 738 34.37 4.89 13.57
CA THR B 738 34.29 6.33 13.55
C THR B 738 35.01 6.92 14.75
N ALA B 739 34.81 6.33 15.92
CA ALA B 739 35.41 6.83 17.13
C ALA B 739 36.93 6.85 17.00
N CYS B 740 37.52 5.78 16.46
CA CYS B 740 38.97 5.68 16.39
C CYS B 740 39.55 6.61 15.32
N SER B 741 38.94 6.61 14.13
CA SER B 741 39.39 7.48 13.04
C SER B 741 39.43 8.93 13.49
N ASN B 742 38.53 9.29 14.39
CA ASN B 742 38.42 10.67 14.84
C ASN B 742 39.09 11.01 16.17
N GLY B 743 39.73 10.03 16.79
CA GLY B 743 40.58 10.32 17.94
C GLY B 743 39.91 10.25 19.30
N LEU B 744 38.78 9.56 19.38
CA LEU B 744 38.18 9.30 20.67
C LEU B 744 39.21 8.57 21.50
N PRO B 745 39.63 9.17 22.62
CA PRO B 745 40.69 8.56 23.43
C PRO B 745 40.35 7.16 23.94
N GLN B 746 39.11 6.93 24.33
CA GLN B 746 38.69 5.63 24.83
C GLN B 746 38.89 4.56 23.77
N CYS B 747 38.58 4.91 22.52
CA CYS B 747 38.72 3.97 21.43
C CYS B 747 40.18 3.66 21.11
N GLU B 748 41.01 4.69 21.07
CA GLU B 748 42.42 4.50 20.77
C GLU B 748 43.10 3.67 21.84
N ASN B 749 42.70 3.90 23.09
CA ASN B 749 43.22 3.10 24.20
C ASN B 749 42.85 1.63 24.04
N LEU B 750 41.58 1.39 23.76
CA LEU B 750 41.08 0.05 23.50
C LEU B 750 41.91 -0.68 22.44
N ALA B 751 42.14 -0.02 21.30
CA ALA B 751 42.89 -0.63 20.21
C ALA B 751 44.32 -0.97 20.61
N LYS B 752 44.99 -0.04 21.27
CA LYS B 752 46.37 -0.26 21.68
C LYS B 752 46.48 -1.45 22.64
N THR B 753 45.62 -1.46 23.65
CA THR B 753 45.63 -2.50 24.66
C THR B 753 45.40 -3.86 24.04
N LEU B 754 44.39 -3.95 23.18
CA LEU B 754 44.05 -5.21 22.53
C LEU B 754 45.14 -5.70 21.57
N PHE B 755 45.70 -4.79 20.80
CA PHE B 755 46.71 -5.20 19.84
C PHE B 755 47.97 -5.61 20.59
N ASP B 756 48.30 -4.87 21.64
CA ASP B 756 49.45 -5.21 22.49
C ASP B 756 49.30 -6.57 23.13
N GLN B 757 48.07 -6.89 23.56
CA GLN B 757 47.81 -8.20 24.12
C GLN B 757 47.98 -9.30 23.09
N TRP B 758 47.63 -8.99 21.85
CA TRP B 758 47.78 -9.95 20.77
C TRP B 758 49.26 -10.24 20.49
N SER B 760 51.92 -10.11 22.38
CA SER B 760 52.58 -10.87 23.42
C SER B 760 52.14 -12.32 23.39
N ASP B 761 51.01 -12.59 22.73
CA ASP B 761 50.56 -13.97 22.52
C ASP B 761 49.91 -14.19 21.15
N PRO B 762 50.75 -14.24 20.09
CA PRO B 762 50.30 -14.29 18.69
C PRO B 762 49.27 -15.38 18.40
N GLU B 763 49.36 -16.49 19.12
CA GLU B 763 48.55 -17.66 18.78
C GLU B 763 47.08 -17.52 19.13
N ASN B 764 46.79 -16.70 20.15
CA ASN B 764 45.41 -16.41 20.51
C ASN B 764 45.07 -14.94 20.30
N ASN B 765 44.29 -14.70 19.24
CA ASN B 765 43.91 -13.35 18.88
C ASN B 765 42.74 -12.93 19.74
N PRO B 766 42.95 -11.95 20.62
CA PRO B 766 41.93 -11.49 21.56
C PRO B 766 40.79 -10.74 20.89
N ILE B 767 40.96 -10.37 19.64
CA ILE B 767 40.08 -9.41 18.99
C ILE B 767 38.94 -10.06 18.19
N HIS B 768 37.71 -9.81 18.59
CA HIS B 768 36.57 -10.33 17.84
C HIS B 768 36.69 -9.87 16.38
N PRO B 769 36.39 -10.79 15.45
CA PRO B 769 36.51 -10.52 14.01
C PRO B 769 35.76 -9.25 13.55
N ASN B 770 34.55 -9.02 14.06
CA ASN B 770 33.86 -7.78 13.70
C ASN B 770 34.71 -6.52 13.96
N LEU B 771 35.53 -6.56 15.00
CA LEU B 771 36.29 -5.38 15.42
C LEU B 771 37.67 -5.28 14.77
N ARG B 772 38.11 -6.34 14.08
CA ARG B 772 39.49 -6.41 13.64
C ARG B 772 39.90 -5.29 12.70
N SER B 773 39.08 -4.97 11.70
CA SER B 773 39.46 -3.92 10.76
C SER B 773 39.85 -2.64 11.49
N THR B 774 39.04 -2.27 12.47
CA THR B 774 39.25 -1.04 13.20
C THR B 774 40.44 -1.14 14.17
N ILE B 775 40.49 -2.22 14.92
CA ILE B 775 41.53 -2.37 15.94
C ILE B 775 42.92 -2.49 15.32
N TYR B 776 43.04 -3.23 14.23
CA TYR B 776 44.32 -3.35 13.54
C TYR B 776 44.76 -1.98 13.03
N CYS B 777 43.83 -1.34 12.32
CA CYS B 777 44.11 -0.05 11.70
C CYS B 777 44.67 0.95 12.72
N ASN B 778 43.96 1.11 13.84
CA ASN B 778 44.32 2.12 14.83
C ASN B 778 45.58 1.77 15.61
N ALA B 779 45.77 0.48 15.87
CA ALA B 779 46.99 0.02 16.56
C ALA B 779 48.23 0.33 15.72
N ILE B 780 48.16 0.01 14.43
CA ILE B 780 49.22 0.33 13.49
C ILE B 780 49.45 1.84 13.41
N ALA B 781 48.37 2.60 13.29
CA ALA B 781 48.47 4.05 13.20
C ALA B 781 49.21 4.66 14.41
N GLN B 782 48.84 4.21 15.62
CA GLN B 782 49.47 4.68 16.87
C GLN B 782 50.91 4.18 17.05
N GLY B 783 51.20 3.01 16.50
CA GLY B 783 52.46 2.34 16.77
C GLY B 783 53.52 2.68 15.73
N GLY B 784 54.33 1.69 15.41
CA GLY B 784 55.53 1.91 14.63
C GLY B 784 55.98 0.60 14.04
N GLN B 785 57.25 0.54 13.64
CA GLN B 785 57.78 -0.63 12.97
C GLN B 785 57.45 -1.95 13.66
N ASP B 786 57.37 -1.95 14.98
CA ASP B 786 57.15 -3.20 15.70
C ASP B 786 55.76 -3.75 15.41
N GLN B 787 54.75 -2.91 15.56
CA GLN B 787 53.40 -3.28 15.20
C GLN B 787 53.34 -3.66 13.73
N TRP B 788 53.97 -2.89 12.86
CA TRP B 788 53.87 -3.14 11.42
C TRP B 788 54.51 -4.47 11.03
N ASP B 789 55.73 -4.70 11.48
CA ASP B 789 56.42 -5.94 11.15
C ASP B 789 55.69 -7.14 11.72
N PHE B 790 55.08 -6.97 12.89
CA PHE B 790 54.31 -8.05 13.46
C PHE B 790 53.12 -8.39 12.56
N ALA B 791 52.33 -7.39 12.20
CA ALA B 791 51.18 -7.57 11.32
C ALA B 791 51.57 -8.16 9.97
N TRP B 792 52.70 -7.71 9.43
CA TRP B 792 53.18 -8.20 8.16
C TRP B 792 53.55 -9.67 8.27
N GLY B 793 54.02 -10.08 9.45
CA GLY B 793 54.41 -11.46 9.66
C GLY B 793 53.15 -12.29 9.70
N GLN B 794 52.12 -11.71 10.28
CA GLN B 794 50.83 -12.38 10.36
C GLN B 794 50.24 -12.54 8.96
N LEU B 795 50.34 -11.48 8.15
CA LEU B 795 49.83 -11.52 6.79
C LEU B 795 50.48 -12.61 5.96
N GLN B 796 51.81 -12.67 5.98
CA GLN B 796 52.54 -13.64 5.17
C GLN B 796 52.21 -15.09 5.50
N GLN B 797 51.91 -15.38 6.76
CA GLN B 797 51.58 -16.75 7.15
C GLN B 797 50.06 -17.03 7.25
N ALA B 798 49.23 -16.02 7.00
CA ALA B 798 47.79 -16.16 7.19
C ALA B 798 47.15 -17.19 6.26
N GLN B 799 46.37 -18.10 6.83
CA GLN B 799 45.66 -19.12 6.05
C GLN B 799 44.21 -18.74 5.65
N LEU B 800 43.67 -17.70 6.28
CA LEU B 800 42.30 -17.29 5.98
C LEU B 800 42.36 -15.99 5.19
N VAL B 801 41.70 -15.94 4.03
CA VAL B 801 41.75 -14.73 3.22
C VAL B 801 41.10 -13.53 3.87
N ASN B 802 40.03 -13.76 4.62
CA ASN B 802 39.37 -12.67 5.31
C ASN B 802 40.36 -11.99 6.25
N GLU B 803 41.10 -12.80 6.98
CA GLU B 803 42.10 -12.27 7.91
C GLU B 803 43.17 -11.52 7.12
N ALA B 804 43.65 -12.15 6.06
CA ALA B 804 44.67 -11.53 5.22
C ALA B 804 44.21 -10.18 4.70
N ASP B 805 42.95 -10.10 4.26
CA ASP B 805 42.42 -8.86 3.72
C ASP B 805 42.44 -7.74 4.75
N LYS B 806 42.14 -8.09 6.00
CA LYS B 806 42.07 -7.11 7.08
C LYS B 806 43.46 -6.60 7.44
N LEU B 807 44.45 -7.47 7.35
CA LEU B 807 45.82 -7.11 7.61
C LEU B 807 46.33 -6.20 6.49
N ARG B 808 46.06 -6.59 5.25
CA ARG B 808 46.46 -5.78 4.10
C ARG B 808 45.96 -4.34 4.18
N SER B 809 44.72 -4.13 4.61
CA SER B 809 44.22 -2.78 4.77
C SER B 809 44.82 -2.10 5.99
N ALA B 810 45.02 -2.85 7.06
CA ALA B 810 45.52 -2.22 8.28
C ALA B 810 46.94 -1.70 8.08
N LEU B 811 47.77 -2.48 7.37
CA LEU B 811 49.15 -2.09 7.12
C LEU B 811 49.19 -0.78 6.36
N ALA B 812 48.10 -0.39 5.73
CA ALA B 812 48.13 0.85 4.98
C ALA B 812 47.84 2.05 5.87
N CYS B 813 47.67 1.83 7.17
CA CYS B 813 47.34 2.88 8.13
C CYS B 813 48.54 3.46 8.87
N SER B 814 49.74 2.98 8.55
CA SER B 814 50.94 3.53 9.18
C SER B 814 51.08 5.04 8.99
N ASN B 815 51.64 5.70 9.99
CA ASN B 815 52.00 7.12 9.83
C ASN B 815 53.47 7.37 9.47
N GLU B 816 54.23 6.31 9.19
CA GLU B 816 55.61 6.48 8.77
C GLU B 816 55.73 6.35 7.25
N VAL B 817 56.23 7.40 6.61
CA VAL B 817 56.40 7.40 5.18
C VAL B 817 57.21 6.20 4.69
N TRP B 818 58.35 5.93 5.32
CA TRP B 818 59.23 4.86 4.86
C TRP B 818 58.53 3.49 4.91
N LEU B 819 57.72 3.23 5.93
CA LEU B 819 56.90 2.02 5.96
C LEU B 819 55.90 1.92 4.78
N LEU B 820 55.23 3.02 4.45
CA LEU B 820 54.25 3.03 3.36
C LEU B 820 54.90 2.85 2.00
N ASN B 821 56.07 3.45 1.82
CA ASN B 821 56.79 3.37 0.55
C ASN B 821 57.35 1.99 0.34
N ARG B 822 57.78 1.39 1.42
CA ARG B 822 58.29 0.04 1.38
C ARG B 822 57.10 -0.86 0.98
N TYR B 823 55.96 -0.62 1.60
CA TYR B 823 54.73 -1.36 1.32
C TYR B 823 54.35 -1.27 -0.17
N LEU B 824 54.39 -0.06 -0.72
CA LEU B 824 54.15 0.10 -2.16
C LEU B 824 55.10 -0.78 -2.96
N GLY B 825 56.37 -0.82 -2.57
CA GLY B 825 57.32 -1.70 -3.24
C GLY B 825 56.87 -3.15 -3.28
N TYR B 826 56.37 -3.67 -2.15
CA TYR B 826 55.89 -5.05 -2.06
C TYR B 826 54.70 -5.31 -2.99
N THR B 827 53.96 -4.26 -3.26
CA THR B 827 52.76 -4.34 -4.06
C THR B 827 53.01 -4.87 -5.48
N LEU B 828 54.23 -4.69 -5.96
CA LEU B 828 54.60 -5.17 -7.30
C LEU B 828 55.35 -6.51 -7.32
N ASN B 829 55.46 -7.15 -6.16
CA ASN B 829 56.10 -8.44 -6.03
C ASN B 829 55.08 -9.57 -5.78
N PRO B 830 54.82 -10.40 -6.80
CA PRO B 830 53.83 -11.47 -6.74
C PRO B 830 54.06 -12.51 -5.63
N ASP B 831 55.28 -12.60 -5.11
CA ASP B 831 55.58 -13.50 -3.99
C ASP B 831 55.06 -12.97 -2.65
N LEU B 832 54.81 -11.67 -2.61
CA LEU B 832 54.40 -10.95 -1.40
C LEU B 832 52.93 -10.57 -1.45
N ILE B 833 52.55 -9.86 -2.51
CA ILE B 833 51.17 -9.49 -2.74
C ILE B 833 50.75 -10.10 -4.07
N ARG B 834 49.67 -10.88 -4.07
CA ARG B 834 49.16 -11.46 -5.31
C ARG B 834 48.64 -10.34 -6.23
N LYS B 835 48.79 -10.53 -7.54
CA LYS B 835 48.38 -9.52 -8.51
C LYS B 835 46.92 -9.10 -8.33
N GLN B 836 46.08 -10.01 -7.87
CA GLN B 836 44.68 -9.71 -7.65
C GLN B 836 44.45 -8.73 -6.50
N ASP B 837 45.43 -8.63 -5.60
CA ASP B 837 45.36 -7.70 -4.46
C ASP B 837 46.17 -6.40 -4.61
N ALA B 838 46.90 -6.26 -5.71
CA ALA B 838 47.82 -5.14 -5.87
C ALA B 838 47.08 -3.80 -5.88
N THR B 839 46.07 -3.72 -6.73
CA THR B 839 45.25 -2.54 -6.93
C THR B 839 44.56 -2.04 -5.65
N SER B 840 43.93 -2.94 -4.92
CA SER B 840 43.21 -2.52 -3.73
C SER B 840 44.18 -2.13 -2.63
N THR B 841 45.36 -2.76 -2.61
CA THR B 841 46.41 -2.40 -1.68
C THR B 841 46.94 -0.99 -1.92
N ILE B 842 47.26 -0.69 -3.17
CA ILE B 842 47.65 0.66 -3.55
C ILE B 842 46.57 1.70 -3.21
N ASN B 843 45.30 1.35 -3.45
CA ASN B 843 44.19 2.23 -3.05
C ASN B 843 44.09 2.47 -1.54
N SER B 844 44.33 1.44 -0.75
CA SER B 844 44.36 1.62 0.69
C SER B 844 45.45 2.60 1.11
N ILE B 845 46.62 2.48 0.48
CA ILE B 845 47.71 3.36 0.83
C ILE B 845 47.36 4.79 0.41
N ALA B 846 46.76 4.94 -0.78
CA ALA B 846 46.33 6.25 -1.26
C ALA B 846 45.33 6.89 -0.31
N SER B 847 44.53 6.07 0.36
CA SER B 847 43.50 6.59 1.24
C SER B 847 44.10 7.21 2.48
N ASN B 848 45.24 6.67 2.89
CA ASN B 848 46.04 7.26 3.95
C ASN B 848 46.53 8.63 3.49
N VAL B 849 46.25 9.67 4.27
CA VAL B 849 46.54 11.04 3.84
C VAL B 849 48.04 11.26 3.61
N ILE B 850 48.84 10.55 4.39
CA ILE B 850 50.30 10.54 4.21
C ILE B 850 50.70 9.63 3.04
N GLY B 851 49.83 8.68 2.70
CA GLY B 851 50.05 7.78 1.58
C GLY B 851 49.66 8.37 0.24
N GLN B 852 48.80 9.38 0.27
CA GLN B 852 48.31 10.01 -0.96
C GLN B 852 49.44 10.34 -1.95
N PRO B 853 50.43 11.17 -1.56
CA PRO B 853 51.48 11.54 -2.52
C PRO B 853 52.45 10.40 -2.87
N LEU B 854 52.65 9.47 -1.95
CA LEU B 854 53.44 8.29 -2.28
C LEU B 854 52.78 7.48 -3.38
N ALA B 855 51.47 7.24 -3.25
CA ALA B 855 50.77 6.38 -4.20
C ALA B 855 50.62 7.06 -5.54
N TRP B 856 50.35 8.36 -5.51
CA TRP B 856 50.25 9.13 -6.73
C TRP B 856 51.57 9.09 -7.51
N ASP B 857 52.69 9.34 -6.83
CA ASP B 857 53.99 9.22 -7.50
C ASP B 857 54.27 7.80 -7.99
N PHE B 858 53.93 6.82 -7.17
CA PHE B 858 54.18 5.42 -7.51
C PHE B 858 53.42 5.03 -8.76
N VAL B 859 52.15 5.41 -8.81
CA VAL B 859 51.31 5.11 -9.96
C VAL B 859 51.81 5.77 -11.23
N GLN B 860 52.21 7.04 -11.13
CA GLN B 860 52.75 7.76 -12.28
C GLN B 860 54.01 7.12 -12.85
N SER B 861 54.98 6.81 -11.98
CA SER B 861 56.26 6.33 -12.48
C SER B 861 56.24 4.84 -12.85
N ASN B 862 55.26 4.11 -12.34
CA ASN B 862 55.12 2.70 -12.66
C ASN B 862 54.07 2.41 -13.72
N TRP B 863 53.51 3.47 -14.27
CA TRP B 863 52.36 3.33 -15.16
C TRP B 863 52.49 2.34 -16.31
N LYS B 864 53.60 2.35 -17.04
CA LYS B 864 53.74 1.42 -18.16
C LYS B 864 53.56 -0.02 -17.72
N LYS B 865 54.31 -0.41 -16.70
CA LYS B 865 54.19 -1.72 -16.08
C LYS B 865 52.75 -1.97 -15.63
N LEU B 866 52.22 -1.04 -14.85
CA LEU B 866 50.87 -1.21 -14.32
C LEU B 866 49.84 -1.37 -15.42
N PHE B 867 50.13 -0.84 -16.60
CA PHE B 867 49.13 -0.85 -17.65
C PHE B 867 49.05 -2.20 -18.35
N GLN B 868 50.19 -2.83 -18.58
CA GLN B 868 50.16 -4.17 -19.17
C GLN B 868 49.51 -5.22 -18.26
N ASP B 869 49.81 -5.20 -16.96
CA ASP B 869 49.29 -6.25 -16.08
C ASP B 869 47.89 -6.01 -15.53
N TYR B 870 47.80 -5.14 -14.52
CA TYR B 870 46.61 -5.03 -13.67
C TYR B 870 45.52 -4.17 -14.31
N SER B 876 39.45 -3.23 -11.90
CA SER B 876 40.49 -2.90 -10.92
C SER B 876 41.35 -1.71 -11.39
N PHE B 877 41.67 -1.70 -12.67
CA PHE B 877 42.44 -0.63 -13.26
C PHE B 877 41.73 0.73 -13.17
N SER B 878 40.42 0.68 -13.38
CA SER B 878 39.61 1.87 -13.34
C SER B 878 39.52 2.33 -11.90
N ASN B 879 39.46 1.35 -10.99
CA ASN B 879 39.43 1.62 -9.57
C ASN B 879 40.73 2.22 -9.05
N LEU B 880 41.82 1.91 -9.73
CA LEU B 880 43.12 2.43 -9.36
C LEU B 880 43.19 3.91 -9.67
N ILE B 881 42.70 4.28 -10.86
CA ILE B 881 42.68 5.66 -11.28
C ILE B 881 41.79 6.48 -10.36
N GLN B 882 40.60 5.96 -10.10
CA GLN B 882 39.62 6.66 -9.28
C GLN B 882 40.13 6.82 -7.87
N GLY B 883 40.68 5.75 -7.31
CA GLY B 883 41.16 5.76 -5.94
C GLY B 883 42.30 6.73 -5.62
N VAL B 884 43.22 6.92 -6.56
CA VAL B 884 44.36 7.78 -6.33
C VAL B 884 44.04 9.25 -6.59
N THR B 885 42.99 9.51 -7.37
CA THR B 885 42.65 10.88 -7.75
C THR B 885 41.51 11.50 -6.96
N ARG B 886 40.93 10.75 -6.02
CA ARG B 886 39.73 11.20 -5.28
C ARG B 886 39.89 12.56 -4.60
N ARG B 887 41.10 12.85 -4.16
CA ARG B 887 41.35 14.05 -3.36
C ARG B 887 41.65 15.33 -4.12
N PHE B 888 41.82 15.29 -5.45
CA PHE B 888 42.35 16.46 -6.15
C PHE B 888 41.30 17.54 -6.10
N SER B 889 41.61 18.60 -5.35
CA SER B 889 40.76 19.79 -5.20
C SER B 889 41.32 21.12 -5.72
N SER B 890 42.50 21.08 -6.32
CA SER B 890 43.15 22.32 -6.69
C SER B 890 43.58 22.29 -8.13
N GLU B 891 43.76 23.48 -8.67
CA GLU B 891 44.28 23.74 -10.00
C GLU B 891 45.58 22.98 -10.26
N PHE B 892 46.46 23.03 -9.27
CA PHE B 892 47.78 22.45 -9.42
C PHE B 892 47.64 20.95 -9.57
N GLU B 893 46.86 20.34 -8.70
CA GLU B 893 46.61 18.92 -8.84
C GLU B 893 45.95 18.62 -10.19
N LEU B 894 44.96 19.42 -10.58
CA LEU B 894 44.33 19.27 -11.88
C LEU B 894 45.34 19.29 -13.03
N GLN B 895 46.27 20.23 -12.99
CA GLN B 895 47.31 20.31 -14.02
C GLN B 895 48.18 19.06 -13.99
N GLN B 896 48.46 18.60 -12.77
CA GLN B 896 49.19 17.36 -12.54
C GLN B 896 48.50 16.20 -13.28
N LEU B 897 47.19 16.11 -13.11
CA LEU B 897 46.38 15.04 -13.71
C LEU B 897 46.37 15.16 -15.23
N GLU B 898 46.20 16.37 -15.71
CA GLU B 898 46.28 16.65 -17.14
C GLU B 898 47.65 16.24 -17.73
N GLN B 899 48.73 16.57 -17.02
CA GLN B 899 50.07 16.22 -17.45
C GLN B 899 50.23 14.71 -17.52
N PHE B 900 49.67 14.02 -16.53
CA PHE B 900 49.78 12.57 -16.43
C PHE B 900 49.17 11.95 -17.66
N LYS B 901 48.02 12.48 -18.05
CA LYS B 901 47.27 11.99 -19.18
C LYS B 901 48.06 12.21 -20.45
N LYS B 902 48.69 13.37 -20.54
CA LYS B 902 49.45 13.75 -21.72
C LYS B 902 50.72 12.92 -21.83
N ASN B 903 51.39 12.70 -20.69
CA ASN B 903 52.63 11.92 -20.68
C ASN B 903 52.40 10.46 -21.10
N ASN B 904 51.26 9.92 -20.71
CA ASN B 904 50.90 8.54 -21.04
C ASN B 904 49.95 8.34 -22.22
N ASP B 906 50.24 7.96 -25.21
CA ASP B 906 50.73 7.04 -26.24
C ASP B 906 50.22 5.63 -25.98
N VAL B 907 50.70 5.02 -24.89
CA VAL B 907 50.11 3.80 -24.38
C VAL B 907 48.88 4.25 -23.61
N GLY B 908 47.70 3.84 -24.05
CA GLY B 908 46.48 4.53 -23.61
C GLY B 908 46.10 4.26 -22.17
N PHE B 909 44.85 4.52 -21.84
CA PHE B 909 44.34 4.17 -20.52
C PHE B 909 43.45 2.94 -20.52
N GLY B 910 43.25 2.37 -21.70
CA GLY B 910 42.53 1.13 -21.84
C GLY B 910 41.15 1.17 -21.25
N SER B 911 40.90 0.27 -20.31
CA SER B 911 39.59 0.14 -19.68
C SER B 911 39.40 1.22 -18.61
N GLY B 912 40.47 1.93 -18.29
CA GLY B 912 40.40 3.00 -17.33
C GLY B 912 40.16 4.35 -17.97
N THR B 913 39.96 4.34 -19.29
CA THR B 913 39.88 5.56 -20.09
C THR B 913 38.78 6.51 -19.64
N ARG B 914 37.57 5.98 -19.46
CA ARG B 914 36.45 6.79 -19.01
C ARG B 914 36.63 7.21 -17.56
N ALA B 915 37.27 6.34 -16.78
CA ALA B 915 37.58 6.66 -15.39
C ALA B 915 38.48 7.89 -15.27
N LEU B 916 39.41 8.02 -16.20
CA LEU B 916 40.33 9.15 -16.23
C LEU B 916 39.57 10.43 -16.55
N GLU B 917 38.64 10.35 -17.50
CA GLU B 917 37.83 11.51 -17.85
C GLU B 917 36.98 11.95 -16.69
N GLN B 918 36.33 11.00 -16.03
CA GLN B 918 35.49 11.33 -14.89
C GLN B 918 36.32 11.90 -13.76
N ALA B 919 37.56 11.42 -13.64
CA ALA B 919 38.50 11.93 -12.66
C ALA B 919 38.75 13.40 -12.90
N LEU B 920 39.01 13.75 -14.16
CA LEU B 920 39.19 15.13 -14.55
C LEU B 920 37.95 15.99 -14.31
N GLU B 921 36.78 15.48 -14.68
CA GLU B 921 35.56 16.28 -14.56
C GLU B 921 35.30 16.58 -13.09
N LYS B 922 35.47 15.55 -12.27
CA LYS B 922 35.20 15.68 -10.84
C LYS B 922 36.21 16.65 -10.18
N THR B 923 37.45 16.56 -10.61
CA THR B 923 38.48 17.43 -10.08
C THR B 923 38.09 18.88 -10.26
N LYS B 924 37.70 19.21 -11.48
CA LYS B 924 37.24 20.54 -11.82
C LYS B 924 36.11 20.98 -10.92
N ALA B 925 35.17 20.06 -10.66
CA ALA B 925 34.03 20.38 -9.81
C ALA B 925 34.47 20.58 -8.35
N ASN B 926 35.40 19.75 -7.89
CA ASN B 926 35.97 19.91 -6.55
C ASN B 926 36.60 21.29 -6.32
N ILE B 927 37.34 21.78 -7.30
CA ILE B 927 38.01 23.06 -7.15
C ILE B 927 37.00 24.15 -6.83
N LYS B 928 36.00 24.27 -7.70
CA LYS B 928 34.91 25.21 -7.52
C LYS B 928 34.20 25.00 -6.18
N TRP B 929 33.87 23.75 -5.85
CA TRP B 929 33.16 23.49 -4.61
C TRP B 929 34.00 23.86 -3.38
N VAL B 930 35.26 23.46 -3.38
CA VAL B 930 36.12 23.70 -2.23
C VAL B 930 36.35 25.19 -1.96
N LYS B 931 36.55 25.99 -3.00
CA LYS B 931 36.72 27.43 -2.77
C LYS B 931 35.44 28.09 -2.24
N GLU B 932 34.28 27.71 -2.77
CA GLU B 932 33.00 28.28 -2.31
C GLU B 932 32.65 27.93 -0.87
N ASN B 933 32.87 26.67 -0.50
CA ASN B 933 32.34 26.20 0.77
C ASN B 933 33.25 26.20 1.99
N LYS B 934 34.55 26.39 1.80
CA LYS B 934 35.46 26.11 2.91
C LYS B 934 35.31 27.03 4.14
N GLU B 935 35.08 28.31 3.93
CA GLU B 935 34.81 29.25 5.03
C GLU B 935 33.61 28.81 5.88
N VAL B 936 32.49 28.59 5.20
CA VAL B 936 31.26 28.20 5.84
C VAL B 936 31.40 26.90 6.62
N VAL B 937 32.04 25.91 5.99
CA VAL B 937 32.17 24.60 6.59
C VAL B 937 33.05 24.70 7.81
N LEU B 938 34.15 25.43 7.66
CA LEU B 938 35.06 25.67 8.76
C LEU B 938 34.37 26.32 9.95
N ASN B 939 33.68 27.43 9.68
CA ASN B 939 32.98 28.15 10.74
C ASN B 939 31.92 27.30 11.41
N TRP B 940 31.22 26.50 10.62
CA TRP B 940 30.18 25.68 11.17
C TRP B 940 30.76 24.68 12.17
N PHE B 941 31.78 23.92 11.76
CA PHE B 941 32.36 22.92 12.64
C PHE B 941 32.92 23.57 13.89
N ILE B 942 33.47 24.77 13.74
CA ILE B 942 34.03 25.46 14.90
C ILE B 942 32.92 25.74 15.93
N GLU B 943 31.86 26.42 15.49
CA GLU B 943 30.71 26.69 16.35
C GLU B 943 30.12 25.45 17.01
N HIS B 944 30.01 24.36 16.23
CA HIS B 944 29.31 23.18 16.73
C HIS B 944 30.20 22.16 17.44
N SER B 945 31.49 22.48 17.62
CA SER B 945 32.36 21.61 18.40
C SER B 945 32.82 22.26 19.72
#